data_6JJG
# 
_entry.id   6JJG 
# 
_audit_conform.dict_name       mmcif_pdbx.dic 
_audit_conform.dict_version    5.380 
_audit_conform.dict_location   http://mmcif.pdb.org/dictionaries/ascii/mmcif_pdbx.dic 
# 
loop_
_database_2.database_id 
_database_2.database_code 
_database_2.pdbx_database_accession 
_database_2.pdbx_DOI 
PDB   6JJG         pdb_00006jjg 10.2210/pdb6jjg/pdb 
WWPDB D_1300011186 ?            ?                   
# 
_pdbx_database_status.status_code                     REL 
_pdbx_database_status.status_code_sf                  REL 
_pdbx_database_status.status_code_mr                  ? 
_pdbx_database_status.entry_id                        6JJG 
_pdbx_database_status.recvd_initial_deposition_date   2019-02-25 
_pdbx_database_status.SG_entry                        N 
_pdbx_database_status.deposit_site                    PDBJ 
_pdbx_database_status.process_site                    PDBJ 
_pdbx_database_status.status_code_cs                  ? 
_pdbx_database_status.methods_development_category    ? 
_pdbx_database_status.pdb_format_compatible           Y 
_pdbx_database_status.status_code_nmr_data            ? 
# 
loop_
_audit_author.name 
_audit_author.pdbx_ordinal 
_audit_author.identifier_ORCID 
'Zhang, Y.S.' 1 0000-0002-4948-6449 
'Wei, D.G.'   2 0000-0001-7776-7320 
# 
_citation.abstract                  ? 
_citation.abstract_id_CAS           ? 
_citation.book_id_ISBN              ? 
_citation.book_publisher            ? 
_citation.book_publisher_city       ? 
_citation.book_title                ? 
_citation.coordinate_linkage        ? 
_citation.country                   ? 
_citation.database_id_Medline       ? 
_citation.details                   ? 
_citation.id                        primary 
_citation.journal_abbrev            'To Be Published' 
_citation.journal_id_ASTM           ? 
_citation.journal_id_CSD            0353 
_citation.journal_id_ISSN           ? 
_citation.journal_full              ? 
_citation.journal_issue             ? 
_citation.journal_volume            ? 
_citation.language                  ? 
_citation.page_first                ? 
_citation.page_last                 ? 
_citation.title                     'Crystal structure of a two-quartet DNA mixed-parallel/antiparallel G-quadruplex' 
_citation.year                      ? 
_citation.database_id_CSD           ? 
_citation.pdbx_database_id_DOI      ? 
_citation.pdbx_database_id_PubMed   ? 
_citation.unpublished_flag          ? 
# 
loop_
_citation_author.citation_id 
_citation_author.name 
_citation_author.ordinal 
_citation_author.identifier_ORCID 
primary 'Zhang, Y.S.'     1 0000-0002-4948-6449 
primary 'Parkinson, G.N.' 2 ?                   
primary 'Wagner, A.'      3 ?                   
primary 'Wei, D.G.'       4 0000-0001-7776-7320 
# 
_cell.angle_alpha                  90.000 
_cell.angle_alpha_esd              ? 
_cell.angle_beta                   110.320 
_cell.angle_beta_esd               ? 
_cell.angle_gamma                  90.000 
_cell.angle_gamma_esd              ? 
_cell.entry_id                     6JJG 
_cell.details                      ? 
_cell.formula_units_Z              ? 
_cell.length_a                     48.654 
_cell.length_a_esd                 ? 
_cell.length_b                     46.807 
_cell.length_b_esd                 ? 
_cell.length_c                     36.843 
_cell.length_c_esd                 ? 
_cell.volume                       ? 
_cell.volume_esd                   ? 
_cell.Z_PDB                        8 
_cell.reciprocal_angle_alpha       ? 
_cell.reciprocal_angle_beta        ? 
_cell.reciprocal_angle_gamma       ? 
_cell.reciprocal_angle_alpha_esd   ? 
_cell.reciprocal_angle_beta_esd    ? 
_cell.reciprocal_angle_gamma_esd   ? 
_cell.reciprocal_length_a          ? 
_cell.reciprocal_length_b          ? 
_cell.reciprocal_length_c          ? 
_cell.reciprocal_length_a_esd      ? 
_cell.reciprocal_length_b_esd      ? 
_cell.reciprocal_length_c_esd      ? 
_cell.pdbx_unique_axis             ? 
# 
_symmetry.entry_id                         6JJG 
_symmetry.cell_setting                     ? 
_symmetry.Int_Tables_number                5 
_symmetry.space_group_name_Hall            ? 
_symmetry.space_group_name_H-M             'C 1 2 1' 
_symmetry.pdbx_full_space_group_name_H-M   ? 
# 
loop_
_entity.id 
_entity.type 
_entity.src_method 
_entity.pdbx_description 
_entity.formula_weight 
_entity.pdbx_number_of_molecules 
_entity.pdbx_ec 
_entity.pdbx_mutation 
_entity.pdbx_fragment 
_entity.details 
1 polymer     syn 
;DNA (5'-D(*GP*GP*CP*TP*CP*GP*GP*CP*GP*GP*CP*GP*GP*A)-3')
;
4362.816 2 ? ? ? ? 
2 non-polymer syn 'POTASSIUM ION'                                            39.098   3 ? ? ? ? 
3 non-polymer syn 'SODIUM ION'                                               22.990   1 ? ? ? ? 
4 water       nat water                                                      18.015   2 ? ? ? ? 
# 
_entity_poly.entity_id                      1 
_entity_poly.type                           polydeoxyribonucleotide 
_entity_poly.nstd_linkage                   no 
_entity_poly.nstd_monomer                   no 
_entity_poly.pdbx_seq_one_letter_code       '(DG)(DG)(DC)(DT)(DC)(DG)(DG)(DC)(DG)(DG)(DC)(DG)(DG)(DA)' 
_entity_poly.pdbx_seq_one_letter_code_can   GGCTCGGCGGCGGA 
_entity_poly.pdbx_strand_id                 A,B 
_entity_poly.pdbx_target_identifier         ? 
# 
loop_
_entity_poly_seq.entity_id 
_entity_poly_seq.num 
_entity_poly_seq.mon_id 
_entity_poly_seq.hetero 
1 1  DG n 
1 2  DG n 
1 3  DC n 
1 4  DT n 
1 5  DC n 
1 6  DG n 
1 7  DG n 
1 8  DC n 
1 9  DG n 
1 10 DG n 
1 11 DC n 
1 12 DG n 
1 13 DG n 
1 14 DA n 
# 
_pdbx_entity_src_syn.entity_id              1 
_pdbx_entity_src_syn.pdbx_src_id            1 
_pdbx_entity_src_syn.pdbx_alt_source_flag   sample 
_pdbx_entity_src_syn.pdbx_beg_seq_num       1 
_pdbx_entity_src_syn.pdbx_end_seq_num       14 
_pdbx_entity_src_syn.organism_scientific    'Pseudorabies virus Ea' 
_pdbx_entity_src_syn.organism_common_name   ? 
_pdbx_entity_src_syn.ncbi_taxonomy_id       101947 
_pdbx_entity_src_syn.details                ? 
# 
_struct_ref.id                         1 
_struct_ref.db_name                    PDB 
_struct_ref.db_code                    6JJG 
_struct_ref.pdbx_db_accession          6JJG 
_struct_ref.pdbx_db_isoform            ? 
_struct_ref.entity_id                  1 
_struct_ref.pdbx_seq_one_letter_code   ? 
_struct_ref.pdbx_align_begin           1 
# 
loop_
_struct_ref_seq.align_id 
_struct_ref_seq.ref_id 
_struct_ref_seq.pdbx_PDB_id_code 
_struct_ref_seq.pdbx_strand_id 
_struct_ref_seq.seq_align_beg 
_struct_ref_seq.pdbx_seq_align_beg_ins_code 
_struct_ref_seq.seq_align_end 
_struct_ref_seq.pdbx_seq_align_end_ins_code 
_struct_ref_seq.pdbx_db_accession 
_struct_ref_seq.db_align_beg 
_struct_ref_seq.pdbx_db_align_beg_ins_code 
_struct_ref_seq.db_align_end 
_struct_ref_seq.pdbx_db_align_end_ins_code 
_struct_ref_seq.pdbx_auth_seq_align_beg 
_struct_ref_seq.pdbx_auth_seq_align_end 
1 1 6JJG A 1 ? 14 ? 6JJG 1 ? 14 ? 1 14 
2 1 6JJG B 1 ? 14 ? 6JJG 1 ? 14 ? 1 14 
# 
loop_
_chem_comp.id 
_chem_comp.type 
_chem_comp.mon_nstd_flag 
_chem_comp.name 
_chem_comp.pdbx_synonyms 
_chem_comp.formula 
_chem_comp.formula_weight 
DA  'DNA linking' y "2'-DEOXYADENOSINE-5'-MONOPHOSPHATE" ? 'C10 H14 N5 O6 P' 331.222 
DC  'DNA linking' y "2'-DEOXYCYTIDINE-5'-MONOPHOSPHATE"  ? 'C9 H14 N3 O7 P'  307.197 
DG  'DNA linking' y "2'-DEOXYGUANOSINE-5'-MONOPHOSPHATE" ? 'C10 H14 N5 O7 P' 347.221 
DT  'DNA linking' y "THYMIDINE-5'-MONOPHOSPHATE"         ? 'C10 H15 N2 O8 P' 322.208 
HOH non-polymer   . WATER                                ? 'H2 O'            18.015  
K   non-polymer   . 'POTASSIUM ION'                      ? 'K 1'             39.098  
NA  non-polymer   . 'SODIUM ION'                         ? 'Na 1'            22.990  
# 
_exptl.absorpt_coefficient_mu     ? 
_exptl.absorpt_correction_T_max   ? 
_exptl.absorpt_correction_T_min   ? 
_exptl.absorpt_correction_type    ? 
_exptl.absorpt_process_details    ? 
_exptl.entry_id                   6JJG 
_exptl.crystals_number            1 
_exptl.details                    ? 
_exptl.method                     'X-RAY DIFFRACTION' 
_exptl.method_details             ? 
# 
_exptl_crystal.colour                      ? 
_exptl_crystal.density_diffrn              ? 
_exptl_crystal.density_Matthews            2.25 
_exptl_crystal.density_method              ? 
_exptl_crystal.density_percent_sol         45.44 
_exptl_crystal.description                 ? 
_exptl_crystal.F_000                       ? 
_exptl_crystal.id                          1 
_exptl_crystal.preparation                 ? 
_exptl_crystal.size_max                    ? 
_exptl_crystal.size_mid                    ? 
_exptl_crystal.size_min                    ? 
_exptl_crystal.size_rad                    ? 
_exptl_crystal.colour_lustre               ? 
_exptl_crystal.colour_modifier             ? 
_exptl_crystal.colour_primary              ? 
_exptl_crystal.density_meas                ? 
_exptl_crystal.density_meas_esd            ? 
_exptl_crystal.density_meas_gt             ? 
_exptl_crystal.density_meas_lt             ? 
_exptl_crystal.density_meas_temp           ? 
_exptl_crystal.density_meas_temp_esd       ? 
_exptl_crystal.density_meas_temp_gt        ? 
_exptl_crystal.density_meas_temp_lt        ? 
_exptl_crystal.pdbx_crystal_image_url      ? 
_exptl_crystal.pdbx_crystal_image_format   ? 
_exptl_crystal.pdbx_mosaicity              ? 
_exptl_crystal.pdbx_mosaicity_esd          ? 
# 
_exptl_crystal_grow.apparatus       ? 
_exptl_crystal_grow.atmosphere      ? 
_exptl_crystal_grow.crystal_id      1 
_exptl_crystal_grow.details         ? 
_exptl_crystal_grow.method          'VAPOR DIFFUSION, HANGING DROP' 
_exptl_crystal_grow.method_ref      ? 
_exptl_crystal_grow.pH              7 
_exptl_crystal_grow.pressure        ? 
_exptl_crystal_grow.pressure_esd    ? 
_exptl_crystal_grow.seeding         ? 
_exptl_crystal_grow.seeding_ref     ? 
_exptl_crystal_grow.temp            283 
_exptl_crystal_grow.temp_details    ? 
_exptl_crystal_grow.temp_esd        ? 
_exptl_crystal_grow.time            ? 
_exptl_crystal_grow.pdbx_details    'Potassium cacodylate, Potassium chloride, Sodium cacodylate, Spermine, Potassium bromide, MPD' 
_exptl_crystal_grow.pdbx_pH_range   ? 
# 
_diffrn.ambient_environment              ? 
_diffrn.ambient_temp                     100 
_diffrn.ambient_temp_details             ? 
_diffrn.ambient_temp_esd                 ? 
_diffrn.crystal_id                       1 
_diffrn.crystal_support                  ? 
_diffrn.crystal_treatment                ? 
_diffrn.details                          ? 
_diffrn.id                               1 
_diffrn.ambient_pressure                 ? 
_diffrn.ambient_pressure_esd             ? 
_diffrn.ambient_pressure_gt              ? 
_diffrn.ambient_pressure_lt              ? 
_diffrn.ambient_temp_gt                  ? 
_diffrn.ambient_temp_lt                  ? 
_diffrn.pdbx_serial_crystal_experiment   N 
# 
_diffrn_detector.details                      ? 
_diffrn_detector.detector                     PIXEL 
_diffrn_detector.diffrn_id                    1 
_diffrn_detector.type                         'DECTRIS EIGER X 16M' 
_diffrn_detector.area_resol_mean              ? 
_diffrn_detector.dtime                        ? 
_diffrn_detector.pdbx_frames_total            ? 
_diffrn_detector.pdbx_collection_time_total   ? 
_diffrn_detector.pdbx_collection_date         2018-04-21 
_diffrn_detector.pdbx_frequency               ? 
# 
_diffrn_radiation.collimation                      ? 
_diffrn_radiation.diffrn_id                        1 
_diffrn_radiation.filter_edge                      ? 
_diffrn_radiation.inhomogeneity                    ? 
_diffrn_radiation.monochromator                    ? 
_diffrn_radiation.polarisn_norm                    ? 
_diffrn_radiation.polarisn_ratio                   ? 
_diffrn_radiation.probe                            ? 
_diffrn_radiation.type                             ? 
_diffrn_radiation.xray_symbol                      ? 
_diffrn_radiation.wavelength_id                    1 
_diffrn_radiation.pdbx_monochromatic_or_laue_m_l   M 
_diffrn_radiation.pdbx_wavelength_list             ? 
_diffrn_radiation.pdbx_wavelength                  ? 
_diffrn_radiation.pdbx_diffrn_protocol             'SINGLE WAVELENGTH' 
_diffrn_radiation.pdbx_analyzer                    ? 
_diffrn_radiation.pdbx_scattering_type             x-ray 
# 
_diffrn_radiation_wavelength.id           1 
_diffrn_radiation_wavelength.wavelength   0.97907 
_diffrn_radiation_wavelength.wt           1.0 
# 
_diffrn_source.current                     ? 
_diffrn_source.details                     ? 
_diffrn_source.diffrn_id                   1 
_diffrn_source.power                       ? 
_diffrn_source.size                        ? 
_diffrn_source.source                      SYNCHROTRON 
_diffrn_source.target                      ? 
_diffrn_source.type                        'SSRF BEAMLINE BL17U1' 
_diffrn_source.voltage                     ? 
_diffrn_source.take-off_angle              ? 
_diffrn_source.pdbx_wavelength_list        0.97907 
_diffrn_source.pdbx_wavelength             ? 
_diffrn_source.pdbx_synchrotron_beamline   BL17U1 
_diffrn_source.pdbx_synchrotron_site       SSRF 
# 
_reflns.B_iso_Wilson_estimate            ? 
_reflns.entry_id                         6JJG 
_reflns.data_reduction_details           ? 
_reflns.data_reduction_method            ? 
_reflns.d_resolution_high                1.969 
_reflns.d_resolution_low                 32.672 
_reflns.details                          ? 
_reflns.limit_h_max                      ? 
_reflns.limit_h_min                      ? 
_reflns.limit_k_max                      ? 
_reflns.limit_k_min                      ? 
_reflns.limit_l_max                      ? 
_reflns.limit_l_min                      ? 
_reflns.number_all                       ? 
_reflns.number_obs                       5421 
_reflns.observed_criterion               ? 
_reflns.observed_criterion_F_max         ? 
_reflns.observed_criterion_F_min         ? 
_reflns.observed_criterion_I_max         ? 
_reflns.observed_criterion_I_min         ? 
_reflns.observed_criterion_sigma_F       ? 
_reflns.observed_criterion_sigma_I       ? 
_reflns.percent_possible_obs             97.7 
_reflns.R_free_details                   ? 
_reflns.Rmerge_F_all                     ? 
_reflns.Rmerge_F_obs                     ? 
_reflns.Friedel_coverage                 ? 
_reflns.number_gt                        ? 
_reflns.threshold_expression             ? 
_reflns.pdbx_redundancy                  6.8 
_reflns.pdbx_Rmerge_I_obs                ? 
_reflns.pdbx_Rmerge_I_all                ? 
_reflns.pdbx_Rsym_value                  ? 
_reflns.pdbx_netI_over_av_sigmaI         ? 
_reflns.pdbx_netI_over_sigmaI            15.52 
_reflns.pdbx_res_netI_over_av_sigmaI_2   ? 
_reflns.pdbx_res_netI_over_sigmaI_2      ? 
_reflns.pdbx_chi_squared                 ? 
_reflns.pdbx_scaling_rejects             ? 
_reflns.pdbx_d_res_high_opt              ? 
_reflns.pdbx_d_res_low_opt               ? 
_reflns.pdbx_d_res_opt_method            ? 
_reflns.phase_calculation_details        ? 
_reflns.pdbx_Rrim_I_all                  ? 
_reflns.pdbx_Rpim_I_all                  0.025 
_reflns.pdbx_d_opt                       ? 
_reflns.pdbx_number_measured_all         ? 
_reflns.pdbx_diffrn_id                   1 
_reflns.pdbx_ordinal                     1 
_reflns.pdbx_CC_half                     ? 
_reflns.pdbx_R_split                     ? 
# 
_reflns_shell.d_res_high                  1.969 
_reflns_shell.d_res_low                   2.08 
_reflns_shell.meanI_over_sigI_all         ? 
_reflns_shell.meanI_over_sigI_obs         ? 
_reflns_shell.number_measured_all         ? 
_reflns_shell.number_measured_obs         ? 
_reflns_shell.number_possible             ? 
_reflns_shell.number_unique_all           ? 
_reflns_shell.number_unique_obs           ? 
_reflns_shell.percent_possible_all        ? 
_reflns_shell.percent_possible_obs        ? 
_reflns_shell.Rmerge_F_all                ? 
_reflns_shell.Rmerge_F_obs                ? 
_reflns_shell.Rmerge_I_all                ? 
_reflns_shell.Rmerge_I_obs                ? 
_reflns_shell.meanI_over_sigI_gt          ? 
_reflns_shell.meanI_over_uI_all           ? 
_reflns_shell.meanI_over_uI_gt            ? 
_reflns_shell.number_measured_gt          ? 
_reflns_shell.number_unique_gt            ? 
_reflns_shell.percent_possible_gt         ? 
_reflns_shell.Rmerge_F_gt                 ? 
_reflns_shell.Rmerge_I_gt                 ? 
_reflns_shell.pdbx_redundancy             ? 
_reflns_shell.pdbx_Rsym_value             ? 
_reflns_shell.pdbx_chi_squared            ? 
_reflns_shell.pdbx_netI_over_sigmaI_all   ? 
_reflns_shell.pdbx_netI_over_sigmaI_obs   ? 
_reflns_shell.pdbx_Rrim_I_all             ? 
_reflns_shell.pdbx_Rpim_I_all             0.196 
_reflns_shell.pdbx_rejects                ? 
_reflns_shell.pdbx_ordinal                1 
_reflns_shell.pdbx_diffrn_id              1 
_reflns_shell.pdbx_CC_half                ? 
_reflns_shell.pdbx_R_split                ? 
# 
_refine.aniso_B[1][1]                            ? 
_refine.aniso_B[1][2]                            ? 
_refine.aniso_B[1][3]                            ? 
_refine.aniso_B[2][2]                            ? 
_refine.aniso_B[2][3]                            ? 
_refine.aniso_B[3][3]                            ? 
_refine.B_iso_max                                166.000 
_refine.B_iso_mean                               75.8880 
_refine.B_iso_min                                34.140 
_refine.correlation_coeff_Fo_to_Fc               ? 
_refine.correlation_coeff_Fo_to_Fc_free          ? 
_refine.details                                  ? 
_refine.diff_density_max                         ? 
_refine.diff_density_max_esd                     ? 
_refine.diff_density_min                         ? 
_refine.diff_density_min_esd                     ? 
_refine.diff_density_rms                         ? 
_refine.diff_density_rms_esd                     ? 
_refine.entry_id                                 6JJG 
_refine.pdbx_refine_id                           'X-RAY DIFFRACTION' 
_refine.ls_abs_structure_details                 ? 
_refine.ls_abs_structure_Flack                   ? 
_refine.ls_abs_structure_Flack_esd               ? 
_refine.ls_abs_structure_Rogers                  ? 
_refine.ls_abs_structure_Rogers_esd              ? 
_refine.ls_d_res_high                            1.9690 
_refine.ls_d_res_low                             23.0750 
_refine.ls_extinction_coef                       ? 
_refine.ls_extinction_coef_esd                   ? 
_refine.ls_extinction_expression                 ? 
_refine.ls_extinction_method                     ? 
_refine.ls_goodness_of_fit_all                   ? 
_refine.ls_goodness_of_fit_all_esd               ? 
_refine.ls_goodness_of_fit_obs                   ? 
_refine.ls_goodness_of_fit_obs_esd               ? 
_refine.ls_hydrogen_treatment                    ? 
_refine.ls_matrix_type                           ? 
_refine.ls_number_constraints                    ? 
_refine.ls_number_parameters                     ? 
_refine.ls_number_reflns_all                     ? 
_refine.ls_number_reflns_obs                     5385 
_refine.ls_number_reflns_R_free                  279 
_refine.ls_number_reflns_R_work                  ? 
_refine.ls_number_restraints                     ? 
_refine.ls_percent_reflns_obs                    96.8000 
_refine.ls_percent_reflns_R_free                 5.1800 
_refine.ls_R_factor_all                          ? 
_refine.ls_R_factor_obs                          0.2556 
_refine.ls_R_factor_R_free                       0.2743 
_refine.ls_R_factor_R_free_error                 ? 
_refine.ls_R_factor_R_free_error_details         ? 
_refine.ls_R_factor_R_work                       0.2544 
_refine.ls_R_Fsqd_factor_obs                     ? 
_refine.ls_R_I_factor_obs                        ? 
_refine.ls_redundancy_reflns_all                 ? 
_refine.ls_redundancy_reflns_obs                 ? 
_refine.ls_restrained_S_all                      ? 
_refine.ls_restrained_S_obs                      ? 
_refine.ls_shift_over_esd_max                    ? 
_refine.ls_shift_over_esd_mean                   ? 
_refine.ls_structure_factor_coef                 ? 
_refine.ls_weighting_details                     ? 
_refine.ls_weighting_scheme                      ? 
_refine.ls_wR_factor_all                         ? 
_refine.ls_wR_factor_obs                         ? 
_refine.ls_wR_factor_R_free                      ? 
_refine.ls_wR_factor_R_work                      ? 
_refine.occupancy_max                            ? 
_refine.occupancy_min                            ? 
_refine.solvent_model_details                    ? 
_refine.solvent_model_param_bsol                 ? 
_refine.solvent_model_param_ksol                 ? 
_refine.ls_R_factor_gt                           ? 
_refine.ls_goodness_of_fit_gt                    ? 
_refine.ls_goodness_of_fit_ref                   ? 
_refine.ls_shift_over_su_max                     ? 
_refine.ls_shift_over_su_max_lt                  ? 
_refine.ls_shift_over_su_mean                    ? 
_refine.ls_shift_over_su_mean_lt                 ? 
_refine.pdbx_ls_sigma_I                          ? 
_refine.pdbx_ls_sigma_F                          1.380 
_refine.pdbx_ls_sigma_Fsqd                       ? 
_refine.pdbx_data_cutoff_high_absF               ? 
_refine.pdbx_data_cutoff_high_rms_absF           ? 
_refine.pdbx_data_cutoff_low_absF                ? 
_refine.pdbx_isotropic_thermal_model             ? 
_refine.pdbx_ls_cross_valid_method               THROUGHOUT 
_refine.pdbx_method_to_determine_struct          'MOLECULAR REPLACEMENT' 
_refine.pdbx_starting_model                      6JJE 
_refine.pdbx_stereochemistry_target_values       ? 
_refine.pdbx_R_Free_selection_details            ? 
_refine.pdbx_stereochem_target_val_spec_case     ? 
_refine.pdbx_overall_ESU_R                       ? 
_refine.pdbx_overall_ESU_R_Free                  ? 
_refine.pdbx_solvent_vdw_probe_radii             1.1100 
_refine.pdbx_solvent_ion_probe_radii             ? 
_refine.pdbx_solvent_shrinkage_radii             0.9000 
_refine.pdbx_real_space_R                        ? 
_refine.pdbx_density_correlation                 ? 
_refine.pdbx_pd_number_of_powder_patterns        ? 
_refine.pdbx_pd_number_of_points                 ? 
_refine.pdbx_pd_meas_number_of_points            ? 
_refine.pdbx_pd_proc_ls_prof_R_factor            ? 
_refine.pdbx_pd_proc_ls_prof_wR_factor           ? 
_refine.pdbx_pd_Marquardt_correlation_coeff      ? 
_refine.pdbx_pd_Fsqrd_R_factor                   ? 
_refine.pdbx_pd_ls_matrix_band_width             ? 
_refine.pdbx_overall_phase_error                 31.2900 
_refine.pdbx_overall_SU_R_free_Cruickshank_DPI   ? 
_refine.pdbx_overall_SU_R_free_Blow_DPI          ? 
_refine.pdbx_overall_SU_R_Blow_DPI               ? 
_refine.pdbx_TLS_residual_ADP_flag               ? 
_refine.pdbx_diffrn_id                           1 
_refine.overall_SU_B                             ? 
_refine.overall_SU_ML                            0.3600 
_refine.overall_SU_R_Cruickshank_DPI             ? 
_refine.overall_SU_R_free                        ? 
_refine.overall_FOM_free_R_set                   ? 
_refine.overall_FOM_work_R_set                   ? 
_refine.pdbx_average_fsc_overall                 ? 
_refine.pdbx_average_fsc_work                    ? 
_refine.pdbx_average_fsc_free                    ? 
# 
_refine_hist.cycle_id                         final 
_refine_hist.pdbx_refine_id                   'X-RAY DIFFRACTION' 
_refine_hist.d_res_high                       1.9690 
_refine_hist.d_res_low                        23.0750 
_refine_hist.pdbx_number_atoms_ligand         4 
_refine_hist.number_atoms_solvent             2 
_refine_hist.number_atoms_total               586 
_refine_hist.pdbx_number_residues_total       28 
_refine_hist.pdbx_B_iso_mean_ligand           41.50 
_refine_hist.pdbx_B_iso_mean_solvent          75.77 
_refine_hist.pdbx_number_atoms_protein        0 
_refine_hist.pdbx_number_atoms_nucleic_acid   580 
# 
loop_
_refine_ls_shell.pdbx_refine_id 
_refine_ls_shell.d_res_high 
_refine_ls_shell.d_res_low 
_refine_ls_shell.number_reflns_all 
_refine_ls_shell.number_reflns_obs 
_refine_ls_shell.number_reflns_R_free 
_refine_ls_shell.number_reflns_R_work 
_refine_ls_shell.percent_reflns_obs 
_refine_ls_shell.percent_reflns_R_free 
_refine_ls_shell.R_factor_all 
_refine_ls_shell.R_factor_obs 
_refine_ls_shell.R_factor_R_free 
_refine_ls_shell.R_factor_R_free_error 
_refine_ls_shell.R_factor_R_work 
_refine_ls_shell.redundancy_reflns_all 
_refine_ls_shell.redundancy_reflns_obs 
_refine_ls_shell.wR_factor_all 
_refine_ls_shell.wR_factor_obs 
_refine_ls_shell.wR_factor_R_free 
_refine_ls_shell.wR_factor_R_work 
_refine_ls_shell.pdbx_total_number_of_bins_used 
_refine_ls_shell.pdbx_phase_error 
_refine_ls_shell.pdbx_fsc_work 
_refine_ls_shell.pdbx_fsc_free 
'X-RAY DIFFRACTION' 1.9685 2.4797  2684 . 127 2557 98.0000 . . . 0.3428 0.0000 0.3155 . . . . . . 2 . . . 
'X-RAY DIFFRACTION' 2.4797 23.0767 2701 . 152 2549 96.0000 . . . 0.2658 0.0000 0.2452 . . . . . . 2 . . . 
# 
_struct.entry_id                     6JJG 
_struct.title                        'Crystal structure of a two-quartet DNA mixed-parallel/antiparallel G-quadruplex' 
_struct.pdbx_model_details           ? 
_struct.pdbx_formula_weight          ? 
_struct.pdbx_formula_weight_method   ? 
_struct.pdbx_model_type_details      ? 
_struct.pdbx_CASP_flag               N 
# 
_struct_keywords.entry_id        6JJG 
_struct_keywords.text            'G-quadruplex, two-quartet, mixed-parallel/antiparallel, DNA' 
_struct_keywords.pdbx_keywords   DNA 
# 
loop_
_struct_asym.id 
_struct_asym.pdbx_blank_PDB_chainid_flag 
_struct_asym.pdbx_modified 
_struct_asym.entity_id 
_struct_asym.details 
A N N 1 ? 
B N N 1 ? 
C N N 2 ? 
D N N 2 ? 
E N N 2 ? 
F N N 3 ? 
G N N 4 ? 
H N N 4 ? 
# 
loop_
_struct_conn.id 
_struct_conn.conn_type_id 
_struct_conn.pdbx_leaving_atom_flag 
_struct_conn.pdbx_PDB_id 
_struct_conn.ptnr1_label_asym_id 
_struct_conn.ptnr1_label_comp_id 
_struct_conn.ptnr1_label_seq_id 
_struct_conn.ptnr1_label_atom_id 
_struct_conn.pdbx_ptnr1_label_alt_id 
_struct_conn.pdbx_ptnr1_PDB_ins_code 
_struct_conn.pdbx_ptnr1_standard_comp_id 
_struct_conn.ptnr1_symmetry 
_struct_conn.ptnr2_label_asym_id 
_struct_conn.ptnr2_label_comp_id 
_struct_conn.ptnr2_label_seq_id 
_struct_conn.ptnr2_label_atom_id 
_struct_conn.pdbx_ptnr2_label_alt_id 
_struct_conn.pdbx_ptnr2_PDB_ins_code 
_struct_conn.ptnr1_auth_asym_id 
_struct_conn.ptnr1_auth_comp_id 
_struct_conn.ptnr1_auth_seq_id 
_struct_conn.ptnr2_auth_asym_id 
_struct_conn.ptnr2_auth_comp_id 
_struct_conn.ptnr2_auth_seq_id 
_struct_conn.ptnr2_symmetry 
_struct_conn.pdbx_ptnr3_label_atom_id 
_struct_conn.pdbx_ptnr3_label_seq_id 
_struct_conn.pdbx_ptnr3_label_comp_id 
_struct_conn.pdbx_ptnr3_label_asym_id 
_struct_conn.pdbx_ptnr3_label_alt_id 
_struct_conn.pdbx_ptnr3_PDB_ins_code 
_struct_conn.details 
_struct_conn.pdbx_dist_value 
_struct_conn.pdbx_value_order 
_struct_conn.pdbx_role 
metalc1  metalc ? ? A DG 1  O6 ? ? ? 1_555 C K  .  K  ? ? A DG 1   A K  101 1_555 ? ? ? ? ? ? ?           2.816 ? ? 
metalc2  metalc ? ? A DG 1  O6 ? ? ? 1_555 D K  .  K  ? ? A DG 1   A K  102 1_555 ? ? ? ? ? ? ?           2.751 ? ? 
metalc3  metalc ? ? A DG 2  O6 ? ? ? 1_555 C K  .  K  ? ? A DG 2   A K  101 1_555 ? ? ? ? ? ? ?           2.722 ? ? 
metalc4  metalc ? ? A DG 6  O6 ? ? ? 1_555 C K  .  K  ? ? A DG 6   A K  101 1_555 ? ? ? ? ? ? ?           2.782 ? ? 
metalc5  metalc ? ? A DG 7  O6 ? ? ? 1_555 C K  .  K  ? ? A DG 7   A K  101 1_555 ? ? ? ? ? ? ?           2.826 ? ? 
metalc6  metalc ? ? A DG 7  O6 ? ? ? 1_555 D K  .  K  ? ? A DG 7   A K  102 1_555 ? ? ? ? ? ? ?           2.859 ? ? 
metalc7  metalc ? ? A DG 9  O6 ? ? ? 1_555 D K  .  K  ? ? A DG 9   A K  102 1_555 ? ? ? ? ? ? ?           2.894 ? ? 
metalc8  metalc ? ? A DG 9  O6 ? ? ? 1_555 E K  .  K  ? ? A DG 9   A K  103 1_555 ? ? ? ? ? ? ?           2.894 ? ? 
metalc9  metalc ? ? A DG 10 O6 ? ? ? 1_555 E K  .  K  ? ? A DG 10  A K  103 1_555 ? ? ? ? ? ? ?           2.868 ? ? 
metalc10 metalc ? ? A DG 10 O6 ? ? ? 1_555 F NA .  NA ? ? A DG 10  A NA 104 1_555 ? ? ? ? ? ? ?           2.967 ? ? 
metalc11 metalc ? ? A DG 12 O6 ? ? ? 1_555 D K  .  K  ? ? A DG 12  A K  102 1_555 ? ? ? ? ? ? ?           2.800 ? ? 
metalc12 metalc ? ? A DG 12 O6 ? ? ? 1_555 E K  .  K  ? ? A DG 12  A K  103 1_555 ? ? ? ? ? ? ?           2.773 ? ? 
metalc13 metalc ? ? A DG 13 O6 ? ? ? 1_555 E K  .  K  ? ? A DG 13  A K  103 1_555 ? ? ? ? ? ? ?           2.807 ? ? 
metalc14 metalc ? ? A DG 13 O6 ? ? ? 1_555 F NA .  NA ? ? A DG 13  A NA 104 1_555 ? ? ? ? ? ? ?           3.005 ? ? 
metalc15 metalc ? ? C K  .  K  ? ? ? 1_555 B DG 1  O6 ? ? A K  101 B DG 1   1_555 ? ? ? ? ? ? ?           2.917 ? ? 
metalc16 metalc ? ? C K  .  K  ? ? ? 1_555 B DG 2  O6 ? ? A K  101 B DG 2   1_555 ? ? ? ? ? ? ?           2.804 ? ? 
metalc17 metalc ? ? C K  .  K  ? ? ? 1_555 B DG 6  O6 ? ? A K  101 B DG 6   1_555 ? ? ? ? ? ? ?           2.669 ? ? 
metalc18 metalc ? ? C K  .  K  ? ? ? 1_555 B DG 7  O6 ? ? A K  101 B DG 7   1_555 ? ? ? ? ? ? ?           2.842 ? ? 
metalc19 metalc ? ? D K  .  K  ? ? ? 1_555 B DG 1  O6 ? ? A K  102 B DG 1   1_555 ? ? ? ? ? ? ?           2.808 ? ? 
metalc20 metalc ? ? D K  .  K  ? ? ? 1_555 B DG 7  O6 ? ? A K  102 B DG 7   1_555 ? ? ? ? ? ? ?           2.766 ? ? 
metalc21 metalc ? ? D K  .  K  ? ? ? 1_555 B DG 9  O6 ? ? A K  102 B DG 9   1_555 ? ? ? ? ? ? ?           2.890 ? ? 
metalc22 metalc ? ? D K  .  K  ? ? ? 1_555 B DG 12 O6 ? ? A K  102 B DG 12  1_555 ? ? ? ? ? ? ?           2.921 ? ? 
metalc23 metalc ? ? E K  .  K  ? ? ? 1_555 B DG 9  O6 ? ? A K  103 B DG 9   1_555 ? ? ? ? ? ? ?           2.864 ? ? 
metalc24 metalc ? ? E K  .  K  ? ? ? 1_555 B DG 10 O6 ? ? A K  103 B DG 10  1_555 ? ? ? ? ? ? ?           2.963 ? ? 
metalc25 metalc ? ? E K  .  K  ? ? ? 1_555 B DG 12 O6 ? ? A K  103 B DG 12  1_555 ? ? ? ? ? ? ?           2.862 ? ? 
metalc26 metalc ? ? E K  .  K  ? ? ? 1_555 B DG 13 O6 ? ? A K  103 B DG 13  1_555 ? ? ? ? ? ? ?           2.897 ? ? 
metalc27 metalc ? ? F NA .  NA ? ? ? 1_555 B DG 10 O6 ? ? A NA 104 B DG 10  1_555 ? ? ? ? ? ? ?           2.772 ? ? 
metalc28 metalc ? ? F NA .  NA ? ? ? 1_555 B DG 13 O6 ? ? A NA 104 B DG 13  1_555 ? ? ? ? ? ? ?           2.884 ? ? 
hydrog1  hydrog ? ? A DG 1  N7 ? ? ? 1_555 A DG 7  N2 ? ? A DG 1   A DG 7   1_555 ? ? ? ? ? ? TYPE_6_PAIR ?     ? ? 
hydrog2  hydrog ? ? A DG 1  O6 ? ? ? 1_555 A DG 7  N1 ? ? A DG 1   A DG 7   1_555 ? ? ? ? ? ? TYPE_6_PAIR ?     ? ? 
hydrog3  hydrog ? ? A DG 1  N1 ? ? ? 1_555 B DG 7  O6 ? ? A DG 1   B DG 7   1_555 ? ? ? ? ? ? TYPE_6_PAIR ?     ? ? 
hydrog4  hydrog ? ? A DG 1  N2 ? ? ? 1_555 B DG 7  N7 ? ? A DG 1   B DG 7   1_555 ? ? ? ? ? ? TYPE_6_PAIR ?     ? ? 
hydrog5  hydrog ? ? A DG 2  N1 ? ? ? 1_555 A DG 6  O6 ? ? A DG 2   A DG 6   1_555 ? ? ? ? ? ? TYPE_6_PAIR ?     ? ? 
hydrog6  hydrog ? ? A DG 2  N2 ? ? ? 1_555 A DG 6  N7 ? ? A DG 2   A DG 6   1_555 ? ? ? ? ? ? TYPE_6_PAIR ?     ? ? 
hydrog7  hydrog ? ? A DG 2  N7 ? ? ? 1_555 B DG 6  N2 ? ? A DG 2   B DG 6   1_555 ? ? ? ? ? ? TYPE_6_PAIR ?     ? ? 
hydrog8  hydrog ? ? A DG 2  O6 ? ? ? 1_555 B DG 6  N1 ? ? A DG 2   B DG 6   1_555 ? ? ? ? ? ? TYPE_6_PAIR ?     ? ? 
hydrog9  hydrog ? ? A DG 6  N1 ? ? ? 1_555 B DG 2  O6 ? ? A DG 6   B DG 2   1_555 ? ? ? ? ? ? TYPE_6_PAIR ?     ? ? 
hydrog10 hydrog ? ? A DG 6  N2 ? ? ? 1_555 B DG 2  N7 ? ? A DG 6   B DG 2   1_555 ? ? ? ? ? ? TYPE_6_PAIR ?     ? ? 
hydrog11 hydrog ? ? A DG 7  N7 ? ? ? 1_555 B DG 1  N2 ? ? A DG 7   B DG 1   1_555 ? ? ? ? ? ? TYPE_6_PAIR ?     ? ? 
hydrog12 hydrog ? ? A DG 7  O6 ? ? ? 1_555 B DG 1  N1 ? ? A DG 7   B DG 1   1_555 ? ? ? ? ? ? TYPE_6_PAIR ?     ? ? 
hydrog13 hydrog ? ? A DG 9  N1 ? ? ? 1_555 A DG 12 O6 ? ? A DG 9   A DG 12  1_555 ? ? ? ? ? ? TYPE_6_PAIR ?     ? ? 
hydrog14 hydrog ? ? A DG 9  N2 ? ? ? 1_555 A DG 12 N7 ? ? A DG 9   A DG 12  1_555 ? ? ? ? ? ? TYPE_6_PAIR ?     ? ? 
hydrog15 hydrog ? ? A DG 9  N7 ? ? ? 1_555 B DG 12 N2 ? ? A DG 9   B DG 12  1_555 ? ? ? ? ? ? TYPE_6_PAIR ?     ? ? 
hydrog16 hydrog ? ? A DG 9  O6 ? ? ? 1_555 B DG 12 N1 ? ? A DG 9   B DG 12  1_555 ? ? ? ? ? ? TYPE_6_PAIR ?     ? ? 
hydrog17 hydrog ? ? A DG 10 N1 ? ? ? 1_555 A DG 13 O6 ? ? A DG 10  A DG 13  1_555 ? ? ? ? ? ? TYPE_6_PAIR ?     ? ? 
hydrog18 hydrog ? ? A DG 10 N2 ? ? ? 1_555 A DG 13 N7 ? ? A DG 10  A DG 13  1_555 ? ? ? ? ? ? TYPE_6_PAIR ?     ? ? 
hydrog19 hydrog ? ? A DG 10 N7 ? ? ? 1_555 B DG 13 N2 ? ? A DG 10  B DG 13  1_555 ? ? ? ? ? ? TYPE_6_PAIR ?     ? ? 
hydrog20 hydrog ? ? A DG 10 O6 ? ? ? 1_555 B DG 13 N1 ? ? A DG 10  B DG 13  1_555 ? ? ? ? ? ? TYPE_6_PAIR ?     ? ? 
hydrog21 hydrog ? ? A DG 12 N1 ? ? ? 1_555 B DG 9  O6 ? ? A DG 12  B DG 9   1_555 ? ? ? ? ? ? TYPE_6_PAIR ?     ? ? 
hydrog22 hydrog ? ? A DG 12 N2 ? ? ? 1_555 B DG 9  N7 ? ? A DG 12  B DG 9   1_555 ? ? ? ? ? ? TYPE_6_PAIR ?     ? ? 
hydrog23 hydrog ? ? A DG 13 N1 ? ? ? 1_555 B DG 10 O6 ? ? A DG 13  B DG 10  1_555 ? ? ? ? ? ? TYPE_6_PAIR ?     ? ? 
hydrog24 hydrog ? ? A DG 13 N2 ? ? ? 1_555 B DG 10 N7 ? ? A DG 13  B DG 10  1_555 ? ? ? ? ? ? TYPE_6_PAIR ?     ? ? 
hydrog25 hydrog ? ? B DG 1  N7 ? ? ? 1_555 B DG 7  N2 ? ? B DG 1   B DG 7   1_555 ? ? ? ? ? ? TYPE_6_PAIR ?     ? ? 
hydrog26 hydrog ? ? B DG 1  O6 ? ? ? 1_555 B DG 7  N1 ? ? B DG 1   B DG 7   1_555 ? ? ? ? ? ? TYPE_6_PAIR ?     ? ? 
hydrog27 hydrog ? ? B DG 2  N1 ? ? ? 1_555 B DG 6  O6 ? ? B DG 2   B DG 6   1_555 ? ? ? ? ? ? TYPE_6_PAIR ?     ? ? 
hydrog28 hydrog ? ? B DG 2  N2 ? ? ? 1_555 B DG 6  N7 ? ? B DG 2   B DG 6   1_555 ? ? ? ? ? ? TYPE_6_PAIR ?     ? ? 
hydrog29 hydrog ? ? B DG 9  N1 ? ? ? 1_555 B DG 12 O6 ? ? B DG 9   B DG 12  1_555 ? ? ? ? ? ? TYPE_6_PAIR ?     ? ? 
hydrog30 hydrog ? ? B DG 9  N2 ? ? ? 1_555 B DG 12 N7 ? ? B DG 9   B DG 12  1_555 ? ? ? ? ? ? TYPE_6_PAIR ?     ? ? 
hydrog31 hydrog ? ? B DG 10 N1 ? ? ? 1_555 B DG 13 O6 ? ? B DG 10  B DG 13  1_555 ? ? ? ? ? ? TYPE_6_PAIR ?     ? ? 
hydrog32 hydrog ? ? B DG 10 N2 ? ? ? 1_555 B DG 13 N7 ? ? B DG 10  B DG 13  1_555 ? ? ? ? ? ? TYPE_6_PAIR ?     ? ? 
# 
loop_
_struct_conn_type.id 
_struct_conn_type.criteria 
_struct_conn_type.reference 
metalc ? ? 
hydrog ? ? 
# 
loop_
_struct_site.id 
_struct_site.pdbx_evidence_code 
_struct_site.pdbx_auth_asym_id 
_struct_site.pdbx_auth_comp_id 
_struct_site.pdbx_auth_seq_id 
_struct_site.pdbx_auth_ins_code 
_struct_site.pdbx_num_residues 
_struct_site.details 
AC1 Software A K  101 ? 9  'binding site for residue K A 101'  
AC2 Software A K  102 ? 10 'binding site for residue K A 102'  
AC3 Software A K  103 ? 10 'binding site for residue K A 103'  
AC4 Software A NA 104 ? 7  'binding site for residue NA A 104' 
# 
loop_
_struct_site_gen.id 
_struct_site_gen.site_id 
_struct_site_gen.pdbx_num_res 
_struct_site_gen.label_comp_id 
_struct_site_gen.label_asym_id 
_struct_site_gen.label_seq_id 
_struct_site_gen.pdbx_auth_ins_code 
_struct_site_gen.auth_comp_id 
_struct_site_gen.auth_asym_id 
_struct_site_gen.auth_seq_id 
_struct_site_gen.label_atom_id 
_struct_site_gen.label_alt_id 
_struct_site_gen.symmetry 
_struct_site_gen.details 
1  AC1 9  DG A 1  ? DG A 1   . ? 1_555 ? 
2  AC1 9  DG A 2  ? DG A 2   . ? 1_555 ? 
3  AC1 9  DG A 6  ? DG A 6   . ? 1_555 ? 
4  AC1 9  DG A 7  ? DG A 7   . ? 1_555 ? 
5  AC1 9  K  D .  ? K  A 102 . ? 1_555 ? 
6  AC1 9  DG B 1  ? DG B 1   . ? 1_555 ? 
7  AC1 9  DG B 2  ? DG B 2   . ? 1_555 ? 
8  AC1 9  DG B 6  ? DG B 6   . ? 1_555 ? 
9  AC1 9  DG B 7  ? DG B 7   . ? 1_555 ? 
10 AC2 10 DG A 1  ? DG A 1   . ? 1_555 ? 
11 AC2 10 DG A 7  ? DG A 7   . ? 1_555 ? 
12 AC2 10 DG A 9  ? DG A 9   . ? 1_555 ? 
13 AC2 10 DG A 12 ? DG A 12  . ? 1_555 ? 
14 AC2 10 K  C .  ? K  A 101 . ? 1_555 ? 
15 AC2 10 K  E .  ? K  A 103 . ? 1_555 ? 
16 AC2 10 DG B 1  ? DG B 1   . ? 1_555 ? 
17 AC2 10 DG B 7  ? DG B 7   . ? 1_555 ? 
18 AC2 10 DG B 9  ? DG B 9   . ? 1_555 ? 
19 AC2 10 DG B 12 ? DG B 12  . ? 1_555 ? 
20 AC3 10 DG A 9  ? DG A 9   . ? 1_555 ? 
21 AC3 10 DG A 10 ? DG A 10  . ? 1_555 ? 
22 AC3 10 DG A 12 ? DG A 12  . ? 1_555 ? 
23 AC3 10 DG A 13 ? DG A 13  . ? 1_555 ? 
24 AC3 10 K  D .  ? K  A 102 . ? 1_555 ? 
25 AC3 10 NA F .  ? NA A 104 . ? 1_555 ? 
26 AC3 10 DG B 9  ? DG B 9   . ? 1_555 ? 
27 AC3 10 DG B 10 ? DG B 10  . ? 1_555 ? 
28 AC3 10 DG B 12 ? DG B 12  . ? 1_555 ? 
29 AC3 10 DG B 13 ? DG B 13  . ? 1_555 ? 
30 AC4 7  DG A 10 ? DG A 10  . ? 1_555 ? 
31 AC4 7  DG A 13 ? DG A 13  . ? 1_555 ? 
32 AC4 7  DA A 14 ? DA A 14  . ? 1_555 ? 
33 AC4 7  DA A 14 ? DA A 14  . ? 2_556 ? 
34 AC4 7  K  E .  ? K  A 103 . ? 1_555 ? 
35 AC4 7  DG B 10 ? DG B 10  . ? 1_555 ? 
36 AC4 7  DG B 13 ? DG B 13  . ? 1_555 ? 
# 
_atom_sites.entry_id                    6JJG 
_atom_sites.fract_transf_matrix[1][1]   -0.00446239 
_atom_sites.fract_transf_matrix[1][2]   0.01421449 
_atom_sites.fract_transf_matrix[1][3]   0.01607447 
_atom_sites.fract_transf_matrix[2][1]   0.01885817 
_atom_sites.fract_transf_matrix[2][2]   -0.00432523 
_atom_sites.fract_transf_matrix[2][3]   0.00905993 
_atom_sites.fract_transf_matrix[3][1]   0.00944877 
_atom_sites.fract_transf_matrix[3][2]   0.02643376 
_atom_sites.fract_transf_matrix[3][3]   -0.00704801 
_atom_sites.fract_transf_vector[1]      -0.156710 
_atom_sites.fract_transf_vector[2]      -0.050557 
_atom_sites.fract_transf_vector[3]      0.267778 
# 
loop_
_atom_type.symbol 
C  
K  
N  
NA 
O  
P  
# 
loop_
_atom_site.group_PDB 
_atom_site.id 
_atom_site.type_symbol 
_atom_site.label_atom_id 
_atom_site.label_alt_id 
_atom_site.label_comp_id 
_atom_site.label_asym_id 
_atom_site.label_entity_id 
_atom_site.label_seq_id 
_atom_site.pdbx_PDB_ins_code 
_atom_site.Cartn_x 
_atom_site.Cartn_y 
_atom_site.Cartn_z 
_atom_site.occupancy 
_atom_site.B_iso_or_equiv 
_atom_site.pdbx_formal_charge 
_atom_site.auth_seq_id 
_atom_site.auth_comp_id 
_atom_site.auth_asym_id 
_atom_site.auth_atom_id 
_atom_site.pdbx_PDB_model_num 
ATOM   1   O  "O5'" . DG  A 1 1  ? -6.607  2.482   -4.608  1.00 52.11  ? 1   DG  A "O5'" 1 
ATOM   2   C  "C5'" . DG  A 1 1  ? -6.723  3.326   -5.756  1.00 58.63  ? 1   DG  A "C5'" 1 
ATOM   3   C  "C4'" . DG  A 1 1  ? -5.905  2.815   -6.931  1.00 61.62  ? 1   DG  A "C4'" 1 
ATOM   4   O  "O4'" . DG  A 1 1  ? -4.525  2.627   -6.547  1.00 58.96  ? 1   DG  A "O4'" 1 
ATOM   5   C  "C3'" . DG  A 1 1  ? -6.343  1.493   -7.540  1.00 67.39  ? 1   DG  A "C3'" 1 
ATOM   6   O  "O3'" . DG  A 1 1  ? -6.098  1.560   -8.925  1.00 81.99  ? 1   DG  A "O3'" 1 
ATOM   7   C  "C2'" . DG  A 1 1  ? -5.389  0.500   -6.884  1.00 63.89  ? 1   DG  A "C2'" 1 
ATOM   8   C  "C1'" . DG  A 1 1  ? -4.113  1.315   -6.862  1.00 55.47  ? 1   DG  A "C1'" 1 
ATOM   9   N  N9    . DG  A 1 1  ? -3.139  0.909   -5.841  1.00 53.45  ? 1   DG  A N9    1 
ATOM   10  C  C8    . DG  A 1 1  ? -1.809  0.690   -6.023  1.00 53.43  ? 1   DG  A C8    1 
ATOM   11  N  N7    . DG  A 1 1  ? -1.183  0.351   -4.932  1.00 52.10  ? 1   DG  A N7    1 
ATOM   12  C  C5    . DG  A 1 1  ? -2.163  0.344   -3.963  1.00 46.44  ? 1   DG  A C5    1 
ATOM   13  C  C6    . DG  A 1 1  ? -2.061  0.048   -2.580  1.00 41.51  ? 1   DG  A C6    1 
ATOM   14  O  O6    . DG  A 1 1  ? -1.047  -0.264  -1.954  1.00 41.66  ? 1   DG  A O6    1 
ATOM   15  N  N1    . DG  A 1 1  ? -3.307  0.120   -1.932  1.00 42.78  ? 1   DG  A N1    1 
ATOM   16  C  C2    . DG  A 1 1  ? -4.486  0.473   -2.563  1.00 50.75  ? 1   DG  A C2    1 
ATOM   17  N  N2    . DG  A 1 1  ? -5.595  0.503   -1.788  1.00 42.93  ? 1   DG  A N2    1 
ATOM   18  N  N3    . DG  A 1 1  ? -4.576  0.768   -3.864  1.00 43.60  ? 1   DG  A N3    1 
ATOM   19  C  C4    . DG  A 1 1  ? -3.381  0.667   -4.497  1.00 47.84  ? 1   DG  A C4    1 
ATOM   20  P  P     . DG  A 1 2  ? -6.775  0.509   -9.935  1.00 85.40  ? 2   DG  A P     1 
ATOM   21  O  OP1   . DG  A 1 2  ? -6.933  1.288   -11.180 1.00 77.27  ? 2   DG  A OP1   1 
ATOM   22  O  OP2   . DG  A 1 2  ? -7.927  -0.143  -9.284  1.00 76.27  ? 2   DG  A OP2   1 
ATOM   23  O  "O5'" . DG  A 1 2  ? -5.630  -0.597  -10.152 1.00 78.39  ? 2   DG  A "O5'" 1 
ATOM   24  C  "C5'" . DG  A 1 2  ? -4.307  -0.179  -10.452 1.00 72.47  ? 2   DG  A "C5'" 1 
ATOM   25  C  "C4'" . DG  A 1 2  ? -3.317  -1.312  -10.270 1.00 71.75  ? 2   DG  A "C4'" 1 
ATOM   26  O  "O4'" . DG  A 1 2  ? -2.881  -1.384  -8.877  1.00 76.58  ? 2   DG  A "O4'" 1 
ATOM   27  C  "C3'" . DG  A 1 2  ? -3.840  -2.711  -10.608 1.00 80.73  ? 2   DG  A "C3'" 1 
ATOM   28  O  "O3'" . DG  A 1 2  ? -2.792  -3.458  -11.237 1.00 87.12  ? 2   DG  A "O3'" 1 
ATOM   29  C  "C2'" . DG  A 1 2  ? -4.144  -3.281  -9.218  1.00 69.15  ? 2   DG  A "C2'" 1 
ATOM   30  C  "C1'" . DG  A 1 2  ? -2.938  -2.733  -8.473  1.00 72.36  ? 2   DG  A "C1'" 1 
ATOM   31  N  N9    . DG  A 1 2  ? -3.001  -2.812  -6.999  1.00 67.06  ? 2   DG  A N9    1 
ATOM   32  C  C8    . DG  A 1 2  ? -4.117  -2.752  -6.205  1.00 57.32  ? 2   DG  A C8    1 
ATOM   33  N  N7    . DG  A 1 2  ? -3.851  -2.845  -4.928  1.00 54.49  ? 2   DG  A N7    1 
ATOM   34  C  C5    . DG  A 1 2  ? -2.476  -2.982  -4.871  1.00 54.36  ? 2   DG  A C5    1 
ATOM   35  C  C6    . DG  A 1 2  ? -1.619  -3.112  -3.754  1.00 57.20  ? 2   DG  A C6    1 
ATOM   36  O  O6    . DG  A 1 2  ? -1.923  -3.139  -2.570  1.00 51.30  ? 2   DG  A O6    1 
ATOM   37  N  N1    . DG  A 1 2  ? -0.272  -3.213  -4.129  1.00 59.23  ? 2   DG  A N1    1 
ATOM   38  C  C2    . DG  A 1 2  ? 0.180   -3.189  -5.428  1.00 57.26  ? 2   DG  A C2    1 
ATOM   39  N  N2    . DG  A 1 2  ? 1.505   -3.285  -5.589  1.00 57.23  ? 2   DG  A N2    1 
ATOM   40  N  N3    . DG  A 1 2  ? -0.612  -3.053  -6.488  1.00 54.42  ? 2   DG  A N3    1 
ATOM   41  C  C4    . DG  A 1 2  ? -1.930  -2.958  -6.134  1.00 59.50  ? 2   DG  A C4    1 
ATOM   42  P  P     . DC  A 1 3  ? -2.823  -3.815  -12.808 1.00 104.33 ? 3   DC  A P     1 
ATOM   43  O  OP1   . DC  A 1 3  ? -1.645  -3.131  -13.391 1.00 96.34  ? 3   DC  A OP1   1 
ATOM   44  O  OP2   . DC  A 1 3  ? -4.186  -3.559  -13.337 1.00 94.49  ? 3   DC  A OP2   1 
ATOM   45  O  "O5'" . DC  A 1 3  ? -2.535  -5.398  -12.844 1.00 103.60 ? 3   DC  A "O5'" 1 
ATOM   46  C  "C5'" . DC  A 1 3  ? -1.749  -6.006  -11.806 1.00 106.86 ? 3   DC  A "C5'" 1 
ATOM   47  C  "C4'" . DC  A 1 3  ? -0.667  -6.898  -12.391 1.00 116.00 ? 3   DC  A "C4'" 1 
ATOM   48  O  "O4'" . DC  A 1 3  ? -0.665  -6.746  -13.832 1.00 121.45 ? 3   DC  A "O4'" 1 
ATOM   49  C  "C3'" . DC  A 1 3  ? 0.758   -6.558  -11.953 1.00 122.17 ? 3   DC  A "C3'" 1 
ATOM   50  O  "O3'" . DC  A 1 3  ? 1.615   -7.713  -12.075 1.00 126.87 ? 3   DC  A "O3'" 1 
ATOM   51  C  "C2'" . DC  A 1 3  ? 1.134   -5.499  -12.977 1.00 123.98 ? 3   DC  A "C2'" 1 
ATOM   52  C  "C1'" . DC  A 1 3  ? 0.534   -6.108  -14.240 1.00 127.53 ? 3   DC  A "C1'" 1 
ATOM   53  N  N1    . DC  A 1 3  ? 0.221   -5.093  -15.303 1.00 131.46 ? 3   DC  A N1    1 
ATOM   54  C  C2    . DC  A 1 3  ? -0.667  -5.411  -16.341 1.00 133.14 ? 3   DC  A C2    1 
ATOM   55  O  O2    . DC  A 1 3  ? -1.188  -6.534  -16.375 1.00 132.53 ? 3   DC  A O2    1 
ATOM   56  N  N3    . DC  A 1 3  ? -0.927  -4.471  -17.290 1.00 137.43 ? 3   DC  A N3    1 
ATOM   57  C  C4    . DC  A 1 3  ? -0.343  -3.272  -17.228 1.00 135.02 ? 3   DC  A C4    1 
ATOM   58  N  N4    . DC  A 1 3  ? -0.631  -2.382  -18.184 1.00 136.84 ? 3   DC  A N4    1 
ATOM   59  C  C5    . DC  A 1 3  ? 0.562   -2.933  -16.182 1.00 133.85 ? 3   DC  A C5    1 
ATOM   60  C  C6    . DC  A 1 3  ? 0.814   -3.864  -15.252 1.00 132.61 ? 3   DC  A C6    1 
ATOM   61  P  P     . DT  A 1 4  ? 1.864   -8.696  -10.822 1.00 128.75 ? 4   DT  A P     1 
ATOM   62  O  OP1   . DT  A 1 4  ? 1.917   -10.082 -11.350 1.00 124.55 ? 4   DT  A OP1   1 
ATOM   63  O  OP2   . DT  A 1 4  ? 0.855   -8.317  -9.801  1.00 123.06 ? 4   DT  A OP2   1 
ATOM   64  O  "O5'" . DT  A 1 4  ? 3.323   -8.304  -10.271 1.00 119.50 ? 4   DT  A "O5'" 1 
ATOM   65  C  "C5'" . DT  A 1 4  ? 4.127   -9.281  -9.568  1.00 119.88 ? 4   DT  A "C5'" 1 
ATOM   66  C  "C4'" . DT  A 1 4  ? 3.804   -9.297  -8.079  1.00 118.15 ? 4   DT  A "C4'" 1 
ATOM   67  O  "O4'" . DT  A 1 4  ? 4.341   -10.503 -7.466  1.00 123.90 ? 4   DT  A "O4'" 1 
ATOM   68  C  "C3'" . DT  A 1 4  ? 4.385   -8.126  -7.256  1.00 109.78 ? 4   DT  A "C3'" 1 
ATOM   69  O  "O3'" . DT  A 1 4  ? 3.334   -7.319  -6.583  1.00 105.58 ? 4   DT  A "O3'" 1 
ATOM   70  C  "C2'" . DT  A 1 4  ? 5.351   -8.795  -6.267  1.00 111.84 ? 4   DT  A "C2'" 1 
ATOM   71  C  "C1'" . DT  A 1 4  ? 4.735   -10.175 -6.152  1.00 119.07 ? 4   DT  A "C1'" 1 
ATOM   72  N  N1    . DT  A 1 4  ? 5.646   -11.229 -5.609  1.00 126.00 ? 4   DT  A N1    1 
ATOM   73  C  C2    . DT  A 1 4  ? 5.166   -12.511 -5.451  1.00 128.65 ? 4   DT  A C2    1 
ATOM   74  O  O2    . DT  A 1 4  ? 4.027   -12.842 -5.752  1.00 124.51 ? 4   DT  A O2    1 
ATOM   75  N  N3    . DT  A 1 4  ? 6.074   -13.404 -4.934  1.00 132.09 ? 4   DT  A N3    1 
ATOM   76  C  C4    . DT  A 1 4  ? 7.384   -13.145 -4.559  1.00 135.81 ? 4   DT  A C4    1 
ATOM   77  O  O4    . DT  A 1 4  ? 8.126   -14.018 -4.107  1.00 139.45 ? 4   DT  A O4    1 
ATOM   78  C  C5    . DT  A 1 4  ? 7.819   -11.774 -4.740  1.00 133.46 ? 4   DT  A C5    1 
ATOM   79  C  C7    . DT  A 1 4  ? 9.217   -11.371 -4.371  1.00 135.74 ? 4   DT  A C7    1 
ATOM   80  C  C6    . DT  A 1 4  ? 6.937   -10.893 -5.247  1.00 128.45 ? 4   DT  A C6    1 
ATOM   81  P  P     . DC  A 1 5  ? 2.047   -7.933  -5.806  1.00 100.16 ? 5   DC  A P     1 
ATOM   82  O  OP1   . DC  A 1 5  ? 1.904   -9.403  -5.859  1.00 98.69  ? 5   DC  A OP1   1 
ATOM   83  O  OP2   . DC  A 1 5  ? 0.892   -7.114  -6.259  1.00 85.55  ? 5   DC  A OP2   1 
ATOM   84  O  "O5'" . DC  A 1 5  ? 2.296   -7.524  -4.280  1.00 94.31  ? 5   DC  A "O5'" 1 
ATOM   85  C  "C5'" . DC  A 1 5  ? 3.518   -7.848  -3.635  1.00 94.30  ? 5   DC  A "C5'" 1 
ATOM   86  C  "C4'" . DC  A 1 5  ? 3.289   -8.274  -2.192  1.00 94.83  ? 5   DC  A "C4'" 1 
ATOM   87  O  "O4'" . DC  A 1 5  ? 1.885   -8.585  -1.986  1.00 99.62  ? 5   DC  A "O4'" 1 
ATOM   88  C  "C3'" . DC  A 1 5  ? 4.092   -9.490  -1.768  1.00 101.00 ? 5   DC  A "C3'" 1 
ATOM   89  O  "O3'" . DC  A 1 5  ? 5.191   -9.059  -0.966  1.00 107.56 ? 5   DC  A "O3'" 1 
ATOM   90  C  "C2'" . DC  A 1 5  ? 3.108   -10.361 -0.969  1.00 99.38  ? 5   DC  A "C2'" 1 
ATOM   91  C  "C1'" . DC  A 1 5  ? 1.725   -9.858  -1.391  1.00 96.36  ? 5   DC  A "C1'" 1 
ATOM   92  N  N1    . DC  A 1 5  ? 0.989   -10.776 -2.359  1.00 98.41  ? 5   DC  A N1    1 
ATOM   93  C  C2    . DC  A 1 5  ? -0.364  -10.533 -2.670  1.00 92.43  ? 5   DC  A C2    1 
ATOM   94  O  O2    . DC  A 1 5  ? -0.940  -9.565  -2.158  1.00 91.39  ? 5   DC  A O2    1 
ATOM   95  N  N3    . DC  A 1 5  ? -1.001  -11.371 -3.527  1.00 94.48  ? 5   DC  A N3    1 
ATOM   96  C  C4    . DC  A 1 5  ? -0.353  -12.409 -4.061  1.00 95.51  ? 5   DC  A C4    1 
ATOM   97  N  N4    . DC  A 1 5  ? -1.030  -13.202 -4.903  1.00 95.62  ? 5   DC  A N4    1 
ATOM   98  C  C5    . DC  A 1 5  ? 1.019   -12.679 -3.758  1.00 97.92  ? 5   DC  A C5    1 
ATOM   99  C  C6    . DC  A 1 5  ? 1.642   -11.849 -2.910  1.00 101.78 ? 5   DC  A C6    1 
ATOM   100 P  P     . DG  A 1 6  ? 6.693   -9.501  -1.337  1.00 113.13 ? 6   DG  A P     1 
ATOM   101 O  OP1   . DG  A 1 6  ? 6.918   -9.222  -2.773  1.00 118.30 ? 6   DG  A OP1   1 
ATOM   102 O  OP2   . DG  A 1 6  ? 6.886   -10.885 -0.843  1.00 115.81 ? 6   DG  A OP2   1 
ATOM   103 O  "O5'" . DG  A 1 6  ? 7.591   -8.504  -0.479  1.00 105.86 ? 6   DG  A "O5'" 1 
ATOM   104 C  "C5'" . DG  A 1 6  ? 7.406   -7.101  -0.602  1.00 101.44 ? 6   DG  A "C5'" 1 
ATOM   105 C  "C4'" . DG  A 1 6  ? 8.163   -6.562  -1.803  1.00 97.89  ? 6   DG  A "C4'" 1 
ATOM   106 O  "O4'" . DG  A 1 6  ? 7.238   -6.258  -2.872  1.00 86.30  ? 6   DG  A "O4'" 1 
ATOM   107 C  "C3'" . DG  A 1 6  ? 8.931   -5.277  -1.554  1.00 102.22 ? 6   DG  A "C3'" 1 
ATOM   108 O  "O3'" . DG  A 1 6  ? 10.047  -5.226  -2.417  1.00 106.88 ? 6   DG  A "O3'" 1 
ATOM   109 C  "C2'" . DG  A 1 6  ? 7.899   -4.199  -1.891  1.00 90.44  ? 6   DG  A "C2'" 1 
ATOM   110 C  "C1'" . DG  A 1 6  ? 7.102   -4.851  -3.021  1.00 83.58  ? 6   DG  A "C1'" 1 
ATOM   111 N  N9    . DG  A 1 6  ? 5.667   -4.520  -3.010  1.00 76.27  ? 6   DG  A N9    1 
ATOM   112 C  C8    . DG  A 1 6  ? 4.899   -4.127  -4.080  1.00 71.06  ? 6   DG  A C8    1 
ATOM   113 N  N7    . DG  A 1 6  ? 3.649   -3.901  -3.770  1.00 65.39  ? 6   DG  A N7    1 
ATOM   114 C  C5    . DG  A 1 6  ? 3.584   -4.172  -2.415  1.00 66.67  ? 6   DG  A C5    1 
ATOM   115 C  C6    . DG  A 1 6  ? 2.491   -4.099  -1.526  1.00 56.93  ? 6   DG  A C6    1 
ATOM   116 O  O6    . DG  A 1 6  ? 1.341   -3.772  -1.773  1.00 53.17  ? 6   DG  A O6    1 
ATOM   117 N  N1    . DG  A 1 6  ? 2.849   -4.441  -0.229  1.00 63.64  ? 6   DG  A N1    1 
ATOM   118 C  C2    . DG  A 1 6  ? 4.121   -4.804  0.159   1.00 67.66  ? 6   DG  A C2    1 
ATOM   119 N  N2    . DG  A 1 6  ? 4.296   -5.098  1.452   1.00 64.49  ? 6   DG  A N2    1 
ATOM   120 N  N3    . DG  A 1 6  ? 5.147   -4.876  -0.663  1.00 72.38  ? 6   DG  A N3    1 
ATOM   121 C  C4    . DG  A 1 6  ? 4.815   -4.546  -1.929  1.00 70.69  ? 6   DG  A C4    1 
ATOM   122 P  P     . DG  A 1 7  ? 10.942  -3.898  -2.505  1.00 108.79 ? 7   DG  A P     1 
ATOM   123 O  OP1   . DG  A 1 7  ? 12.271  -4.267  -3.032  1.00 121.02 ? 7   DG  A OP1   1 
ATOM   124 O  OP2   . DG  A 1 7  ? 10.842  -3.223  -1.193  1.00 110.00 ? 7   DG  A OP2   1 
ATOM   125 O  "O5'" . DG  A 1 7  ? 10.208  -3.045  -3.636  1.00 104.20 ? 7   DG  A "O5'" 1 
ATOM   126 C  "C5'" . DG  A 1 7  ? 10.102  -1.649  -3.512  1.00 99.48  ? 7   DG  A "C5'" 1 
ATOM   127 C  "C4'" . DG  A 1 7  ? 8.899   -1.143  -4.282  1.00 93.73  ? 7   DG  A "C4'" 1 
ATOM   128 O  "O4'" . DG  A 1 7  ? 7.682   -1.672  -3.691  1.00 86.20  ? 7   DG  A "O4'" 1 
ATOM   129 C  "C3'" . DG  A 1 7  ? 8.743   0.384   -4.284  1.00 78.73  ? 7   DG  A "C3'" 1 
ATOM   130 O  "O3'" . DG  A 1 7  ? 8.686   0.863   -5.596  1.00 79.20  ? 7   DG  A "O3'" 1 
ATOM   131 C  "C2'" . DG  A 1 7  ? 7.430   0.624   -3.570  1.00 75.78  ? 7   DG  A "C2'" 1 
ATOM   132 C  "C1'" . DG  A 1 7  ? 6.703   -0.685  -3.794  1.00 75.04  ? 7   DG  A "C1'" 1 
ATOM   133 N  N9    . DG  A 1 7  ? 5.696   -0.876  -2.789  1.00 61.59  ? 7   DG  A N9    1 
ATOM   134 C  C8    . DG  A 1 7  ? 5.883   -1.150  -1.456  1.00 58.59  ? 7   DG  A C8    1 
ATOM   135 N  N7    . DG  A 1 7  ? 4.765   -1.206  -0.789  1.00 61.80  ? 7   DG  A N7    1 
ATOM   136 C  C5    . DG  A 1 7  ? 3.797   -0.918  -1.735  1.00 54.11  ? 7   DG  A C5    1 
ATOM   137 C  C6    . DG  A 1 7  ? 2.400   -0.803  -1.589  1.00 59.13  ? 7   DG  A C6    1 
ATOM   138 O  O6    . DG  A 1 7  ? 1.742   -0.953  -0.568  1.00 49.38  ? 7   DG  A O6    1 
ATOM   139 N  N1    . DG  A 1 7  ? 1.773   -0.499  -2.798  1.00 56.66  ? 7   DG  A N1    1 
ATOM   140 C  C2    . DG  A 1 7  ? 2.435   -0.321  -4.002  1.00 48.73  ? 7   DG  A C2    1 
ATOM   141 N  N2    . DG  A 1 7  ? 1.679   -0.018  -5.057  1.00 49.36  ? 7   DG  A N2    1 
ATOM   142 N  N3    . DG  A 1 7  ? 3.751   -0.401  -4.143  1.00 53.71  ? 7   DG  A N3    1 
ATOM   143 C  C4    . DG  A 1 7  ? 4.360   -0.702  -2.964  1.00 52.39  ? 7   DG  A C4    1 
ATOM   144 P  P     . DC  A 1 8  ? 10.041  1.277   -6.336  1.00 83.91  ? 8   DC  A P     1 
ATOM   145 O  OP1   . DC  A 1 8  ? 10.128  0.432   -7.542  1.00 79.85  ? 8   DC  A OP1   1 
ATOM   146 O  OP2   . DC  A 1 8  ? 11.064  1.296   -5.262  1.00 84.91  ? 8   DC  A OP2   1 
ATOM   147 O  "O5'" . DC  A 1 8  ? 9.807   2.803   -6.767  1.00 88.25  ? 8   DC  A "O5'" 1 
ATOM   148 C  "C5'" . DC  A 1 8  ? 8.504   3.250   -7.001  1.00 76.55  ? 8   DC  A "C5'" 1 
ATOM   149 C  "C4'" . DC  A 1 8  ? 8.423   4.227   -8.154  1.00 74.39  ? 8   DC  A "C4'" 1 
ATOM   150 O  "O4'" . DC  A 1 8  ? 9.672   4.252   -8.924  1.00 98.69  ? 8   DC  A "O4'" 1 
ATOM   151 C  "C3'" . DC  A 1 8  ? 7.323   3.909   -9.149  1.00 71.82  ? 8   DC  A "C3'" 1 
ATOM   152 O  "O3'" . DC  A 1 8  ? 6.759   5.110   -9.651  1.00 83.54  ? 8   DC  A "O3'" 1 
ATOM   153 C  "C2'" . DC  A 1 8  ? 8.075   3.162   -10.241 1.00 78.49  ? 8   DC  A "C2'" 1 
ATOM   154 C  "C1'" . DC  A 1 8  ? 9.392   3.931   -10.273 1.00 86.74  ? 8   DC  A "C1'" 1 
ATOM   155 N  N1    . DC  A 1 8  ? 10.514  3.137   -10.799 1.00 92.94  ? 8   DC  A N1    1 
ATOM   156 C  C2    . DC  A 1 8  ? 11.254  3.611   -11.893 1.00 101.99 ? 8   DC  A C2    1 
ATOM   157 O  O2    . DC  A 1 8  ? 10.952  4.696   -12.410 1.00 99.91  ? 8   DC  A O2    1 
ATOM   158 N  N3    . DC  A 1 8  ? 12.285  2.872   -12.352 1.00 105.18 ? 8   DC  A N3    1 
ATOM   159 C  C4    . DC  A 1 8  ? 12.588  1.710   -11.774 1.00 109.74 ? 8   DC  A C4    1 
ATOM   160 N  N4    . DC  A 1 8  ? 13.620  1.009   -12.277 1.00 117.73 ? 8   DC  A N4    1 
ATOM   161 C  C5    . DC  A 1 8  ? 11.853  1.211   -10.660 1.00 100.45 ? 8   DC  A C5    1 
ATOM   162 C  C6    . DC  A 1 8  ? 10.833  1.950   -10.210 1.00 96.99  ? 8   DC  A C6    1 
ATOM   163 P  P     . DG  A 1 9  ? 5.463   5.778   -8.984  1.00 75.40  ? 9   DG  A P     1 
ATOM   164 O  OP1   . DG  A 1 9  ? 4.771   6.531   -10.062 1.00 65.85  ? 9   DG  A OP1   1 
ATOM   165 O  OP2   . DG  A 1 9  ? 5.938   6.477   -7.782  1.00 70.13  ? 9   DG  A OP2   1 
ATOM   166 O  "O5'" . DG  A 1 9  ? 4.580   4.533   -8.518  1.00 65.22  ? 9   DG  A "O5'" 1 
ATOM   167 C  "C5'" . DG  A 1 9  ? 3.937   3.721   -9.496  1.00 71.37  ? 9   DG  A "C5'" 1 
ATOM   168 C  "C4'" . DG  A 1 9  ? 2.451   3.693   -9.262  1.00 68.05  ? 9   DG  A "C4'" 1 
ATOM   169 O  "O4'" . DG  A 1 9  ? 2.184   3.027   -7.998  1.00 61.28  ? 9   DG  A "O4'" 1 
ATOM   170 C  "C3'" . DG  A 1 9  ? 1.787   5.067   -9.187  1.00 55.10  ? 9   DG  A "C3'" 1 
ATOM   171 O  "O3'" . DG  A 1 9  ? 0.585   5.031   -9.969  1.00 64.70  ? 9   DG  A "O3'" 1 
ATOM   172 C  "C2'" . DG  A 1 9  ? 1.509   5.228   -7.682  1.00 65.65  ? 9   DG  A "C2'" 1 
ATOM   173 C  "C1'" . DG  A 1 9  ? 1.285   3.781   -7.254  1.00 57.09  ? 9   DG  A "C1'" 1 
ATOM   174 N  N9    . DG  A 1 9  ? 1.527   3.523   -5.824  1.00 57.10  ? 9   DG  A N9    1 
ATOM   175 C  C8    . DG  A 1 9  ? 2.722   3.258   -5.197  1.00 57.05  ? 9   DG  A C8    1 
ATOM   176 N  N7    . DG  A 1 9  ? 2.597   3.057   -3.901  1.00 55.03  ? 9   DG  A N7    1 
ATOM   177 C  C5    . DG  A 1 9  ? 1.231   3.198   -3.668  1.00 43.65  ? 9   DG  A C5    1 
ATOM   178 C  C6    . DG  A 1 9  ? 0.487   3.121   -2.462  1.00 40.81  ? 9   DG  A C6    1 
ATOM   179 O  O6    . DG  A 1 9  ? 0.899   2.890   -1.307  1.00 44.10  ? 9   DG  A O6    1 
ATOM   180 N  N1    . DG  A 1 9  ? -0.866  3.345   -2.685  1.00 48.52  ? 9   DG  A N1    1 
ATOM   181 C  C2    . DG  A 1 9  ? -1.427  3.611   -3.945  1.00 52.50  ? 9   DG  A C2    1 
ATOM   182 N  N2    . DG  A 1 9  ? -2.764  3.804   -4.003  1.00 40.74  ? 9   DG  A N2    1 
ATOM   183 N  N3    . DG  A 1 9  ? -0.726  3.711   -5.049  1.00 48.13  ? 9   DG  A N3    1 
ATOM   184 C  C4    . DG  A 1 9  ? 0.572   3.493   -4.847  1.00 46.57  ? 9   DG  A C4    1 
ATOM   185 P  P     . DG  A 1 10 ? -0.484  6.236   -9.939  1.00 72.56  ? 10  DG  A P     1 
ATOM   186 O  OP1   . DG  A 1 10 ? -1.445  5.940   -11.026 1.00 84.76  ? 10  DG  A OP1   1 
ATOM   187 O  OP2   . DG  A 1 10 ? 0.251   7.519   -9.850  1.00 64.61  ? 10  DG  A OP2   1 
ATOM   188 O  "O5'" . DG  A 1 10 ? -1.332  6.039   -8.594  1.00 66.05  ? 10  DG  A "O5'" 1 
ATOM   189 C  "C5'" . DG  A 1 10 ? -2.527  5.293   -8.634  1.00 67.26  ? 10  DG  A "C5'" 1 
ATOM   190 C  "C4'" . DG  A 1 10 ? -3.595  5.928   -7.771  1.00 53.56  ? 10  DG  A "C4'" 1 
ATOM   191 O  "O4'" . DG  A 1 10 ? -3.227  5.800   -6.362  1.00 50.08  ? 10  DG  A "O4'" 1 
ATOM   192 C  "C3'" . DG  A 1 10 ? -3.819  7.416   -7.992  1.00 50.56  ? 10  DG  A "C3'" 1 
ATOM   193 O  "O3'" . DG  A 1 10 ? -5.184  7.692   -7.754  1.00 64.97  ? 10  DG  A "O3'" 1 
ATOM   194 C  "C2'" . DG  A 1 10 ? -2.946  8.045   -6.906  1.00 51.28  ? 10  DG  A "C2'" 1 
ATOM   195 C  "C1'" . DG  A 1 10 ? -3.211  7.065   -5.763  1.00 42.06  ? 10  DG  A "C1'" 1 
ATOM   196 N  N9    . DG  A 1 10 ? -2.189  6.967   -4.750  1.00 45.43  ? 10  DG  A N9    1 
ATOM   197 C  C8    . DG  A 1 10 ? -0.834  6.788   -4.945  1.00 50.54  ? 10  DG  A C8    1 
ATOM   198 N  N7    . DG  A 1 10 ? -0.177  6.617   -3.827  1.00 49.42  ? 10  DG  A N7    1 
ATOM   199 C  C5    . DG  A 1 10 ? -1.168  6.643   -2.852  1.00 49.89  ? 10  DG  A C5    1 
ATOM   200 C  C6    . DG  A 1 10 ? -1.062  6.506   -1.447  1.00 45.15  ? 10  DG  A C6    1 
ATOM   201 O  O6    . DG  A 1 10 ? -0.045  6.323   -0.792  1.00 37.78  ? 10  DG  A O6    1 
ATOM   202 N  N1    . DG  A 1 10 ? -2.315  6.586   -0.827  1.00 38.78  ? 10  DG  A N1    1 
ATOM   203 C  C2    . DG  A 1 10 ? -3.514  6.800   -1.497  1.00 34.14  ? 10  DG  A C2    1 
ATOM   204 N  N2    . DG  A 1 10 ? -4.625  6.844   -0.750  1.00 38.99  ? 10  DG  A N2    1 
ATOM   205 N  N3    . DG  A 1 10 ? -3.616  6.896   -2.795  1.00 37.69  ? 10  DG  A N3    1 
ATOM   206 C  C4    . DG  A 1 10 ? -2.408  6.819   -3.409  1.00 45.44  ? 10  DG  A C4    1 
ATOM   207 P  P     . DC  A 1 11 ? -6.166  7.948   -8.997  1.00 64.84  ? 11  DC  A P     1 
ATOM   208 O  OP1   . DC  A 1 11 ? -6.045  6.771   -9.895  1.00 60.28  ? 11  DC  A OP1   1 
ATOM   209 O  OP2   . DC  A 1 11 ? -5.888  9.340   -9.410  1.00 74.09  ? 11  DC  A OP2   1 
ATOM   210 O  "O5'" . DC  A 1 11 ? -7.620  7.819   -8.379  1.00 73.70  ? 11  DC  A "O5'" 1 
ATOM   211 C  "C5'" . DC  A 1 11 ? -8.046  8.717   -7.402  1.00 67.42  ? 11  DC  A "C5'" 1 
ATOM   212 C  "C4'" . DC  A 1 11 ? -9.373  8.265   -6.864  1.00 71.43  ? 11  DC  A "C4'" 1 
ATOM   213 O  "O4'" . DC  A 1 11 ? -10.342 8.270   -7.941  1.00 74.00  ? 11  DC  A "O4'" 1 
ATOM   214 C  "C3'" . DC  A 1 11 ? -9.372  6.850   -6.322  1.00 63.71  ? 11  DC  A "C3'" 1 
ATOM   215 O  "O3'" . DC  A 1 11 ? -10.280 6.773   -5.313  1.00 65.97  ? 11  DC  A "O3'" 1 
ATOM   216 C  "C2'" . DC  A 1 11 ? -9.800  6.008   -7.526  1.00 72.92  ? 11  DC  A "C2'" 1 
ATOM   217 C  "C1'" . DC  A 1 11 ? -10.763 6.950   -8.236  1.00 75.84  ? 11  DC  A "C1'" 1 
ATOM   218 N  N1    . DC  A 1 11 ? -10.787 6.791   -9.718  1.00 80.99  ? 11  DC  A N1    1 
ATOM   219 C  C2    . DC  A 1 11 ? -11.880 6.174   -10.328 1.00 88.13  ? 11  DC  A C2    1 
ATOM   220 O  O2    . DC  A 1 11 ? -12.805 5.751   -9.621  1.00 91.78  ? 11  DC  A O2    1 
ATOM   221 N  N3    . DC  A 1 11 ? -11.898 6.055   -11.680 1.00 94.99  ? 11  DC  A N3    1 
ATOM   222 C  C4    . DC  A 1 11 ? -10.880 6.520   -12.408 1.00 92.45  ? 11  DC  A C4    1 
ATOM   223 N  N4    . DC  A 1 11 ? -10.944 6.375   -13.737 1.00 101.63 ? 11  DC  A N4    1 
ATOM   224 C  C5    . DC  A 1 11 ? -9.761  7.160   -11.809 1.00 82.16  ? 11  DC  A C5    1 
ATOM   225 C  C6    . DC  A 1 11 ? -9.756  7.275   -10.474 1.00 91.12  ? 11  DC  A C6    1 
ATOM   226 P  P     . DG  A 1 12 ? -9.784  6.889   -3.801  1.00 68.01  ? 12  DG  A P     1 
ATOM   227 O  OP1   . DG  A 1 12 ? -10.995 7.025   -2.973  1.00 79.72  ? 12  DG  A OP1   1 
ATOM   228 O  OP2   . DG  A 1 12 ? -8.716  7.897   -3.717  1.00 60.03  ? 12  DG  A OP2   1 
ATOM   229 O  "O5'" . DG  A 1 12 ? -9.115  5.459   -3.500  1.00 57.66  ? 12  DG  A "O5'" 1 
ATOM   230 C  "C5'" . DG  A 1 12 ? -9.928  4.334   -3.262  1.00 60.26  ? 12  DG  A "C5'" 1 
ATOM   231 C  "C4'" . DG  A 1 12 ? -9.817  3.852   -1.816  1.00 57.50  ? 12  DG  A "C4'" 1 
ATOM   232 O  "O4'" . DG  A 1 12 ? -8.525  3.213   -1.606  1.00 48.10  ? 12  DG  A "O4'" 1 
ATOM   233 C  "C3'" . DG  A 1 12 ? -9.921  4.938   -0.746  1.00 64.89  ? 12  DG  A "C3'" 1 
ATOM   234 O  "O3'" . DG  A 1 12 ? -10.660 4.467   0.360   1.00 60.59  ? 12  DG  A "O3'" 1 
ATOM   235 C  "C2'" . DG  A 1 12 ? -8.467  5.174   -0.348  1.00 51.53  ? 12  DG  A "C2'" 1 
ATOM   236 C  "C1'" . DG  A 1 12 ? -7.910  3.777   -0.482  1.00 55.52  ? 12  DG  A "C1'" 1 
ATOM   237 N  N9    . DG  A 1 12 ? -6.455  3.704   -0.690  1.00 51.36  ? 12  DG  A N9    1 
ATOM   238 C  C8    . DG  A 1 12 ? -5.766  3.893   -1.860  1.00 51.33  ? 12  DG  A C8    1 
ATOM   239 N  N7    . DG  A 1 12 ? -4.469  3.713   -1.737  1.00 52.88  ? 12  DG  A N7    1 
ATOM   240 C  C5    . DG  A 1 12 ? -4.300  3.360   -0.392  1.00 45.43  ? 12  DG  A C5    1 
ATOM   241 C  C6    . DG  A 1 12 ? -3.136  3.059   0.339   1.00 36.34  ? 12  DG  A C6    1 
ATOM   242 O  O6    . DG  A 1 12 ? -1.954  3.018   -0.065  1.00 38.61  ? 12  DG  A O6    1 
ATOM   243 N  N1    . DG  A 1 12 ? -3.425  2.769   1.680   1.00 55.81  ? 12  DG  A N1    1 
ATOM   244 C  C2    . DG  A 1 12 ? -4.717  2.798   2.236   1.00 51.37  ? 12  DG  A C2    1 
ATOM   245 N  N2    . DG  A 1 12 ? -4.824  2.501   3.541   1.00 50.74  ? 12  DG  A N2    1 
ATOM   246 N  N3    . DG  A 1 12 ? -5.802  3.091   1.549   1.00 47.43  ? 12  DG  A N3    1 
ATOM   247 C  C4    . DG  A 1 12 ? -5.527  3.364   0.259   1.00 41.00  ? 12  DG  A C4    1 
ATOM   248 P  P     . DG  A 1 13 ? -11.218 5.519   1.426   1.00 74.15  ? 13  DG  A P     1 
ATOM   249 O  OP1   . DG  A 1 13 ? -12.478 4.948   1.936   1.00 64.46  ? 13  DG  A OP1   1 
ATOM   250 O  OP2   . DG  A 1 13 ? -11.179 6.836   0.764   1.00 74.58  ? 13  DG  A OP2   1 
ATOM   251 O  "O5'" . DG  A 1 13 ? -10.140 5.547   2.608   1.00 72.91  ? 13  DG  A "O5'" 1 
ATOM   252 C  "C5'" . DG  A 1 13 ? -9.494  4.357   3.015   1.00 62.46  ? 13  DG  A "C5'" 1 
ATOM   253 C  "C4'" . DG  A 1 13 ? -9.003  4.488   4.443   1.00 53.93  ? 13  DG  A "C4'" 1 
ATOM   254 O  "O4'" . DG  A 1 13 ? -7.559  4.399   4.498   1.00 50.40  ? 13  DG  A "O4'" 1 
ATOM   255 C  "C3'" . DG  A 1 13 ? -9.341  5.792   5.133   1.00 58.27  ? 13  DG  A "C3'" 1 
ATOM   256 O  "O3'" . DG  A 1 13 ? -9.450  5.573   6.561   1.00 57.68  ? 13  DG  A "O3'" 1 
ATOM   257 C  "C2'" . DG  A 1 13 ? -8.136  6.663   4.799   1.00 48.03  ? 13  DG  A "C2'" 1 
ATOM   258 C  "C1'" . DG  A 1 13 ? -7.002  5.645   4.875   1.00 59.18  ? 13  DG  A "C1'" 1 
ATOM   259 N  N9    . DG  A 1 13 ? -5.899  5.878   3.927   1.00 49.99  ? 13  DG  A N9    1 
ATOM   260 C  C8    . DG  A 1 13 ? -6.003  6.188   2.591   1.00 46.45  ? 13  DG  A C8    1 
ATOM   261 N  N7    . DG  A 1 13 ? -4.833  6.268   1.980   1.00 46.17  ? 13  DG  A N7    1 
ATOM   262 C  C5    . DG  A 1 13 ? -3.919  5.952   2.985   1.00 40.20  ? 13  DG  A C5    1 
ATOM   263 C  C6    . DG  A 1 13 ? -2.517  5.833   2.926   1.00 41.08  ? 13  DG  A C6    1 
ATOM   264 O  O6    . DG  A 1 13 ? -1.785  6.040   1.959   1.00 37.40  ? 13  DG  A O6    1 
ATOM   265 N  N1    . DG  A 1 13 ? -1.971  5.496   4.169   1.00 46.85  ? 13  DG  A N1    1 
ATOM   266 C  C2    . DG  A 1 13 ? -2.717  5.260   5.330   1.00 51.80  ? 13  DG  A C2    1 
ATOM   267 N  N2    . DG  A 1 13 ? -2.026  4.945   6.432   1.00 41.71  ? 13  DG  A N2    1 
ATOM   268 N  N3    . DG  A 1 13 ? -4.035  5.341   5.387   1.00 40.25  ? 13  DG  A N3    1 
ATOM   269 C  C4    . DG  A 1 13 ? -4.569  5.683   4.181   1.00 40.83  ? 13  DG  A C4    1 
ATOM   270 P  P     . DA  A 1 14 ? -9.960  6.773   7.512   1.00 59.48  ? 14  DA  A P     1 
ATOM   271 O  OP1   . DA  A 1 14 ? -10.588 6.095   8.684   1.00 69.23  ? 14  DA  A OP1   1 
ATOM   272 O  OP2   . DA  A 1 14 ? -10.688 7.751   6.701   1.00 62.12  ? 14  DA  A OP2   1 
ATOM   273 O  "O5'" . DA  A 1 14 ? -8.611  7.486   8.023   1.00 63.01  ? 14  DA  A "O5'" 1 
ATOM   274 C  "C5'" . DA  A 1 14 ? -7.613  6.700   8.690   1.00 66.62  ? 14  DA  A "C5'" 1 
ATOM   275 C  "C4'" . DA  A 1 14 ? -6.276  7.432   8.761   1.00 62.37  ? 14  DA  A "C4'" 1 
ATOM   276 O  "O4'" . DA  A 1 14 ? -5.669  7.508   7.441   1.00 55.13  ? 14  DA  A "O4'" 1 
ATOM   277 C  "C3'" . DA  A 1 14 ? -6.333  8.867   9.282   1.00 58.85  ? 14  DA  A "C3'" 1 
ATOM   278 O  "O3'" . DA  A 1 14 ? -5.438  8.989   10.384  1.00 67.59  ? 14  DA  A "O3'" 1 
ATOM   279 C  "C2'" . DA  A 1 14 ? -5.866  9.721   8.090   1.00 52.98  ? 14  DA  A "C2'" 1 
ATOM   280 C  "C1'" . DA  A 1 14 ? -5.017  8.741   7.316   1.00 55.57  ? 14  DA  A "C1'" 1 
ATOM   281 N  N9    . DA  A 1 14 ? -4.954  9.040   5.896   1.00 55.02  ? 14  DA  A N9    1 
ATOM   282 C  C8    . DA  A 1 14 ? -6.011  9.357   5.086   1.00 53.20  ? 14  DA  A C8    1 
ATOM   283 N  N7    . DA  A 1 14 ? -5.670  9.564   3.841   1.00 63.95  ? 14  DA  A N7    1 
ATOM   284 C  C5    . DA  A 1 14 ? -4.300  9.363   3.826   1.00 41.87  ? 14  DA  A C5    1 
ATOM   285 C  C6    . DA  A 1 14 ? -3.362  9.444   2.785   1.00 72.73  ? 14  DA  A C6    1 
ATOM   286 N  N6    . DA  A 1 14 ? -3.714  9.756   1.502   1.00 56.84  ? 14  DA  A N6    1 
ATOM   287 N  N1    . DA  A 1 14 ? -2.057  9.184   3.087   1.00 57.70  ? 14  DA  A N1    1 
ATOM   288 C  C2    . DA  A 1 14 ? -1.746  8.877   4.380   1.00 66.16  ? 14  DA  A C2    1 
ATOM   289 N  N3    . DA  A 1 14 ? -2.556  8.795   5.445   1.00 54.09  ? 14  DA  A N3    1 
ATOM   290 C  C4    . DA  A 1 14 ? -3.834  9.045   5.087   1.00 50.19  ? 14  DA  A C4    1 
ATOM   291 O  "O5'" . DG  B 1 1  ? 7.079   -0.621  6.464   1.00 89.92  ? 1   DG  B "O5'" 1 
ATOM   292 C  "C5'" . DG  B 1 1  ? 5.826   -1.237  6.220   1.00 75.21  ? 1   DG  B "C5'" 1 
ATOM   293 C  "C4'" . DG  B 1 1  ? 5.248   -1.793  7.503   1.00 77.21  ? 1   DG  B "C4'" 1 
ATOM   294 O  "O4'" . DG  B 1 1  ? 3.831   -1.534  7.529   1.00 71.02  ? 1   DG  B "O4'" 1 
ATOM   295 C  "C3'" . DG  B 1 1  ? 5.337   -3.299  7.644   1.00 86.81  ? 1   DG  B "C3'" 1 
ATOM   296 O  "O3'" . DG  B 1 1  ? 5.033   -3.663  9.000   1.00 86.31  ? 1   DG  B "O3'" 1 
ATOM   297 C  "C2'" . DG  B 1 1  ? 4.217   -3.711  6.710   1.00 85.47  ? 1   DG  B "C2'" 1 
ATOM   298 C  "C1'" . DG  B 1 1  ? 3.145   -2.713  7.141   1.00 78.40  ? 1   DG  B "C1'" 1 
ATOM   299 N  N9    . DG  B 1 1  ? 2.164   -2.368  6.106   1.00 68.69  ? 1   DG  B N9    1 
ATOM   300 C  C8    . DG  B 1 1  ? 0.812   -2.241  6.293   1.00 58.65  ? 1   DG  B C8    1 
ATOM   301 N  N7    . DG  B 1 1  ? 0.166   -1.931  5.221   1.00 58.48  ? 1   DG  B N7    1 
ATOM   302 C  C5    . DG  B 1 1  ? 1.146   -1.829  4.253   1.00 58.93  ? 1   DG  B C5    1 
ATOM   303 C  C6    . DG  B 1 1  ? 1.028   -1.482  2.895   1.00 48.55  ? 1   DG  B C6    1 
ATOM   304 O  O6    . DG  B 1 1  ? 0.003   -1.225  2.284   1.00 48.83  ? 1   DG  B O6    1 
ATOM   305 N  N1    . DG  B 1 1  ? 2.269   -1.489  2.238   1.00 54.05  ? 1   DG  B N1    1 
ATOM   306 C  C2    . DG  B 1 1  ? 3.478   -1.784  2.867   1.00 66.81  ? 1   DG  B C2    1 
ATOM   307 N  N2    . DG  B 1 1  ? 4.588   -1.729  2.108   1.00 60.86  ? 1   DG  B N2    1 
ATOM   308 N  N3    . DG  B 1 1  ? 3.591   -2.084  4.151   1.00 61.61  ? 1   DG  B N3    1 
ATOM   309 C  C4    . DG  B 1 1  ? 2.391   -2.083  4.782   1.00 61.48  ? 1   DG  B C4    1 
ATOM   310 P  P     . DG  B 1 2  ? 5.207   -5.174  9.510   1.00 94.56  ? 2   DG  B P     1 
ATOM   311 O  OP1   . DG  B 1 2  ? 5.540   -5.084  10.952  1.00 112.42 ? 2   DG  B OP1   1 
ATOM   312 O  OP2   . DG  B 1 2  ? 6.116   -5.893  8.586   1.00 95.01  ? 2   DG  B OP2   1 
ATOM   313 O  "O5'" . DG  B 1 2  ? 3.748   -5.807  9.363   1.00 93.18  ? 2   DG  B "O5'" 1 
ATOM   314 C  "C5'" . DG  B 1 2  ? 2.637   -5.167  9.960   1.00 89.22  ? 2   DG  B "C5'" 1 
ATOM   315 C  "C4'" . DG  B 1 2  ? 1.330   -5.744  9.441   1.00 89.10  ? 2   DG  B "C4'" 1 
ATOM   316 O  "O4'" . DG  B 1 2  ? 1.045   -5.219  8.110   1.00 83.90  ? 2   DG  B "O4'" 1 
ATOM   317 C  "C3'" . DG  B 1 2  ? 1.285   -7.270  9.303   1.00 93.54  ? 2   DG  B "C3'" 1 
ATOM   318 O  "O3'" . DG  B 1 2  ? -0.010  -7.752  9.724   1.00 96.31  ? 2   DG  B "O3'" 1 
ATOM   319 C  "C2'" . DG  B 1 2  ? 1.492   -7.467  7.796   1.00 88.11  ? 2   DG  B "C2'" 1 
ATOM   320 C  "C1'" . DG  B 1 2  ? 0.675   -6.292  7.284   1.00 81.61  ? 2   DG  B "C1'" 1 
ATOM   321 N  N9    . DG  B 1 2  ? 0.894   -5.904  5.886   1.00 78.26  ? 2   DG  B N9    1 
ATOM   322 C  C8    . DG  B 1 2  ? 2.085   -5.859  5.191   1.00 72.40  ? 2   DG  B C8    1 
ATOM   323 N  N7    . DG  B 1 2  ? 1.950   -5.435  3.962   1.00 71.18  ? 2   DG  B N7    1 
ATOM   324 C  C5    . DG  B 1 2  ? 0.587   -5.171  3.844   1.00 67.36  ? 2   DG  B C5    1 
ATOM   325 C  C6    . DG  B 1 2  ? -0.163  -4.695  2.738   1.00 61.71  ? 2   DG  B C6    1 
ATOM   326 O  O6    . DG  B 1 2  ? 0.245   -4.380  1.602   1.00 56.65  ? 2   DG  B O6    1 
ATOM   327 N  N1    . DG  B 1 2  ? -1.520  -4.577  3.052   1.00 64.92  ? 2   DG  B N1    1 
ATOM   328 C  C2    . DG  B 1 2  ? -2.079  -4.873  4.270   1.00 57.20  ? 2   DG  B C2    1 
ATOM   329 N  N2    . DG  B 1 2  ? -3.394  -4.697  4.374   1.00 56.73  ? 2   DG  B N2    1 
ATOM   330 N  N3    . DG  B 1 2  ? -1.391  -5.321  5.309   1.00 62.22  ? 2   DG  B N3    1 
ATOM   331 C  C4    . DG  B 1 2  ? -0.068  -5.450  5.022   1.00 64.14  ? 2   DG  B C4    1 
ATOM   332 P  P     . DC  B 1 3  ? -0.168  -8.602  11.081  1.00 103.17 ? 3   DC  B P     1 
ATOM   333 O  OP1   . DC  B 1 3  ? -0.057  -7.656  12.210  1.00 100.95 ? 3   DC  B OP1   1 
ATOM   334 O  OP2   . DC  B 1 3  ? 0.750   -9.754  10.958  1.00 100.90 ? 3   DC  B OP2   1 
ATOM   335 O  "O5'" . DC  B 1 3  ? -1.686  -9.141  11.041  1.00 106.48 ? 3   DC  B "O5'" 1 
ATOM   336 C  "C5'" . DC  B 1 3  ? -1.964  -10.503 10.651  1.00 104.52 ? 3   DC  B "C5'" 1 
ATOM   337 C  "C4'" . DC  B 1 3  ? -3.368  -10.641 10.064  1.00 104.08 ? 3   DC  B "C4'" 1 
ATOM   338 O  "O4'" . DC  B 1 3  ? -4.346  -10.131 11.007  1.00 104.46 ? 3   DC  B "O4'" 1 
ATOM   339 C  "C3'" . DC  B 1 3  ? -3.612  -9.882  8.748   1.00 100.51 ? 3   DC  B "C3'" 1 
ATOM   340 O  "O3'" . DC  B 1 3  ? -4.413  -10.669 7.866   1.00 102.61 ? 3   DC  B "O3'" 1 
ATOM   341 C  "C2'" . DC  B 1 3  ? -4.363  -8.642  9.205   1.00 94.39  ? 3   DC  B "C2'" 1 
ATOM   342 C  "C1'" . DC  B 1 3  ? -5.185  -9.206  10.360  1.00 99.70  ? 3   DC  B "C1'" 1 
ATOM   343 N  N1    . DC  B 1 3  ? -5.590  -8.170  11.338  1.00 98.32  ? 3   DC  B N1    1 
ATOM   344 C  C2    . DC  B 1 3  ? -6.647  -7.310  11.026  1.00 102.15 ? 3   DC  B C2    1 
ATOM   345 O  O2    . DC  B 1 3  ? -7.230  -7.438  9.938   1.00 103.67 ? 3   DC  B O2    1 
ATOM   346 N  N3    . DC  B 1 3  ? -7.006  -6.358  11.920  1.00 100.23 ? 3   DC  B N3    1 
ATOM   347 C  C4    . DC  B 1 3  ? -6.349  -6.241  13.065  1.00 101.83 ? 3   DC  B C4    1 
ATOM   348 N  N4    . DC  B 1 3  ? -6.742  -5.283  13.905  1.00 106.75 ? 3   DC  B N4    1 
ATOM   349 C  C5    . DC  B 1 3  ? -5.265  -7.105  13.403  1.00 107.88 ? 3   DC  B C5    1 
ATOM   350 C  C6    . DC  B 1 3  ? -4.919  -8.045  12.514  1.00 102.72 ? 3   DC  B C6    1 
ATOM   351 P  P     . DT  B 1 4  ? -3.992  -10.838 6.324   1.00 96.91  ? 4   DT  B P     1 
ATOM   352 O  OP1   . DT  B 1 4  ? -5.221  -11.147 5.556   1.00 97.90  ? 4   DT  B OP1   1 
ATOM   353 O  OP2   . DT  B 1 4  ? -2.829  -11.753 6.249   1.00 94.29  ? 4   DT  B OP2   1 
ATOM   354 O  "O5'" . DT  B 1 4  ? -3.461  -9.393  5.922   1.00 94.19  ? 4   DT  B "O5'" 1 
ATOM   355 C  "C5'" . DT  B 1 4  ? -4.294  -8.487  5.208   1.00 90.99  ? 4   DT  B "C5'" 1 
ATOM   356 C  "C4'" . DT  B 1 4  ? -3.680  -8.149  3.864   1.00 82.92  ? 4   DT  B "C4'" 1 
ATOM   357 O  "O4'" . DT  B 1 4  ? -2.262  -7.949  4.014   1.00 85.01  ? 4   DT  B "O4'" 1 
ATOM   358 C  "C3'" . DT  B 1 4  ? -3.847  -9.232  2.810   1.00 89.81  ? 4   DT  B "C3'" 1 
ATOM   359 O  "O3'" . DT  B 1 4  ? -4.687  -8.753  1.796   1.00 93.39  ? 4   DT  B "O3'" 1 
ATOM   360 C  "C2'" . DT  B 1 4  ? -2.430  -9.516  2.286   1.00 89.25  ? 4   DT  B "C2'" 1 
ATOM   361 C  "C1'" . DT  B 1 4  ? -1.601  -8.374  2.854   1.00 78.20  ? 4   DT  B "C1'" 1 
ATOM   362 N  N1    . DT  B 1 4  ? -0.213  -8.782  3.231   1.00 84.54  ? 4   DT  B N1    1 
ATOM   363 C  C2    . DT  B 1 4  ? -0.002  -9.559  4.373   1.00 94.06  ? 4   DT  B C2    1 
ATOM   364 O  O2    . DT  B 1 4  ? -0.897  -9.956  5.110   1.00 95.67  ? 4   DT  B O2    1 
ATOM   365 N  N3    . DT  B 1 4  ? 1.312   -9.868  4.616   1.00 97.82  ? 4   DT  B N3    1 
ATOM   366 C  C4    . DT  B 1 4  ? 2.417   -9.496  3.872   1.00 90.45  ? 4   DT  B C4    1 
ATOM   367 O  O4    . DT  B 1 4  ? 3.557   -9.836  4.177   1.00 94.36  ? 4   DT  B O4    1 
ATOM   368 C  C5    . DT  B 1 4  ? 2.141   -8.694  2.707   1.00 85.01  ? 4   DT  B C5    1 
ATOM   369 C  C7    . DT  B 1 4  ? 3.272   -8.239  1.836   1.00 86.55  ? 4   DT  B C7    1 
ATOM   370 C  C6    . DT  B 1 4  ? 0.852   -8.377  2.439   1.00 85.79  ? 4   DT  B C6    1 
ATOM   371 P  P     . DC  B 1 5  ? -5.716  -9.746  1.083   1.00 86.77  ? 5   DC  B P     1 
ATOM   372 O  OP1   . DC  B 1 5  ? -6.819  -10.031 2.039   1.00 100.46 ? 5   DC  B OP1   1 
ATOM   373 O  OP2   . DC  B 1 5  ? -4.873  -10.841 0.549   1.00 93.67  ? 5   DC  B OP2   1 
ATOM   374 O  "O5'" . DC  B 1 5  ? -6.287  -8.881  -0.139  1.00 91.14  ? 5   DC  B "O5'" 1 
ATOM   375 C  "C5'" . DC  B 1 5  ? -6.877  -7.609  0.101   1.00 84.76  ? 5   DC  B "C5'" 1 
ATOM   376 C  "C4'" . DC  B 1 5  ? -6.720  -6.702  -1.109  1.00 83.13  ? 5   DC  B "C4'" 1 
ATOM   377 O  "O4'" . DC  B 1 5  ? -5.376  -6.176  -1.141  1.00 79.77  ? 5   DC  B "O4'" 1 
ATOM   378 C  "C3'" . DC  B 1 5  ? -6.960  -7.365  -2.472  1.00 80.16  ? 5   DC  B "C3'" 1 
ATOM   379 O  "O3'" . DC  B 1 5  ? -7.795  -6.536  -3.274  1.00 81.93  ? 5   DC  B "O3'" 1 
ATOM   380 C  "C2'" . DC  B 1 5  ? -5.553  -7.482  -3.062  1.00 80.04  ? 5   DC  B "C2'" 1 
ATOM   381 C  "C1'" . DC  B 1 5  ? -4.871  -6.268  -2.453  1.00 77.28  ? 5   DC  B "C1'" 1 
ATOM   382 N  N1    . DC  B 1 5  ? -3.387  -6.371  -2.367  1.00 60.23  ? 5   DC  B N1    1 
ATOM   383 C  C2    . DC  B 1 5  ? -2.614  -6.322  -3.535  1.00 73.70  ? 5   DC  B C2    1 
ATOM   384 O  O2    . DC  B 1 5  ? -3.186  -6.207  -4.644  1.00 79.24  ? 5   DC  B O2    1 
ATOM   385 N  N3    . DC  B 1 5  ? -1.259  -6.399  -3.421  1.00 63.12  ? 5   DC  B N3    1 
ATOM   386 C  C4    . DC  B 1 5  ? -0.699  -6.507  -2.209  1.00 69.38  ? 5   DC  B C4    1 
ATOM   387 N  N4    . DC  B 1 5  ? 0.621   -6.589  -2.135  1.00 74.81  ? 5   DC  B N4    1 
ATOM   388 C  C5    . DC  B 1 5  ? -1.476  -6.545  -1.018  1.00 65.69  ? 5   DC  B C5    1 
ATOM   389 C  C6    . DC  B 1 5  ? -2.797  -6.474  -1.147  1.00 58.11  ? 5   DC  B C6    1 
ATOM   390 P  P     . DG  B 1 6  ? -9.395  -6.706  -3.231  1.00 87.62  ? 6   DG  B P     1 
ATOM   391 O  OP1   . DG  B 1 6  ? -9.708  -8.140  -3.415  1.00 90.85  ? 6   DG  B OP1   1 
ATOM   392 O  OP2   . DG  B 1 6  ? -9.970  -5.710  -4.155  1.00 89.58  ? 6   DG  B OP2   1 
ATOM   393 O  "O5'" . DG  B 1 6  ? -9.813  -6.236  -1.747  1.00 84.48  ? 6   DG  B "O5'" 1 
ATOM   394 C  "C5'" . DG  B 1 6  ? -10.031 -4.832  -1.465  1.00 79.08  ? 6   DG  B "C5'" 1 
ATOM   395 C  "C4'" . DG  B 1 6  ? -10.285 -4.599  0.020   1.00 69.90  ? 6   DG  B "C4'" 1 
ATOM   396 O  "O4'" . DG  B 1 6  ? -9.086  -4.897  0.767   1.00 66.11  ? 6   DG  B "O4'" 1 
ATOM   397 C  "C3'" . DG  B 1 6  ? -10.656 -3.170  0.419   1.00 81.92  ? 6   DG  B "C3'" 1 
ATOM   398 O  "O3'" . DG  B 1 6  ? -11.573 -3.205  1.506   1.00 73.51  ? 6   DG  B "O3'" 1 
ATOM   399 C  "C2'" . DG  B 1 6  ? -9.315  -2.587  0.859   1.00 65.96  ? 6   DG  B "C2'" 1 
ATOM   400 C  "C1'" . DG  B 1 6  ? -8.720  -3.791  1.565   1.00 63.20  ? 6   DG  B "C1'" 1 
ATOM   401 N  N9    . DG  B 1 6  ? -7.258  -3.788  1.646   1.00 67.67  ? 6   DG  B N9    1 
ATOM   402 C  C8    . DG  B 1 6  ? -6.494  -4.023  2.751   1.00 63.05  ? 6   DG  B C8    1 
ATOM   403 N  N7    . DG  B 1 6  ? -5.218  -3.994  2.520   1.00 57.45  ? 6   DG  B N7    1 
ATOM   404 C  C5    . DG  B 1 6  ? -5.124  -3.724  1.167   1.00 65.71  ? 6   DG  B C5    1 
ATOM   405 C  C6    . DG  B 1 6  ? -3.988  -3.575  0.359   1.00 58.48  ? 6   DG  B C6    1 
ATOM   406 O  O6    . DG  B 1 6  ? -2.808  -3.657  0.696   1.00 57.94  ? 6   DG  B O6    1 
ATOM   407 N  N1    . DG  B 1 6  ? -4.322  -3.300  -0.966  1.00 56.67  ? 6   DG  B N1    1 
ATOM   408 C  C2    . DG  B 1 6  ? -5.610  -3.187  -1.435  1.00 56.28  ? 6   DG  B C2    1 
ATOM   409 N  N2    . DG  B 1 6  ? -5.742  -2.929  -2.743  1.00 52.69  ? 6   DG  B N2    1 
ATOM   410 N  N3    . DG  B 1 6  ? -6.693  -3.339  -0.680  1.00 53.82  ? 6   DG  B N3    1 
ATOM   411 C  C4    . DG  B 1 6  ? -6.371  -3.588  0.609   1.00 65.77  ? 6   DG  B C4    1 
ATOM   412 P  P     . DG  B 1 7  ? -12.389 -1.887  1.929   1.00 79.98  ? 7   DG  B P     1 
ATOM   413 O  OP1   . DG  B 1 7  ? -13.569 -2.337  2.722   1.00 81.41  ? 7   DG  B OP1   1 
ATOM   414 O  OP2   . DG  B 1 7  ? -12.553 -1.070  0.708   1.00 76.12  ? 7   DG  B OP2   1 
ATOM   415 O  "O5'" . DG  B 1 7  ? -11.444 -1.141  2.968   1.00 68.27  ? 7   DG  B "O5'" 1 
ATOM   416 C  "C5'" . DG  B 1 7  ? -10.812 -1.870  3.977   1.00 70.27  ? 7   DG  B "C5'" 1 
ATOM   417 C  "C4'" . DG  B 1 7  ? -9.622  -1.103  4.493   1.00 79.17  ? 7   DG  B "C4'" 1 
ATOM   418 O  "O4'" . DG  B 1 7  ? -8.436  -1.432  3.716   1.00 72.74  ? 7   DG  B "O4'" 1 
ATOM   419 C  "C3'" . DG  B 1 7  ? -9.758  0.434   4.407   1.00 76.17  ? 7   DG  B "C3'" 1 
ATOM   420 O  "O3'" . DG  B 1 7  ? -9.528  1.028   5.665   1.00 76.52  ? 7   DG  B "O3'" 1 
ATOM   421 C  "C2'" . DG  B 1 7  ? -8.650  0.821   3.447   1.00 58.15  ? 7   DG  B "C2'" 1 
ATOM   422 C  "C1'" . DG  B 1 7  ? -7.658  -0.284  3.720   1.00 65.31  ? 7   DG  B "C1'" 1 
ATOM   423 N  N9    . DG  B 1 7  ? -6.592  -0.346  2.722   1.00 49.42  ? 7   DG  B N9    1 
ATOM   424 C  C8    . DG  B 1 7  ? -6.704  -0.070  1.393   1.00 46.67  ? 7   DG  B C8    1 
ATOM   425 N  N7    . DG  B 1 7  ? -5.563  -0.149  0.754   1.00 64.72  ? 7   DG  B N7    1 
ATOM   426 C  C5    . DG  B 1 7  ? -4.648  -0.500  1.742   1.00 45.28  ? 7   DG  B C5    1 
ATOM   427 C  C6    . DG  B 1 7  ? -3.265  -0.717  1.648   1.00 54.62  ? 7   DG  B C6    1 
ATOM   428 O  O6    . DG  B 1 7  ? -2.558  -0.621  0.643   1.00 43.20  ? 7   DG  B O6    1 
ATOM   429 N  N1    . DG  B 1 7  ? -2.704  -1.050  2.886   1.00 53.77  ? 7   DG  B N1    1 
ATOM   430 C  C2    . DG  B 1 7  ? -3.413  -1.155  4.073   1.00 55.27  ? 7   DG  B C2    1 
ATOM   431 N  N2    . DG  B 1 7  ? -2.703  -1.489  5.168   1.00 54.60  ? 7   DG  B N2    1 
ATOM   432 N  N3    . DG  B 1 7  ? -4.712  -0.941  4.175   1.00 49.69  ? 7   DG  B N3    1 
ATOM   433 C  C4    . DG  B 1 7  ? -5.262  -0.604  2.962   1.00 51.57  ? 7   DG  B C4    1 
ATOM   434 P  P     . DC  B 1 8  ? -10.714 1.143   6.736   1.00 74.83  ? 8   DC  B P     1 
ATOM   435 O  OP1   . DC  B 1 8  ? -11.216 -0.233  6.950   1.00 82.16  ? 8   DC  B OP1   1 
ATOM   436 O  OP2   . DC  B 1 8  ? -11.625 2.247   6.346   1.00 66.43  ? 8   DC  B OP2   1 
ATOM   437 O  "O5'" . DC  B 1 8  ? -9.976  1.566   8.082   1.00 65.29  ? 8   DC  B "O5'" 1 
ATOM   438 C  "C5'" . DC  B 1 8  ? -9.768  2.922   8.349   1.00 63.93  ? 8   DC  B "C5'" 1 
ATOM   439 C  "C4'" . DC  B 1 8  ? -9.199  3.104   9.735   1.00 74.63  ? 8   DC  B "C4'" 1 
ATOM   440 O  "O4'" . DC  B 1 8  ? -10.238 2.831   10.720  1.00 78.47  ? 8   DC  B "O4'" 1 
ATOM   441 C  "C3'" . DC  B 1 8  ? -8.026  2.188   10.104  1.00 71.65  ? 8   DC  B "C3'" 1 
ATOM   442 O  "O3'" . DC  B 1 8  ? -7.180  2.899   10.973  1.00 80.34  ? 8   DC  B "O3'" 1 
ATOM   443 C  "C2'" . DC  B 1 8  ? -8.727  1.078   10.884  1.00 93.39  ? 8   DC  B "C2'" 1 
ATOM   444 C  "C1'" . DC  B 1 8  ? -9.718  1.918   11.675  1.00 90.98  ? 8   DC  B "C1'" 1 
ATOM   445 N  N1    . DC  B 1 8  ? -10.823 1.146   12.272  1.00 96.77  ? 8   DC  B N1    1 
ATOM   446 C  C2    . DC  B 1 8  ? -10.700 0.644   13.589  1.00 105.54 ? 8   DC  B C2    1 
ATOM   447 O  O2    . DC  B 1 8  ? -9.665  0.857   14.241  1.00 99.56  ? 8   DC  B O2    1 
ATOM   448 N  N3    . DC  B 1 8  ? -11.719 -0.063  14.113  1.00 115.72 ? 8   DC  B N3    1 
ATOM   449 C  C4    . DC  B 1 8  ? -12.823 -0.287  13.407  1.00 115.67 ? 8   DC  B C4    1 
ATOM   450 N  N4    . DC  B 1 8  ? -13.799 -1.003  13.993  1.00 123.38 ? 8   DC  B N4    1 
ATOM   451 C  C5    . DC  B 1 8  ? -12.980 0.204   12.080  1.00 102.77 ? 8   DC  B C5    1 
ATOM   452 C  C6    . DC  B 1 8  ? -11.960 0.910   11.551  1.00 103.84 ? 8   DC  B C6    1 
ATOM   453 P  P     . DG  B 1 9  ? -5.603  3.037   10.725  1.00 75.93  ? 9   DG  B P     1 
ATOM   454 O  OP1   . DG  B 1 9  ? -4.927  2.949   12.031  1.00 73.64  ? 9   DG  B OP1   1 
ATOM   455 O  OP2   . DG  B 1 9  ? -5.435  4.275   9.952   1.00 81.91  ? 9   DG  B OP2   1 
ATOM   456 O  "O5'" . DG  B 1 9  ? -5.170  1.736   9.877   1.00 73.86  ? 9   DG  B "O5'" 1 
ATOM   457 C  "C5'" . DG  B 1 9  ? -4.727  0.527   10.575  1.00 88.88  ? 9   DG  B "C5'" 1 
ATOM   458 C  "C4'" . DG  B 1 9  ? -3.233  0.210   10.359  1.00 78.02  ? 9   DG  B "C4'" 1 
ATOM   459 O  "O4'" . DG  B 1 9  ? -2.959  0.019   8.942   1.00 61.49  ? 9   DG  B "O4'" 1 
ATOM   460 C  "C3'" . DG  B 1 9  ? -2.224  1.271   10.834  1.00 74.07  ? 9   DG  B "C3'" 1 
ATOM   461 O  "O3'" . DG  B 1 9  ? -1.040  0.652   11.363  1.00 74.71  ? 9   DG  B "O3'" 1 
ATOM   462 C  "C2'" . DG  B 1 9  ? -1.876  1.976   9.542   1.00 60.30  ? 9   DG  B "C2'" 1 
ATOM   463 C  "C1'" . DG  B 1 9  ? -1.838  0.792   8.592   1.00 58.56  ? 9   DG  B "C1'" 1 
ATOM   464 N  N9    . DG  B 1 9  ? -1.956  1.181   7.174   1.00 54.36  ? 9   DG  B N9    1 
ATOM   465 C  C8    . DG  B 1 9  ? -3.102  1.526   6.508   1.00 50.94  ? 9   DG  B C8    1 
ATOM   466 N  N7    . DG  B 1 9  ? -2.900  1.853   5.262   1.00 60.86  ? 9   DG  B N7    1 
ATOM   467 C  C5    . DG  B 1 9  ? -1.527  1.705   5.090   1.00 48.82  ? 9   DG  B C5    1 
ATOM   468 C  C6    . DG  B 1 9  ? -0.718  1.909   3.942   1.00 44.71  ? 9   DG  B C6    1 
ATOM   469 O  O6    . DG  B 1 9  ? -1.077  2.274   2.797   1.00 45.62  ? 9   DG  B O6    1 
ATOM   470 N  N1    . DG  B 1 9  ? 0.621   1.653   4.204   1.00 43.05  ? 9   DG  B N1    1 
ATOM   471 C  C2    . DG  B 1 9  ? 1.120   1.237   5.443   1.00 52.99  ? 9   DG  B C2    1 
ATOM   472 N  N2    . DG  B 1 9  ? 2.442   1.037   5.528   1.00 52.58  ? 9   DG  B N2    1 
ATOM   473 N  N3    . DG  B 1 9  ? 0.371   1.053   6.513   1.00 58.07  ? 9   DG  B N3    1 
ATOM   474 C  C4    . DG  B 1 9  ? -0.936  1.298   6.269   1.00 51.34  ? 9   DG  B C4    1 
ATOM   475 P  P     . DG  B 1 10 ? 0.128   1.578   11.974  1.00 81.86  ? 10  DG  B P     1 
ATOM   476 O  OP1   . DG  B 1 10 ? 0.722   0.810   13.100  1.00 91.40  ? 10  DG  B OP1   1 
ATOM   477 O  OP2   . DG  B 1 10 ? -0.432  2.913   12.261  1.00 78.20  ? 10  DG  B OP2   1 
ATOM   478 O  "O5'" . DG  B 1 10 ? 1.233   1.725   10.834  1.00 72.68  ? 10  DG  B "O5'" 1 
ATOM   479 C  "C5'" . DG  B 1 10 ? 2.127   0.655   10.546  1.00 73.42  ? 10  DG  B "C5'" 1 
ATOM   480 C  "C4'" . DG  B 1 10 ? 3.392   1.154   9.848   1.00 71.38  ? 10  DG  B "C4'" 1 
ATOM   481 O  "O4'" . DG  B 1 10 ? 3.078   1.669   8.517   1.00 64.49  ? 10  DG  B "O4'" 1 
ATOM   482 C  "C3'" . DG  B 1 10 ? 4.134   2.287   10.539  1.00 73.04  ? 10  DG  B "C3'" 1 
ATOM   483 O  "O3'" . DG  B 1 10 ? 5.534   2.115   10.314  1.00 77.53  ? 10  DG  B "O3'" 1 
ATOM   484 C  "C2'" . DG  B 1 10 ? 3.598   3.516   9.798   1.00 65.82  ? 10  DG  B "C2'" 1 
ATOM   485 C  "C1'" . DG  B 1 10 ? 3.598   2.983   8.386   1.00 61.20  ? 10  DG  B "C1'" 1 
ATOM   486 N  N9    . DG  B 1 10 ? 2.739   3.684   7.419   1.00 59.96  ? 10  DG  B N9    1 
ATOM   487 C  C8    . DG  B 1 10 ? 1.389   3.900   7.532   1.00 57.47  ? 10  DG  B C8    1 
ATOM   488 N  N7    . DG  B 1 10 ? 0.860   4.478   6.482   1.00 49.28  ? 10  DG  B N7    1 
ATOM   489 C  C5    . DG  B 1 10 ? 1.927   4.617   5.600   1.00 55.43  ? 10  DG  B C5    1 
ATOM   490 C  C6    . DG  B 1 10 ? 1.944   5.146   4.285   1.00 46.66  ? 10  DG  B C6    1 
ATOM   491 O  O6    . DG  B 1 10 ? 0.994   5.621   3.662   1.00 44.77  ? 10  DG  B O6    1 
ATOM   492 N  N1    . DG  B 1 10 ? 3.226   5.115   3.714   1.00 47.49  ? 10  DG  B N1    1 
ATOM   493 C  C2    . DG  B 1 10 ? 4.353   4.589   4.358   1.00 61.60  ? 10  DG  B C2    1 
ATOM   494 N  N2    . DG  B 1 10 ? 5.500   4.637   3.676   1.00 46.88  ? 10  DG  B N2    1 
ATOM   495 N  N3    . DG  B 1 10 ? 4.332   4.072   5.589   1.00 52.58  ? 10  DG  B N3    1 
ATOM   496 C  C4    . DG  B 1 10 ? 3.090   4.120   6.149   1.00 50.20  ? 10  DG  B C4    1 
ATOM   497 P  P     . DC  B 1 11 ? 6.469   1.449   11.452  1.00 87.09  ? 11  DC  B P     1 
ATOM   498 O  OP1   . DC  B 1 11 ? 5.912   0.118   11.826  1.00 80.09  ? 11  DC  B OP1   1 
ATOM   499 O  OP2   . DC  B 1 11 ? 6.662   2.553   12.417  1.00 79.78  ? 11  DC  B OP2   1 
ATOM   500 O  "O5'" . DC  B 1 11 ? 7.869   1.199   10.704  1.00 89.05  ? 11  DC  B "O5'" 1 
ATOM   501 C  "C5'" . DC  B 1 11 ? 8.724   2.310   10.419  1.00 93.00  ? 11  DC  B "C5'" 1 
ATOM   502 C  "C4'" . DC  B 1 11 ? 9.971   1.872   9.666   1.00 103.22 ? 11  DC  B "C4'" 1 
ATOM   503 O  "O4'" . DC  B 1 11 ? 10.846  1.100   10.535  1.00 118.90 ? 11  DC  B "O4'" 1 
ATOM   504 C  "C3'" . DC  B 1 11 ? 9.726   0.984   8.437   1.00 105.43 ? 11  DC  B "C3'" 1 
ATOM   505 O  "O3'" . DC  B 1 11 ? 10.579  1.396   7.394   1.00 107.39 ? 11  DC  B "O3'" 1 
ATOM   506 C  "C2'" . DC  B 1 11 ? 10.142  -0.389  8.938   1.00 113.20 ? 11  DC  B "C2'" 1 
ATOM   507 C  "C1'" . DC  B 1 11 ? 11.326  0.019   9.780   1.00 123.45 ? 11  DC  B "C1'" 1 
ATOM   508 N  N1    . DC  B 1 11 ? 11.846  -1.048  10.672  1.00 136.94 ? 11  DC  B N1    1 
ATOM   509 C  C2    . DC  B 1 11 ? 13.090  -0.879  11.290  1.00 148.01 ? 11  DC  B C2    1 
ATOM   510 O  O2    . DC  B 1 11 ? 13.712  0.179   11.115  1.00 146.99 ? 11  DC  B O2    1 
ATOM   511 N  N3    . DC  B 1 11 ? 13.565  -1.868  12.089  1.00 157.85 ? 11  DC  B N3    1 
ATOM   512 C  C4    . DC  B 1 11 ? 12.859  -2.992  12.252  1.00 157.80 ? 11  DC  B C4    1 
ATOM   513 N  N4    . DC  B 1 11 ? 13.369  -3.938  13.050  1.00 166.00 ? 11  DC  B N4    1 
ATOM   514 C  C5    . DC  B 1 11 ? 11.595  -3.186  11.618  1.00 147.90 ? 11  DC  B C5    1 
ATOM   515 C  C6    . DC  B 1 11 ? 11.136  -2.202  10.837  1.00 139.04 ? 11  DC  B C6    1 
ATOM   516 P  P     . DG  B 1 12 ? 10.016  2.319   6.212   1.00 104.68 ? 12  DG  B P     1 
ATOM   517 O  OP1   . DG  B 1 12 ? 11.178  2.928   5.521   1.00 106.09 ? 12  DG  B OP1   1 
ATOM   518 O  OP2   . DG  B 1 12 ? 8.983   3.189   6.819   1.00 97.72  ? 12  DG  B OP2   1 
ATOM   519 O  "O5'" . DG  B 1 12 ? 9.323   1.266   5.219   1.00 92.98  ? 12  DG  B "O5'" 1 
ATOM   520 C  "C5'" . DG  B 1 12 ? 10.111  0.307   4.527   1.00 89.98  ? 12  DG  B "C5'" 1 
ATOM   521 C  "C4'" . DG  B 1 12 ? 9.877   0.405   3.032   1.00 86.03  ? 12  DG  B "C4'" 1 
ATOM   522 O  "O4'" . DG  B 1 12 ? 8.459   0.179   2.744   1.00 76.16  ? 12  DG  B "O4'" 1 
ATOM   523 C  "C3'" . DG  B 1 12 ? 10.214  1.766   2.419   1.00 85.61  ? 12  DG  B "C3'" 1 
ATOM   524 O  "O3'" . DG  B 1 12 ? 10.841  1.599   1.157   1.00 84.97  ? 12  DG  B "O3'" 1 
ATOM   525 C  "C2'" . DG  B 1 12 ? 8.836   2.413   2.263   1.00 73.22  ? 12  DG  B "C2'" 1 
ATOM   526 C  "C1'" . DG  B 1 12 ? 8.002   1.199   1.892   1.00 71.74  ? 12  DG  B "C1'" 1 
ATOM   527 N  N9    . DG  B 1 12 ? 6.561   1.379   2.103   1.00 63.26  ? 12  DG  B N9    1 
ATOM   528 C  C8    . DG  B 1 12 ? 5.879   1.245   3.283   1.00 59.56  ? 12  DG  B C8    1 
ATOM   529 N  N7    . DG  B 1 12 ? 4.598   1.459   3.167   1.00 53.66  ? 12  DG  B N7    1 
ATOM   530 C  C5    . DG  B 1 12 ? 4.430   1.752   1.830   1.00 58.16  ? 12  DG  B C5    1 
ATOM   531 C  C6    . DG  B 1 12 ? 3.265   2.058   1.122   1.00 50.66  ? 12  DG  B C6    1 
ATOM   532 O  O6    . DG  B 1 12 ? 2.125   2.148   1.567   1.00 51.20  ? 12  DG  B O6    1 
ATOM   533 N  N1    . DG  B 1 12 ? 3.519   2.284   -0.228  1.00 54.48  ? 12  DG  B N1    1 
ATOM   534 C  C2    . DG  B 1 12 ? 4.769   2.207   -0.810  1.00 52.51  ? 12  DG  B C2    1 
ATOM   535 N  N2    . DG  B 1 12 ? 4.841   2.468   -2.120  1.00 48.54  ? 12  DG  B N2    1 
ATOM   536 N  N3    . DG  B 1 12 ? 5.868   1.914   -0.149  1.00 54.41  ? 12  DG  B N3    1 
ATOM   537 C  C4    . DG  B 1 12 ? 5.630   1.705   1.161   1.00 56.94  ? 12  DG  B C4    1 
ATOM   538 P  P     . DG  B 1 13 ? 11.468  2.878   0.408   1.00 92.80  ? 13  DG  B P     1 
ATOM   539 O  OP1   . DG  B 1 13 ? 12.537  2.389   -0.491  1.00 102.30 ? 13  DG  B OP1   1 
ATOM   540 O  OP2   . DG  B 1 13 ? 11.767  3.878   1.452   1.00 94.65  ? 13  DG  B OP2   1 
ATOM   541 O  "O5'" . DG  B 1 13 ? 10.266  3.476   -0.483  1.00 95.05  ? 13  DG  B "O5'" 1 
ATOM   542 C  "C5'" . DG  B 1 13 ? 9.781   2.760   -1.607  1.00 83.07  ? 13  DG  B "C5'" 1 
ATOM   543 C  "C4'" . DG  B 1 13 ? 9.323   3.692   -2.733  1.00 80.91  ? 13  DG  B "C4'" 1 
ATOM   544 O  "O4'" . DG  B 1 13 ? 7.900   4.002   -2.613  1.00 64.67  ? 13  DG  B "O4'" 1 
ATOM   545 C  "C3'" . DG  B 1 13 ? 10.008  5.037   -2.818  1.00 81.84  ? 13  DG  B "C3'" 1 
ATOM   546 O  "O3'" . DG  B 1 13 ? 9.979   5.463   -4.180  1.00 77.91  ? 13  DG  B "O3'" 1 
ATOM   547 C  "C2'" . DG  B 1 13 ? 9.092   5.900   -1.941  1.00 67.92  ? 13  DG  B "C2'" 1 
ATOM   548 C  "C1'" . DG  B 1 13 ? 7.719   5.380   -2.356  1.00 60.36  ? 13  DG  B "C1'" 1 
ATOM   549 N  N9    . DG  B 1 13 ? 6.677   5.451   -1.337  1.00 60.18  ? 13  DG  B N9    1 
ATOM   550 C  C8    . DG  B 1 13 ? 6.814   5.200   0.005   1.00 56.64  ? 13  DG  B C8    1 
ATOM   551 N  N7    . DG  B 1 13 ? 5.689   5.284   0.656   1.00 54.31  ? 13  DG  B N7    1 
ATOM   552 C  C5    . DG  B 1 13 ? 4.744   5.572   -0.326  1.00 54.15  ? 13  DG  B C5    1 
ATOM   553 C  C6    . DG  B 1 13 ? 3.343   5.758   -0.218  1.00 44.79  ? 13  DG  B C6    1 
ATOM   554 O  O6    . DG  B 1 13 ? 2.686   5.699   0.777   1.00 45.16  ? 13  DG  B O6    1 
ATOM   555 N  N1    . DG  B 1 13 ? 2.734   6.025   -1.457  1.00 43.40  ? 13  DG  B N1    1 
ATOM   556 C  C2    . DG  B 1 13 ? 3.428   6.098   -2.649  1.00 47.70  ? 13  DG  B C2    1 
ATOM   557 N  N2    . DG  B 1 13 ? 2.718   6.379   -3.751  1.00 45.01  ? 13  DG  B N2    1 
ATOM   558 N  N3    . DG  B 1 13 ? 4.738   5.920   -2.746  1.00 52.20  ? 13  DG  B N3    1 
ATOM   559 C  C4    . DG  B 1 13 ? 5.325   5.655   -1.553  1.00 46.78  ? 13  DG  B C4    1 
ATOM   560 P  P     . DA  B 1 14 ? 10.746  6.797   -4.626  1.00 78.88  ? 14  DA  B P     1 
ATOM   561 O  OP1   . DA  B 1 14 ? 11.170  6.633   -6.029  1.00 81.81  ? 14  DA  B OP1   1 
ATOM   562 O  OP2   . DA  B 1 14 ? 11.668  7.088   -3.514  1.00 79.94  ? 14  DA  B OP2   1 
ATOM   563 O  "O5'" . DA  B 1 14 ? 9.597   7.910   -4.662  1.00 82.03  ? 14  DA  B "O5'" 1 
ATOM   564 C  "C5'" A DA  B 1 14 ? 8.506   7.758   -5.560  0.57 70.19  ? 14  DA  B "C5'" 1 
ATOM   565 C  "C5'" B DA  B 1 14 ? 8.489   7.751   -5.562  0.43 70.07  ? 14  DA  B "C5'" 1 
ATOM   566 C  "C4'" A DA  B 1 14 ? 7.466   8.804   -5.269  0.57 65.66  ? 14  DA  B "C4'" 1 
ATOM   567 C  "C4'" B DA  B 1 14 ? 7.287   8.569   -5.121  0.43 64.81  ? 14  DA  B "C4'" 1 
ATOM   568 O  "O4'" A DA  B 1 14 ? 6.777   8.442   -4.062  0.57 60.28  ? 14  DA  B "O4'" 1 
ATOM   569 O  "O4'" B DA  B 1 14 ? 6.953   8.257   -3.741  0.43 62.73  ? 14  DA  B "O4'" 1 
ATOM   570 C  "C3'" A DA  B 1 14 ? 8.045   10.196  -5.024  0.57 66.82  ? 14  DA  B "C3'" 1 
ATOM   571 C  "C3'" B DA  B 1 14 ? 7.468   10.087  -5.162  0.43 66.55  ? 14  DA  B "C3'" 1 
ATOM   572 O  "O3'" A DA  B 1 14 ? 7.747   11.039  -6.131  0.57 64.82  ? 14  DA  B "O3'" 1 
ATOM   573 O  "O3'" B DA  B 1 14 ? 6.217   10.697  -5.485  0.43 70.31  ? 14  DA  B "O3'" 1 
ATOM   574 C  "C2'" A DA  B 1 14 ? 7.374   10.689  -3.724  0.57 64.77  ? 14  DA  B "C2'" 1 
ATOM   575 C  "C2'" B DA  B 1 14 ? 7.866   10.398  -3.723  0.43 65.54  ? 14  DA  B "C2'" 1 
ATOM   576 C  "C1'" A DA  B 1 14 ? 6.343   9.607   -3.420  0.57 58.20  ? 14  DA  B "C1'" 1 
ATOM   577 C  "C1'" B DA  B 1 14 ? 6.919   9.460   -2.999  0.43 59.02  ? 14  DA  B "C1'" 1 
ATOM   578 N  N9    A DA  B 1 14 ? 6.175   9.313   -1.996  0.57 59.88  ? 14  DA  B N9    1 
ATOM   579 N  N9    B DA  B 1 14 ? 7.278   9.167   -1.617  0.43 60.50  ? 14  DA  B N9    1 
ATOM   580 C  C8    A DA  B 1 14 ? 4.993   9.246   -1.318  0.57 51.92  ? 14  DA  B C8    1 
ATOM   581 C  C8    B DA  B 1 14 ? 8.534   9.033   -1.088  0.43 64.52  ? 14  DA  B C8    1 
ATOM   582 N  N7    A DA  B 1 14 ? 5.127   8.958   -0.045  0.57 57.06  ? 14  DA  B N7    1 
ATOM   583 N  N7    B DA  B 1 14 ? 8.537   8.757   0.203   0.43 65.21  ? 14  DA  B N7    1 
ATOM   584 C  C5    A DA  B 1 14 ? 6.485   8.815   0.128   0.57 53.40  ? 14  DA  B C5    1 
ATOM   585 C  C5    B DA  B 1 14 ? 7.188   8.703   0.535   0.43 59.74  ? 14  DA  B C5    1 
ATOM   586 C  C6    A DA  B 1 14 ? 7.263   8.509   1.262   0.57 61.27  ? 14  DA  B C6    1 
ATOM   587 C  C6    B DA  B 1 14 ? 6.514   8.448   1.750   0.43 58.72  ? 14  DA  B C6    1 
ATOM   588 N  N6    A DA  B 1 14 ? 6.733   8.280   2.468   0.57 65.10  ? 14  DA  B N6    1 
ATOM   589 N  N6    B DA  B 1 14 ? 7.142   8.196   2.906   0.43 65.87  ? 14  DA  B N6    1 
ATOM   590 N  N1    A DA  B 1 14 ? 8.604   8.450   1.109   0.57 59.60  ? 14  DA  B N1    1 
ATOM   591 N  N1    B DA  B 1 14 ? 5.168   8.474   1.736   0.43 55.19  ? 14  DA  B N1    1 
ATOM   592 C  C2    A DA  B 1 14 ? 9.121   8.676   -0.109  0.57 68.48  ? 14  DA  B C2    1 
ATOM   593 C  C2    B DA  B 1 14 ? 4.541   8.739   0.584   0.43 56.09  ? 14  DA  B C2    1 
ATOM   594 N  N3    A DA  B 1 14 ? 8.490   8.976   -1.256  0.57 64.03  ? 14  DA  B N3    1 
ATOM   595 N  N3    B DA  B 1 14 ? 5.066   8.985   -0.617  0.43 56.93  ? 14  DA  B N3    1 
ATOM   596 C  C4    A DA  B 1 14 ? 7.156   9.030   -1.063  0.57 61.40  ? 14  DA  B C4    1 
ATOM   597 C  C4    B DA  B 1 14 ? 6.403   8.953   -0.571  0.43 55.66  ? 14  DA  B C4    1 
HETATM 598 K  K     . K   C 2 .  ? -0.616  -2.483  -0.274  1.00 46.86  ? 101 K   A K     1 
HETATM 599 K  K     . K   D 2 .  ? -0.234  0.863   0.421   1.00 43.32  ? 102 K   A K     1 
HETATM 600 K  K     . K   E 2 .  ? 0.214   4.238   1.160   1.00 41.19  ? 103 K   A K     1 
HETATM 601 NA NA    . NA  F 3 .  ? 0.765   7.617   1.752   1.00 34.62  ? 104 NA  A NA    1 
HETATM 602 O  O     . HOH G 4 .  ? 14.351  -0.805  -10.273 1.00 76.98  ? 201 HOH A O     1 
HETATM 603 O  O     . HOH H 4 .  ? -9.809  -8.278  -0.608  1.00 74.56  ? 101 HOH B O     1 
# 
loop_
_atom_site_anisotrop.id 
_atom_site_anisotrop.type_symbol 
_atom_site_anisotrop.pdbx_label_atom_id 
_atom_site_anisotrop.pdbx_label_alt_id 
_atom_site_anisotrop.pdbx_label_comp_id 
_atom_site_anisotrop.pdbx_label_asym_id 
_atom_site_anisotrop.pdbx_label_seq_id 
_atom_site_anisotrop.pdbx_PDB_ins_code 
_atom_site_anisotrop.U[1][1] 
_atom_site_anisotrop.U[2][2] 
_atom_site_anisotrop.U[3][3] 
_atom_site_anisotrop.U[1][2] 
_atom_site_anisotrop.U[1][3] 
_atom_site_anisotrop.U[2][3] 
_atom_site_anisotrop.pdbx_auth_seq_id 
_atom_site_anisotrop.pdbx_auth_comp_id 
_atom_site_anisotrop.pdbx_auth_asym_id 
_atom_site_anisotrop.pdbx_auth_atom_id 
1   O  "O5'" . DG A 1  ? 0.5694 0.7351 0.6755 -0.1176 -0.0664 0.0677  1   DG A "O5'" 
2   C  "C5'" . DG A 1  ? 0.6721 0.8192 0.7363 -0.1415 -0.0940 0.0629  1   DG A "C5'" 
3   C  "C4'" . DG A 1  ? 0.7342 0.8650 0.7422 -0.1671 -0.0981 0.0355  1   DG A "C4'" 
4   O  "O4'" . DG A 1  ? 0.6992 0.8509 0.6902 -0.1620 -0.0673 0.0121  1   DG A "O4'" 
5   C  "C3'" . DG A 1  ? 0.8013 0.9228 0.8362 -0.1736 -0.1115 0.0263  1   DG A "C3'" 
6   O  "O3'" . DG A 1  ? 1.0235 1.1072 0.9846 -0.2041 -0.1295 0.0072  1   DG A "O3'" 
7   C  "C2'" . DG A 1  ? 0.7414 0.8877 0.7983 -0.1579 -0.0824 0.0084  1   DG A "C2'" 
8   C  "C1'" . DG A 1  ? 0.6475 0.8043 0.6560 -0.1633 -0.0613 -0.0115 1   DG A "C1'" 
9   N  N9    . DG A 1  ? 0.6041 0.7850 0.6419 -0.1388 -0.0412 -0.0253 1   DG A N9    
10  C  C8    . DG A 1  ? 0.5991 0.7961 0.6351 -0.1420 -0.0253 -0.0648 1   DG A C8    
11  N  N7    . DG A 1  ? 0.5667 0.7746 0.6381 -0.1128 -0.0235 -0.0710 1   DG A N7    
12  C  C5    . DG A 1  ? 0.4982 0.6897 0.5768 -0.0922 -0.0316 -0.0300 1   DG A C5    
13  C  C6    . DG A 1  ? 0.4382 0.6130 0.5258 -0.0603 -0.0338 -0.0156 1   DG A C6    
14  O  O6    . DG A 1  ? 0.4395 0.6088 0.5345 -0.0402 -0.0412 -0.0368 1   DG A O6    
15  N  N1    . DG A 1  ? 0.4612 0.6167 0.5475 -0.0534 -0.0281 0.0251  1   DG A N1    
16  C  C2    . DG A 1  ? 0.5552 0.7176 0.6555 -0.0717 -0.0276 0.0444  1   DG A C2    
17  N  N2    . DG A 1  ? 0.4536 0.6037 0.5741 -0.0630 -0.0150 0.0756  1   DG A N2    
18  N  N3    . DG A 1  ? 0.4634 0.6365 0.5566 -0.0977 -0.0397 0.0312  1   DG A N3    
19  C  C4    . DG A 1  ? 0.5213 0.7040 0.5925 -0.1080 -0.0381 -0.0040 1   DG A C4    
20  P  P     . DG A 2  ? 1.0765 1.1279 1.0403 -0.2172 -0.1619 -0.0026 2   DG A P     
21  O  OP1   . DG A 2  ? 1.0280 1.0161 0.8917 -0.2474 -0.1940 -0.0059 2   DG A OP1   
22  O  OP2   . DG A 2  ? 0.9200 0.9897 0.9883 -0.1969 -0.1771 0.0181  2   DG A OP2   
23  O  "O5'" . DG A 2  ? 0.9867 1.0531 0.9386 -0.2205 -0.1308 -0.0395 2   DG A "O5'" 
24  C  "C5'" . DG A 2  ? 0.9305 1.0019 0.8211 -0.2359 -0.0955 -0.0688 2   DG A "C5'" 
25  C  "C4'" . DG A 2  ? 0.8976 1.0006 0.8279 -0.2260 -0.0679 -0.1061 2   DG A "C4'" 
26  O  "O4'" . DG A 2  ? 0.9213 1.0672 0.9212 -0.1934 -0.0531 -0.0979 2   DG A "O4'" 
27  C  "C3'" . DG A 2  ? 1.0026 1.0942 0.9706 -0.2202 -0.0898 -0.1152 2   DG A "C3'" 
28  O  "O3'" . DG A 2  ? 1.0868 1.1826 1.0407 -0.2301 -0.0662 -0.1663 2   DG A "O3'" 
29  C  "C2'" . DG A 2  ? 0.8150 0.9374 0.8750 -0.1852 -0.0916 -0.0910 2   DG A "C2'" 
30  C  "C1'" . DG A 2  ? 0.8447 0.9985 0.9060 -0.1732 -0.0610 -0.1056 2   DG A "C1'" 
31  N  N9    . DG A 2  ? 0.7565 0.9243 0.8670 -0.1408 -0.0596 -0.0801 2   DG A N9    
32  C  C8    . DG A 2  ? 0.6277 0.7861 0.7640 -0.1281 -0.0681 -0.0368 2   DG A C8    
33  N  N7    . DG A 2  ? 0.5865 0.7447 0.7393 -0.1025 -0.0591 -0.0234 2   DG A N7    
34  C  C5    . DG A 2  ? 0.5819 0.7523 0.7311 -0.0942 -0.0545 -0.0608 2   DG A C5    
35  C  C6    . DG A 2  ? 0.6168 0.7813 0.7753 -0.0662 -0.0568 -0.0680 2   DG A C6    
36  O  O6    . DG A 2  ? 0.5546 0.6912 0.7034 -0.0448 -0.0596 -0.0384 2   DG A O6    
37  N  N1    . DG A 2  ? 0.6282 0.8154 0.8066 -0.0652 -0.0558 -0.1188 2   DG A N1    
38  C  C2    . DG A 2  ? 0.5948 0.8068 0.7738 -0.0926 -0.0409 -0.1578 2   DG A C2    
39  N  N2    . DG A 2  ? 0.5733 0.8113 0.7897 -0.0899 -0.0319 -0.2110 2   DG A N2    
40  N  N3    . DG A 2  ? 0.5733 0.7781 0.7163 -0.1215 -0.0357 -0.1478 2   DG A N3    
41  C  C4    . DG A 2  ? 0.6477 0.8316 0.7815 -0.1185 -0.0493 -0.0983 2   DG A C4    
42  P  P     . DC A 3  ? 1.3513 1.3945 1.2183 -0.2640 -0.0713 -0.1984 3   DC A P     
43  O  OP1   . DC A 3  ? 1.2740 1.3158 1.0707 -0.2924 -0.0223 -0.2355 3   DC A OP1   
44  O  OP2   . DC A 3  ? 1.2576 1.2475 1.0852 -0.2737 -0.1218 -0.1632 3   DC A OP2   
45  O  "O5'" . DC A 3  ? 1.3151 1.3732 1.2481 -0.2478 -0.0743 -0.2338 3   DC A "O5'" 
46  C  "C5'" . DC A 3  ? 1.3078 1.4172 1.3352 -0.2174 -0.0587 -0.2496 3   DC A "C5'" 
47  C  "C4'" . DC A 3  ? 1.4136 1.5350 1.4588 -0.2208 -0.0347 -0.3164 3   DC A "C4'" 
48  O  "O4'" . DC A 3  ? 1.5313 1.6087 1.4745 -0.2589 -0.0198 -0.3449 3   DC A "O4'" 
49  C  "C3'" . DC A 3  ? 1.4606 1.6312 1.5501 -0.2145 0.0069  -0.3579 3   DC A "C3'" 
50  O  "O3'" . DC A 3  ? 1.4888 1.6808 1.6509 -0.2003 0.0137  -0.4184 3   DC A "O3'" 
51  C  "C2'" . DC A 3  ? 1.5229 1.6756 1.5121 -0.2582 0.0498  -0.3760 3   DC A "C2'" 
52  C  "C1'" . DC A 3  ? 1.6139 1.7089 1.5227 -0.2824 0.0382  -0.3895 3   DC A "C1'" 
53  N  N1    . DC A 3  ? 1.7336 1.7653 1.4959 -0.3271 0.0516  -0.3780 3   DC A N1    
54  C  C2    . DC A 3  ? 1.8128 1.7677 1.4780 -0.3463 0.0178  -0.3705 3   DC A C2    
55  O  O2    . DC A 3  ? 1.7906 1.7405 1.5043 -0.3266 -0.0191 -0.3747 3   DC A O2    
56  N  N3    . DC A 3  ? 1.9382 1.8192 1.4643 -0.3783 0.0211  -0.3500 3   DC A N3    
57  C  C4    . DC A 3  ? 1.9198 1.8052 1.4053 -0.3965 0.0611  -0.3385 3   DC A C4    
58  N  N4    . DC A 3  ? 2.0142 1.8171 1.3679 -0.4240 0.0589  -0.3104 3   DC A N4    
59  C  C5    . DC A 3  ? 1.8447 1.8134 1.4274 -0.3862 0.0996  -0.3554 3   DC A C5    
60  C  C6    . DC A 3  ? 1.7604 1.7989 1.4794 -0.3493 0.0909  -0.3752 3   DC A C6    
61  P  P     . DT A 4  ? 1.4682 1.6800 1.7438 -0.1530 -0.0231 -0.4173 4   DT A P     
62  O  OP1   . DT A 4  ? 1.4067 1.6050 1.7206 -0.1455 -0.0407 -0.4574 4   DT A OP1   
63  O  OP2   . DT A 4  ? 1.4060 1.5994 1.6703 -0.1373 -0.0535 -0.3422 4   DT A OP2   
64  O  "O5'" . DT A 4  ? 1.3101 1.5715 1.6586 -0.1393 0.0025  -0.4653 4   DT A "O5'" 
65  C  "C5'" . DT A 4  ? 1.2734 1.5507 1.7309 -0.1016 -0.0251 -0.5048 4   DT A "C5'" 
66  C  "C4'" . DT A 4  ? 1.2528 1.5071 1.7295 -0.0649 -0.0724 -0.4506 4   DT A "C4'" 
67  O  "O4'" . DT A 4  ? 1.3025 1.5419 1.8634 -0.0279 -0.1175 -0.4806 4   DT A "O4'" 
68  C  "C3'" . DT A 4  ? 1.1376 1.4136 1.6199 -0.0566 -0.0634 -0.4403 4   DT A "C3'" 
69  O  "O3'" . DT A 4  ? 1.1194 1.3672 1.5249 -0.0578 -0.0708 -0.3617 4   DT A "O3'" 
70  C  "C2'" . DT A 4  ? 1.1332 1.4059 1.7105 -0.0132 -0.1071 -0.4749 4   DT A "C2'" 
71  C  "C1'" . DT A 4  ? 1.2389 1.4639 1.8212 0.0034  -0.1487 -0.4605 4   DT A "C1'" 
72  N  N1    . DT A 4  ? 1.3001 1.5096 1.9775 0.0418  -0.1988 -0.5093 4   DT A N1    
73  C  C2    . DT A 4  ? 1.3497 1.5063 2.0322 0.0574  -0.2421 -0.4972 4   DT A C2    
74  O  O2    . DT A 4  ? 1.3268 1.4552 1.9488 0.0397  -0.2372 -0.4503 4   DT A O2    
75  N  N3    . DT A 4  ? 1.3736 1.5117 2.1338 0.0984  -0.2886 -0.5303 4   DT A N3    
76  C  C4    . DT A 4  ? 1.3811 1.5565 2.2224 0.1275  -0.2964 -0.5696 4   DT A C4    
77  O  O4    . DT A 4  ? 1.4068 1.5696 2.3221 0.1655  -0.3469 -0.5913 4   DT A O4    
78  C  C5    . DT A 4  ? 1.3320 1.5655 2.1734 0.1081  -0.2468 -0.5823 4   DT A C5    
79  C  C7    . DT A 4  ? 1.3095 1.5935 2.2546 0.1343  -0.2526 -0.6257 4   DT A C7    
80  C  C6    . DT A 4  ? 1.2937 1.5373 2.0495 0.0652  -0.2013 -0.5537 4   DT A C6    
81  P  P     . DC A 5  ? 1.0805 1.2732 1.4518 -0.0423 -0.1063 -0.2935 5   DC A P     
82  O  OP1   . DC A 5  ? 1.0590 1.2222 1.4686 -0.0288 -0.1377 -0.3066 5   DC A OP1   
83  O  OP2   . DC A 5  ? 0.9195 1.1091 1.2220 -0.0702 -0.0857 -0.2457 5   DC A OP2   
84  O  "O5'" . DC A 5  ? 1.0167 1.1833 1.3832 -0.0103 -0.1297 -0.2637 5   DC A "O5'" 
85  C  "C5'" . DC A 5  ? 0.9977 1.1615 1.4236 0.0206  -0.1592 -0.3067 5   DC A "C5'" 
86  C  "C4'" . DC A 5  ? 1.0399 1.1288 1.4342 0.0540  -0.2045 -0.2656 5   DC A "C4'" 
87  O  "O4'" . DC A 5  ? 1.1357 1.1822 1.4671 0.0418  -0.1967 -0.2017 5   DC A "O4'" 
88  C  "C3'" . DC A 5  ? 1.1120 1.1612 1.5644 0.0863  -0.2596 -0.3041 5   DC A "C3'" 
89  O  "O3'" . DC A 5  ? 1.1876 1.2282 1.6710 0.1160  -0.2929 -0.3333 5   DC A "O3'" 
90  C  "C2'" . DC A 5  ? 1.1438 1.1026 1.5298 0.0945  -0.2867 -0.2445 5   DC A "C2'" 
91  C  "C1'" . DC A 5  ? 1.1179 1.0947 1.4485 0.0601  -0.2363 -0.1900 5   DC A "C1'" 
92  N  N1    . DC A 5  ? 1.1327 1.1181 1.4884 0.0386  -0.2288 -0.1911 5   DC A N1    
93  C  C2    . DC A 5  ? 1.0673 1.0558 1.3888 0.0112  -0.1982 -0.1428 5   DC A C2    
94  O  O2    . DC A 5  ? 1.0694 1.0581 1.3448 0.0049  -0.1734 -0.1018 5   DC A O2    
95  N  N3    . DC A 5  ? 1.0834 1.0741 1.4324 -0.0062 -0.2005 -0.1468 5   DC A N3    
96  C  C4    . DC A 5  ? 1.0802 1.0692 1.4795 0.0026  -0.2274 -0.1951 5   DC A C4    
97  N  N4    . DC A 5  ? 1.0752 1.0616 1.4961 -0.0144 -0.2320 -0.1985 5   DC A N4    
98  C  C5    . DC A 5  ? 1.0970 1.0867 1.5368 0.0309  -0.2549 -0.2470 5   DC A C5    
99  C  C6    . DC A 5  ? 1.1529 1.1409 1.5734 0.0481  -0.2568 -0.2433 5   DC A C6    
100 P  P     . DG A 6  ? 1.1992 1.2822 1.8170 0.1360  -0.3208 -0.4261 6   DG A P     
101 O  OP1   . DG A 6  ? 1.2152 1.3908 1.8888 0.1003  -0.2578 -0.4735 6   DG A OP1   
102 O  OP2   . DG A 6  ? 1.2484 1.2594 1.8923 0.1677  -0.3885 -0.4381 6   DG A OP2   
103 O  "O5'" . DG A 6  ? 1.1004 1.1843 1.7375 0.1585  -0.3440 -0.4416 6   DG A "O5'" 
104 C  "C5'" . DG A 6  ? 1.0430 1.1715 1.6397 0.1350  -0.2942 -0.4194 6   DG A "C5'" 
105 C  "C4'" . DG A 6  ? 0.9339 1.1630 1.6223 0.1052  -0.2389 -0.4839 6   DG A "C4'" 
106 O  "O4'" . DG A 6  ? 0.7983 1.0586 1.4223 0.0606  -0.1748 -0.4551 6   DG A "O4'" 
107 C  "C3'" . DG A 6  ? 0.9646 1.2329 1.6866 0.1028  -0.2254 -0.5047 6   DG A "C3'" 
108 O  "O3'" . DG A 6  ? 0.9654 1.3019 1.7936 0.0950  -0.1802 -0.5691 6   DG A "O3'" 
109 C  "C2'" . DG A 6  ? 0.8499 1.1270 1.4595 0.0666  -0.1711 -0.4418 6   DG A "C2'" 
110 C  "C1'" . DG A 6  ? 0.7692 1.0593 1.3471 0.0353  -0.1331 -0.4329 6   DG A "C1'" 
111 N  N9    . DG A 6  ? 0.7259 0.9832 1.1886 0.0187  -0.1176 -0.3560 6   DG A N9    
112 C  C8    . DG A 6  ? 0.6711 0.9486 1.0804 -0.0216 -0.0723 -0.3368 6   DG A C8    
113 N  N7    . DG A 6  ? 0.6365 0.8795 0.9684 -0.0247 -0.0751 -0.2712 6   DG A N7    
114 C  C5    . DG A 6  ? 0.6719 0.8672 0.9940 0.0120  -0.1144 -0.2439 6   DG A C5    
115 C  C6    . DG A 6  ? 0.5888 0.7325 0.8419 0.0222  -0.1232 -0.1797 6   DG A C6    
116 O  O6    . DG A 6  ? 0.5566 0.6979 0.7658 0.0030  -0.1010 -0.1373 6   DG A O6    
117 N  N1    . DG A 6  ? 0.6983 0.7836 0.9363 0.0581  -0.1626 -0.1709 6   DG A N1    
118 C  C2    . DG A 6  ? 0.7332 0.8105 1.0273 0.0855  -0.2026 -0.2197 6   DG A C2    
119 N  N2    . DG A 6  ? 0.7338 0.7310 0.9856 0.1198  -0.2493 -0.2019 6   DG A N2    
120 N  N3    . DG A 6  ? 0.7423 0.8799 1.1281 0.0790  -0.1974 -0.2846 6   DG A N3    
121 C  C4    . DG A 6  ? 0.6998 0.8953 1.0907 0.0398  -0.1463 -0.2928 6   DG A C4    
122 P  P     . DG A 7  ? 0.9603 1.3421 1.8311 0.0826  -0.1410 -0.5966 7   DG A P     
123 O  OP1   . DG A 7  ? 1.0667 1.4855 2.0460 0.0826  -0.1195 -0.6575 7   DG A OP1   
124 O  OP2   . DG A 7  ? 1.0086 1.3380 1.8330 0.1100  -0.1961 -0.5584 7   DG A OP2   
125 O  "O5'" . DG A 7  ? 0.9132 1.3371 1.7089 0.0188  -0.0653 -0.5774 7   DG A "O5'" 
126 C  "C5'" . DG A 7  ? 0.8650 1.3001 1.6146 -0.0047 -0.0425 -0.5524 7   DG A "C5'" 
127 C  "C4'" . DG A 7  ? 0.8331 1.2647 1.4636 -0.0503 -0.0008 -0.5012 7   DG A "C4'" 
128 O  "O4'" . DG A 7  ? 0.7868 1.1597 1.3285 -0.0274 -0.0394 -0.4335 7   DG A "O4'" 
129 C  "C3'" . DG A 7  ? 0.6621 1.0974 1.2319 -0.0763 0.0269  -0.4689 7   DG A "C3'" 
130 O  "O3'" . DG A 7  ? 0.6755 1.1309 1.2029 -0.1320 0.0934  -0.4805 7   DG A "O3'" 
131 C  "C2'" . DG A 7  ? 0.6807 1.0607 1.1379 -0.0586 -0.0046 -0.3861 7   DG A "C2'" 
132 C  "C1'" . DG A 7  ? 0.6862 1.0418 1.1231 -0.0494 -0.0189 -0.3724 7   DG A "C1'" 
133 N  N9    . DG A 7  ? 0.5560 0.8572 0.9271 -0.0202 -0.0571 -0.3094 7   DG A N9    
134 C  C8    . DG A 7  ? 0.5304 0.7891 0.9066 0.0236  -0.1072 -0.2975 7   DG A C8    
135 N  N7    . DG A 7  ? 0.6155 0.8232 0.9093 0.0346  -0.1185 -0.2360 7   DG A N7    
136 C  C5    . DG A 7  ? 0.5256 0.7525 0.7776 -0.0009 -0.0799 -0.2089 7   DG A C5    
137 C  C6    . DG A 7  ? 0.6209 0.8196 0.8061 -0.0072 -0.0720 -0.1504 7   DG A C6    
138 O  O6    . DG A 7  ? 0.5263 0.6787 0.6713 0.0142  -0.0861 -0.1105 7   DG A O6    
139 N  N1    . DG A 7  ? 0.5876 0.8108 0.7545 -0.0440 -0.0437 -0.1440 7   DG A N1    
140 C  C2    . DG A 7  ? 0.4693 0.7281 0.6541 -0.0748 -0.0196 -0.1861 7   DG A C2    
141 N  N2    . DG A 7  ? 0.4938 0.7501 0.6317 -0.1086 -0.0020 -0.1711 7   DG A N2    
142 N  N3    . DG A 7  ? 0.5026 0.7913 0.7468 -0.0739 -0.0127 -0.2418 7   DG A N3    
143 C  C4    . DG A 7  ? 0.4760 0.7521 0.7626 -0.0341 -0.0467 -0.2512 7   DG A C4    
144 P  P     . DC A 8  ? 0.6948 1.1929 1.3005 -0.1625 0.1525  -0.5528 8   DC A P     
145 O  OP1   . DC A 8  ? 0.6420 1.1483 1.2436 -0.1919 0.1986  -0.5940 8   DC A OP1   
146 O  OP2   . DC A 8  ? 0.6721 1.1733 1.3808 -0.1135 0.1111  -0.5812 8   DC A OP2   
147 O  "O5'" . DC A 8  ? 0.7836 1.2699 1.2997 -0.2096 0.1925  -0.5198 8   DC A "O5'" 
148 C  "C5'" . DC A 8  ? 0.6931 1.1382 1.0771 -0.2277 0.1857  -0.4508 8   DC A "C5'" 
149 C  "C4'" . DC A 8  ? 0.7055 1.1282 0.9929 -0.2916 0.2440  -0.4443 8   DC A "C4'" 
150 O  "O4'" . DC A 8  ? 0.9960 1.4272 1.3266 -0.3207 0.2987  -0.5097 8   DC A "O4'" 
151 C  "C3'" . DC A 8  ? 0.7345 1.1036 0.8907 -0.3180 0.2506  -0.4090 8   DC A "C3'" 
152 O  "O3'" . DC A 8  ? 0.9411 1.2580 0.9750 -0.3560 0.2604  -0.3649 8   DC A "O3'" 
153 C  "C2'" . DC A 8  ? 0.8057 1.1916 0.9851 -0.3531 0.3104  -0.4768 8   DC A "C2'" 
154 C  "C1'" . DC A 8  ? 0.8886 1.2807 1.1266 -0.3695 0.3387  -0.5159 8   DC A "C1'" 
155 N  N1    . DC A 8  ? 0.9301 1.3424 1.2587 -0.3791 0.3689  -0.5871 8   DC A N1    
156 C  C2    . DC A 8  ? 1.0677 1.4470 1.3606 -0.4358 0.4257  -0.6157 8   DC A C2    
157 O  O2    . DC A 8  ? 1.0982 1.4230 1.2748 -0.4742 0.4450  -0.5796 8   DC A O2    
158 N  N3    . DC A 8  ? 1.0681 1.4717 1.4564 -0.4475 0.4563  -0.6830 8   DC A N3    
159 C  C4    . DC A 8  ? 1.0668 1.5218 1.5812 -0.4043 0.4242  -0.7201 8   DC A C4    
160 N  N4    . DC A 8  ? 1.1272 1.6067 1.7394 -0.4171 0.4530  -0.7844 8   DC A N4    
161 C  C5    . DC A 8  ? 0.9316 1.4099 1.4751 -0.3436 0.3601  -0.6896 8   DC A C5    
162 C  C6    . DC A 8  ? 0.9263 1.3838 1.3748 -0.3340 0.3391  -0.6247 8   DC A C6    
163 P  P     . DG A 9  ? 0.8741 1.1511 0.8396 -0.3297 0.2005  -0.2870 9   DG A P     
164 O  OP1   . DG A 9  ? 0.8245 1.0300 0.6477 -0.3775 0.2096  -0.2552 9   DG A OP1   
165 O  OP2   . DG A 9  ? 0.7728 1.0809 0.8108 -0.2985 0.1802  -0.2826 9   DG A OP2   
166 O  "O5'" . DG A 9  ? 0.7360 1.0154 0.7267 -0.2851 0.1560  -0.2666 9   DG A "O5'" 
167 C  "C5'" . DG A 9  ? 0.8440 1.0918 0.7759 -0.3031 0.1580  -0.2659 9   DG A "C5'" 
168 C  "C4'" . DG A 9  ? 0.8302 1.0409 0.7145 -0.2837 0.1080  -0.2057 9   DG A "C4'" 
169 O  "O4'" . DG A 9  ? 0.7071 0.9474 0.6738 -0.2316 0.0760  -0.1908 9   DG A "O4'" 
170 C  "C3'" . DG A 9  ? 0.7016 0.8751 0.5170 -0.2946 0.0892  -0.1592 9   DG A "C3'" 
171 O  "O3'" . DG A 9  ? 0.8686 0.9852 0.6044 -0.3097 0.0597  -0.1277 9   DG A "O3'" 
172 C  "C2'" . DG A 9  ? 0.8013 1.0057 0.6875 -0.2443 0.0599  -0.1323 9   DG A "C2'" 
173 C  "C1'" . DG A 9  ? 0.6658 0.8902 0.6134 -0.2126 0.0468  -0.1399 9   DG A "C1'" 
174 N  N9    . DG A 9  ? 0.6353 0.8839 0.6505 -0.1668 0.0307  -0.1350 9   DG A N9    
175 C  C8    . DG A 9  ? 0.6030 0.8810 0.6836 -0.1476 0.0356  -0.1728 9   DG A C8    
176 N  N7    . DG A 9  ? 0.5710 0.8424 0.6775 -0.1057 0.0083  -0.1545 9   DG A N7    
177 C  C5    . DG A 9  ? 0.4508 0.6950 0.5128 -0.1002 -0.0037 -0.1032 9   DG A C5    
178 C  C6    . DG A 9  ? 0.4250 0.6456 0.4801 -0.0672 -0.0209 -0.0661 9   DG A C6    
179 O  O6    . DG A 9  ? 0.4682 0.6734 0.5338 -0.0344 -0.0354 -0.0668 9   DG A O6    
180 N  N1    . DG A 9  ? 0.5358 0.7424 0.5655 -0.0762 -0.0209 -0.0279 9   DG A N1    
181 C  C2    . DG A 9  ? 0.5939 0.7998 0.6013 -0.1098 -0.0190 -0.0245 9   DG A C2    
182 N  N2    . DG A 9  ? 0.4511 0.6421 0.4550 -0.1112 -0.0299 0.0089  9   DG A N2    
183 N  N3    . DG A 9  ? 0.5429 0.7549 0.5308 -0.1406 -0.0078 -0.0545 9   DG A N3    
184 C  C4    . DG A 9  ? 0.5054 0.7402 0.5238 -0.1357 0.0056  -0.0930 9   DG A C4    
185 P  P     . DG A 10 ? 1.0042 1.0724 0.6802 -0.3127 0.0190  -0.0769 10  DG A P     
186 O  OP1   . DG A 10 ? 1.2059 1.2094 0.8051 -0.3339 -0.0122 -0.0636 10  DG A OP1   
187 O  OP2   . DG A 10 ? 0.9167 0.9775 0.5606 -0.3329 0.0389  -0.0783 10  DG A OP2   
188 O  "O5'" . DG A 10 ? 0.8798 0.9851 0.6449 -0.2598 -0.0127 -0.0455 10  DG A "O5'" 
189 C  "C5'" . DG A 10 ? 0.8907 0.9855 0.6795 -0.2444 -0.0444 -0.0251 10  DG A "C5'" 
190 C  "C4'" . DG A 10 ? 0.7033 0.8008 0.5308 -0.2168 -0.0731 0.0124  10  DG A "C4'" 
191 O  "O4'" . DG A 10 ? 0.6228 0.7652 0.5148 -0.1804 -0.0543 0.0143  10  DG A "O4'" 
192 C  "C3'" . DG A 10 ? 0.6952 0.7566 0.4692 -0.2309 -0.0930 0.0306  10  DG A "C3'" 
193 O  "O3'" . DG A 10 ? 0.8692 0.9186 0.6808 -0.2133 -0.1321 0.0581  10  DG A "O3'" 
194 C  "C2'" . DG A 10 ? 0.6825 0.7815 0.4845 -0.2119 -0.0671 0.0260  10  DG A "C2'" 
195 C  "C1'" . DG A 10 ? 0.5251 0.6657 0.4075 -0.1718 -0.0585 0.0291  10  DG A "C1'" 
196 N  N9    . DG A 10 ? 0.5476 0.7195 0.4589 -0.1493 -0.0360 0.0136  10  DG A N9    
197 C  C8    . DG A 10 ? 0.6065 0.7957 0.5183 -0.1605 -0.0141 -0.0217 10  DG A C8    
198 N  N7    . DG A 10 ? 0.5718 0.7818 0.5239 -0.1294 -0.0105 -0.0320 10  DG A N7    
199 C  C5    . DG A 10 ? 0.5787 0.7779 0.5389 -0.0989 -0.0236 0.0011  10  DG A C5    
200 C  C6    . DG A 10 ? 0.5154 0.7100 0.4899 -0.0607 -0.0263 0.0083  10  DG A C6    
201 O  O6    . DG A 10 ? 0.4173 0.6140 0.4041 -0.0423 -0.0296 -0.0131 10  DG A O6    
202 N  N1    . DG A 10 ? 0.4407 0.6195 0.4133 -0.0447 -0.0263 0.0415  10  DG A N1    
203 C  C2    . DG A 10 ? 0.3794 0.5571 0.3606 -0.0609 -0.0307 0.0609  10  DG A C2    
204 N  N2    . DG A 10 ? 0.4362 0.6065 0.4385 -0.0432 -0.0237 0.0841  10  DG A N2    
205 N  N3    . DG A 10 ? 0.4282 0.6053 0.3983 -0.0923 -0.0416 0.0547  10  DG A N3    
206 C  C4    . DG A 10 ? 0.5313 0.7153 0.4798 -0.1113 -0.0346 0.0264  10  DG A C4    
207 P  P     . DC A 11 ? 0.9081 0.8881 0.6675 -0.2376 -0.1864 0.0688  11  DC A P     
208 O  OP1   . DC A 11 ? 0.8657 0.8285 0.5961 -0.2563 -0.1840 0.0506  11  DC A OP1   
209 O  OP2   . DC A 11 ? 1.0703 0.9987 0.7462 -0.2596 -0.2037 0.0772  11  DC A OP2   
210 O  "O5'" . DC A 11 ? 0.9779 0.9781 0.8444 -0.2059 -0.2183 0.0871  11  DC A "O5'" 
211 C  "C5'" . DC A 11 ? 0.8721 0.8958 0.7937 -0.1804 -0.2195 0.1007  11  DC A "C5'" 
212 C  "C4'" . DC A 11 ? 0.8742 0.9260 0.9137 -0.1552 -0.2317 0.1081  11  DC A "C4'" 
213 O  "O4'" . DC A 11 ? 0.9208 0.9240 0.9667 -0.1689 -0.2951 0.1086  11  DC A "O4'" 
214 C  "C3'" . DC A 11 ? 0.7430 0.8371 0.8407 -0.1439 -0.1925 0.1034  11  DC A "C3'" 
215 O  "O3'" . DC A 11 ? 0.7264 0.8550 0.9254 -0.1190 -0.1751 0.1116  11  DC A "O3'" 
216 C  "C2'" . DC A 11 ? 0.8733 0.9347 0.9625 -0.1647 -0.2293 0.0959  11  DC A "C2'" 
217 C  "C1'" . DC A 11 ? 0.9244 0.9389 1.0181 -0.1709 -0.2952 0.1018  11  DC A "C1'" 
218 N  N1    . DC A 11 ? 1.0445 0.9844 1.0484 -0.2005 -0.3486 0.0949  11  DC A N1    
219 C  C2    . DC A 11 ? 1.1225 1.0388 1.1873 -0.2005 -0.4014 0.0907  11  DC A C2    
220 O  O2    . DC A 11 ? 1.1041 1.0714 1.3117 -0.1783 -0.3959 0.0917  11  DC A O2    
221 N  N3    . DC A 11 ? 1.2719 1.1034 1.2341 -0.2170 -0.4366 0.0839  11  DC A N3    
222 C  C4    . DC A 11 ? 1.3091 1.0844 1.1191 -0.2421 -0.4216 0.0821  11  DC A C4    
223 N  N4    . DC A 11 ? 1.4888 1.1749 1.1977 -0.2576 -0.4476 0.0775  11  DC A N4    
224 C  C5    . DC A 11 ? 1.1857 0.9910 0.9449 -0.2529 -0.3757 0.0844  11  DC A C5    
225 C  C6    . DC A 11 ? 1.2380 1.1259 1.0982 -0.2296 -0.3452 0.0908  11  DC A C6    
226 P  P     . DG A 12 ? 0.7389 0.9006 0.9445 -0.0938 -0.1181 0.1168  12  DG A P     
227 O  OP1   . DG A 12 ? 0.8465 1.0300 1.1525 -0.0751 -0.1020 0.1228  12  DG A OP1   
228 O  OP2   . DG A 12 ? 0.6686 0.8193 0.7927 -0.0948 -0.1175 0.1140  12  DG A OP2   
229 O  "O5'" . DG A 12 ? 0.6088 0.7808 0.8014 -0.0935 -0.0840 0.1126  12  DG A "O5'" 
230 C  "C5'" . DG A 12 ? 0.6144 0.7962 0.8790 -0.0913 -0.0701 0.1174  12  DG A "C5'" 
231 C  "C4'" . DG A 12 ? 0.5752 0.7628 0.8466 -0.0713 -0.0179 0.1272  12  DG A "C4'" 
232 O  "O4'" . DG A 12 ? 0.4833 0.6591 0.6853 -0.0678 -0.0087 0.1200  12  DG A "O4'" 
233 C  "C3'" . DG A 12 ? 0.6713 0.8610 0.9333 -0.0515 0.0068  0.1338  12  DG A "C3'" 
234 O  "O3'" . DG A 12 ? 0.6040 0.7913 0.9069 -0.0415 0.0546  0.1443  12  DG A "O3'" 
235 C  "C2'" . DG A 12 ? 0.5378 0.7138 0.7064 -0.0418 0.0101  0.1281  12  DG A "C2'" 
236 C  "C1'" . DG A 12 ? 0.5963 0.7624 0.7508 -0.0471 0.0140  0.1237  12  DG A "C1'" 
237 N  N9    . DG A 12 ? 0.5648 0.7267 0.6601 -0.0460 0.0014  0.1056  12  DG A N9    
238 C  C8    . DG A 12 ? 0.5671 0.7399 0.6433 -0.0658 -0.0214 0.0861  12  DG A C8    
239 N  N7    . DG A 12 ? 0.5970 0.7703 0.6418 -0.0610 -0.0203 0.0652  12  DG A N7    
240 C  C5    . DG A 12 ? 0.5125 0.6659 0.5479 -0.0333 -0.0070 0.0742  12  DG A C5    
241 C  C6    . DG A 12 ? 0.4114 0.5484 0.4210 -0.0134 -0.0120 0.0582  12  DG A C6    
242 O  O6    . DG A 12 ? 0.4344 0.5857 0.4471 -0.0162 -0.0244 0.0271  12  DG A O6    
243 N  N1    . DG A 12 ? 0.6825 0.7761 0.6618 0.0113  -0.0015 0.0781  12  DG A N1    
244 C  C2    . DG A 12 ? 0.6312 0.7084 0.6124 0.0120  0.0257  0.1077  12  DG A C2    
245 N  N2    . DG A 12 ? 0.6592 0.6805 0.5882 0.0316  0.0426  0.1236  12  DG A N2    
246 N  N3    . DG A 12 ? 0.5543 0.6619 0.5860 -0.0064 0.0347  0.1174  12  DG A N3    
247 C  C4    . DG A 12 ? 0.4543 0.5957 0.5081 -0.0263 0.0112  0.1010  12  DG A C4    
248 P  P     . DG A 13 ? 0.7702 0.9596 1.0876 -0.0233 0.0884  0.1467  13  DG A P     
249 O  OP1   . DG A 13 ? 0.6142 0.8122 1.0229 -0.0284 0.1334  0.1503  13  DG A OP1   
250 O  OP2   . DG A 13 ? 0.7694 0.9725 1.0918 -0.0216 0.0451  0.1376  13  DG A OP2   
251 O  "O5'" . DG A 13 ? 0.8047 0.9561 1.0094 -0.0042 0.1157  0.1522  13  DG A "O5'" 
252 C  "C5'" . DG A 13 ? 0.7027 0.8197 0.8509 -0.0042 0.1280  0.1593  13  DG A "C5'" 
253 C  "C4'" . DG A 13 ? 0.6440 0.7073 0.6977 0.0172  0.1589  0.1665  13  DG A "C4'" 
254 O  "O4'" . DG A 13 ? 0.6335 0.6730 0.6084 0.0295  0.1237  0.1583  13  DG A "O4'" 
255 C  "C3'" . DG A 13 ? 0.7027 0.7661 0.7452 0.0330  0.1783  0.1632  13  DG A "C3'" 
256 O  "O3'" . DG A 13 ? 0.7434 0.7425 0.7057 0.0457  0.2281  0.1734  13  DG A "O3'" 
257 C  "C2'" . DG A 13 ? 0.5871 0.6570 0.5808 0.0443  0.1299  0.1510  13  DG A "C2'" 
258 C  "C1'" . DG A 13 ? 0.7593 0.7968 0.6923 0.0469  0.1108  0.1497  13  DG A "C1'" 
259 N  N9    . DG A 13 ? 0.6322 0.6986 0.5684 0.0412  0.0648  0.1316  13  DG A N9    
260 C  C8    . DG A 13 ? 0.5540 0.6672 0.5438 0.0190  0.0419  0.1231  13  DG A C8    
261 N  N7    . DG A 13 ? 0.5526 0.6768 0.5248 0.0126  0.0151  0.1043  13  DG A N7    
262 C  C5    . DG A 13 ? 0.5052 0.5943 0.4279 0.0358  0.0130  0.0978  13  DG A C5    
263 C  C6    . DG A 13 ? 0.5215 0.6091 0.4303 0.0419  -0.0121 0.0723  13  DG A C6    
264 O  O6    . DG A 13 ? 0.4545 0.5766 0.3900 0.0237  -0.0254 0.0498  13  DG A O6    
265 N  N1    . DG A 13 ? 0.6299 0.6633 0.4869 0.0712  -0.0207 0.0717  13  DG A N1    
266 C  C2    . DG A 13 ? 0.7306 0.7063 0.5311 0.0883  0.0011  0.0966  13  DG A C2    
267 N  N2    . DG A 13 ? 0.6500 0.5556 0.3791 0.1150  -0.0180 0.0937  13  DG A N2    
268 N  N3    . DG A 13 ? 0.5779 0.5593 0.3920 0.0780  0.0389  0.1194  13  DG A N3    
269 C  C4    . DG A 13 ? 0.5398 0.5843 0.4272 0.0536  0.0394  0.1170  13  DG A C4    
270 P  P     . DA A 14 ? 0.7774 0.7636 0.7191 0.0627  0.2654  0.1671  14  DA A P     
271 O  OP1   . DA A 14 ? 0.9402 0.8626 0.8277 0.0585  0.3375  0.1795  14  DA A OP1   
272 O  OP2   . DA A 14 ? 0.7487 0.8058 0.8060 0.0588  0.2493  0.1531  14  DA A OP2   
273 O  "O5'" . DA A 14 ? 0.8735 0.8190 0.7017 0.0888  0.2255  0.1610  14  DA A "O5'" 
274 C  "C5'" . DA A 14 ? 0.9817 0.8530 0.6966 0.0996  0.2111  0.1684  14  DA A "C5'" 
275 C  "C4'" . DA A 14 ? 0.9501 0.8096 0.6100 0.1214  0.1540  0.1536  14  DA A "C4'" 
276 O  "O4'" . DA A 14 ? 0.8096 0.7385 0.5465 0.1084  0.1075  0.1412  14  DA A "O4'" 
277 C  "C3'" . DA A 14 ? 0.9137 0.7710 0.5511 0.1404  0.1556  0.1431  14  DA A "C3'" 
278 O  "O3'" . DA A 14 ? 1.0942 0.8665 0.6074 0.1670  0.1363  0.1396  14  DA A "O3'" 
279 C  "C2'" . DA A 14 ? 0.7873 0.7205 0.5054 0.1324  0.1078  0.1289  14  DA A "C2'" 
280 C  "C1'" . DA A 14 ? 0.8097 0.7576 0.5439 0.1193  0.0753  0.1260  14  DA A "C1'" 
281 N  N9    . DA A 14 ? 0.7517 0.7698 0.5688 0.0956  0.0509  0.1182  14  DA A N9    
282 C  C8    . DA A 14 ? 0.6887 0.7517 0.5808 0.0770  0.0605  0.1236  14  DA A C8    
283 N  N7    . DA A 14 ? 0.8000 0.9004 0.7293 0.0556  0.0294  0.1160  14  DA A N7    
284 C  C5    . DA A 14 ? 0.5363 0.6274 0.4270 0.0583  0.0075  0.1019  14  DA A C5    
285 C  C6    . DA A 14 ? 0.9143 1.0310 0.8181 0.0374  -0.0174 0.0850  14  DA A C6    
286 N  N6    . DA A 14 ? 0.6943 0.8375 0.6280 0.0075  -0.0274 0.0854  14  DA A N6    
287 N  N1    . DA A 14 ? 0.7338 0.8408 0.6176 0.0468  -0.0319 0.0647  14  DA A N1    
288 C  C2    . DA A 14 ? 0.8710 0.9325 0.7101 0.0785  -0.0337 0.0653  14  DA A C2    
289 N  N3    . DA A 14 ? 0.7468 0.7659 0.5424 0.0986  -0.0124 0.0849  14  DA A N3    
290 C  C4    . DA A 14 ? 0.6780 0.7205 0.5084 0.0854  0.0139  0.1017  14  DA A C4    
291 O  "O5'" . DG B 1  ? 1.1800 0.9814 1.2548 0.2490  -0.4131 -0.2074 1   DG B "O5'" 
292 C  "C5'" . DG B 1  ? 1.0218 0.8081 1.0277 0.2267  -0.3666 -0.1574 1   DG B "C5'" 
293 C  "C4'" . DG B 1  ? 1.1424 0.7893 1.0020 0.2488  -0.3949 -0.1103 1   DG B "C4'" 
294 O  "O4'" . DG B 1  ? 1.0928 0.7363 0.8693 0.2225  -0.3260 -0.0525 1   DG B "O4'" 
295 C  "C3'" . DG B 1  ? 1.2900 0.8664 1.1419 0.2601  -0.4359 -0.1126 1   DG B "C3'" 
296 O  "O3'" . DG B 1  ? 1.3882 0.8094 1.0820 0.2814  -0.4710 -0.0725 1   DG B "O3'" 
297 C  "C2'" . DG B 1  ? 1.2457 0.8847 1.1171 0.2209  -0.3650 -0.0842 1   DG B "C2'" 
298 C  "C1'" . DG B 1  ? 1.1901 0.8213 0.9676 0.2054  -0.3074 -0.0330 1   DG B "C1'" 
299 N  N9    . DG B 1  ? 1.0191 0.7467 0.8440 0.1674  -0.2372 -0.0158 1   DG B N9    
300 C  C8    . DG B 1  ? 0.9168 0.6293 0.6825 0.1471  -0.1828 0.0333  1   DG B C8    
301 N  N7    . DG B 1  ? 0.8619 0.6652 0.6950 0.1178  -0.1403 0.0352  1   DG B N7    
302 C  C5    . DG B 1  ? 0.8124 0.6897 0.7368 0.1149  -0.1604 -0.0128 1   DG B C5    
303 C  C6    . DG B 1  ? 0.6250 0.5961 0.6235 0.0855  -0.1327 -0.0310 1   DG B C6    
304 O  O6    . DG B 1  ? 0.6162 0.6204 0.6186 0.0602  -0.0967 -0.0073 1   DG B O6    
305 N  N1    . DG B 1  ? 0.6541 0.6731 0.7265 0.0868  -0.1530 -0.0856 1   DG B N1    
306 C  C2    . DG B 1  ? 0.8179 0.8063 0.9143 0.1176  -0.2016 -0.1219 1   DG B C2    
307 N  N2    . DG B 1  ? 0.6897 0.7407 0.8822 0.1128  -0.2084 -0.1806 1   DG B N2    
308 N  N3    . DG B 1  ? 0.8055 0.7016 0.8341 0.1495  -0.2416 -0.1044 1   DG B N3    
309 C  C4    . DG B 1  ? 0.8542 0.6946 0.7870 0.1447  -0.2154 -0.0475 1   DG B C4    
310 P  P     . DG B 2  ? 1.5411 0.8618 1.1901 0.2830  -0.5151 -0.0732 2   DG B P     
311 O  OP1   . DG B 2  ? 1.8498 1.0531 1.3688 0.2905  -0.5485 -0.0687 2   DG B OP1   
312 O  OP2   . DG B 2  ? 1.4703 0.8628 1.2769 0.2900  -0.5548 -0.1326 2   DG B OP2   
313 O  "O5'" . DG B 2  ? 1.5633 0.8427 1.1344 0.2609  -0.4591 -0.0090 2   DG B "O5'" 
314 C  "C5'" . DG B 2  ? 1.5674 0.8060 1.0167 0.2441  -0.3951 0.0464  2   DG B "C5'" 
315 C  "C4'" . DG B 2  ? 1.5542 0.8218 1.0095 0.2050  -0.3215 0.0855  2   DG B "C4'" 
316 O  "O4'" . DG B 2  ? 1.3868 0.8177 0.9831 0.1807  -0.2733 0.0658  2   DG B "O4'" 
317 C  "C3'" . DG B 2  ? 1.6296 0.8351 1.0894 0.2007  -0.3520 0.0901  2   DG B "C3'" 
318 O  "O3'" . DG B 2  ? 1.7183 0.8554 1.0858 0.1700  -0.2908 0.1467  2   DG B "O3'" 
319 C  "C2'" . DG B 2  ? 1.4513 0.8085 1.0880 0.1871  -0.3421 0.0486  2   DG B "C2'" 
320 C  "C1'" . DG B 2  ? 1.3237 0.7868 0.9904 0.1609  -0.2646 0.0641  2   DG B "C1'" 
321 N  N9    . DG B 2  ? 1.1871 0.7946 0.9918 0.1459  -0.2464 0.0259  2   DG B N9    
322 C  C8    . DG B 2  ? 1.0574 0.7309 0.9626 0.1590  -0.2839 -0.0328 2   DG B C8    
323 N  N7    . DG B 2  ? 0.9754 0.7619 0.9673 0.1340  -0.2459 -0.0531 2   DG B N7    
324 C  C5    . DG B 2  ? 0.9364 0.7326 0.8906 0.1072  -0.1909 -0.0054 2   DG B C5    
325 C  C6    . DG B 2  ? 0.8193 0.7020 0.8235 0.0756  -0.1454 -0.0014 2   DG B C6    
326 O  O6    . DG B 2  ? 0.7063 0.6681 0.7778 0.0610  -0.1388 -0.0363 2   DG B O6    
327 N  N1    . DG B 2  ? 0.8801 0.7423 0.8444 0.0589  -0.1050 0.0473  2   DG B N1    
328 C  C2    . DG B 2  ? 0.8404 0.6120 0.7207 0.0665  -0.0950 0.0867  2   DG B C2    
329 N  N2    . DG B 2  ? 0.8361 0.6100 0.7093 0.0448  -0.0449 0.1231  2   DG B N2    
330 N  N3    . DG B 2  ? 0.9601 0.6372 0.7667 0.0922  -0.1326 0.0877  2   DG B N3    
331 C  C4    . DG B 2  ? 0.9635 0.6586 0.8150 0.1138  -0.1860 0.0406  2   DG B C4    
332 P  P     . DC B 3  ? 1.9108 0.8872 1.1220 0.1657  -0.3037 0.1757  3   DC B P     
333 O  OP1   . DC B 3  ? 1.9318 0.8662 1.0377 0.1730  -0.2899 0.1774  3   DC B OP1   
334 O  OP2   . DC B 3  ? 1.8810 0.8216 1.1313 0.1821  -0.3855 0.1430  3   DC B OP2   
335 O  "O5'" . DC B 3  ? 1.9716 0.9241 1.1502 0.1222  -0.2181 0.2291  3   DC B "O5'" 
336 C  "C5'" . DC B 3  ? 1.9479 0.8660 1.1574 0.1058  -0.2311 0.2396  3   DC B "C5'" 
337 C  "C4'" . DC B 3  ? 1.9117 0.8730 1.1700 0.0635  -0.1452 0.2757  3   DC B "C4'" 
338 O  "O4'" . DC B 3  ? 1.9561 0.8865 1.1263 0.0382  -0.0615 0.3091  3   DC B "O4'" 
339 C  "C3'" . DC B 3  ? 1.7429 0.8990 1.1770 0.0556  -0.1143 0.2447  3   DC B "C3'" 
340 O  "O3'" . DC B 3  ? 1.7157 0.9291 1.2539 0.0254  -0.0875 0.2497  3   DC B "O3'" 
341 C  "C2'" . DC B 3  ? 1.6685 0.8534 1.0645 0.0442  -0.0412 0.2649  3   DC B "C2'" 
342 C  "C1'" . DC B 3  ? 1.8316 0.8704 1.0863 0.0204  0.0084  0.3144  3   DC B "C1'" 
343 N  N1    . DC B 3  ? 1.8443 0.8725 1.0188 0.0186  0.0630  0.3231  3   DC B N1    
344 C  C2    . DC B 3  ? 1.8393 0.9572 1.0847 -0.0032 0.1441  0.3306  3   DC B C2    
345 O  O2    . DC B 3  ? 1.7768 0.9975 1.1646 -0.0217 0.1647  0.3257  3   DC B O2    
346 N  N3    . DC B 3  ? 1.8342 0.9517 1.0225 -0.0022 0.1882  0.3281  3   DC B N3    
347 C  C4    . DC B 3  ? 1.9291 0.9543 0.9855 0.0178  0.1565  0.3212  3   DC B C4    
348 N  N4    . DC B 3  ? 2.0116 1.0310 1.0134 0.0185  0.2016  0.3160  3   DC B N4    
349 C  C5    . DC B 3  ? 2.0620 0.9934 1.0435 0.0386  0.0735  0.3144  3   DC B C5    
350 C  C6    . DC B 3  ? 1.9703 0.9120 1.0205 0.0393  0.0284  0.3144  3   DC B C6    
351 P  P     . DT B 4  ? 1.5428 0.8942 1.2451 0.0293  -0.1211 0.2018  4   DT B P     
352 O  OP1   . DT B 4  ? 1.5033 0.9196 1.2968 -0.0071 -0.0705 0.2162  4   DT B OP1   
353 O  OP2   . DT B 4  ? 1.5248 0.8271 1.2307 0.0566  -0.2031 0.1702  4   DT B OP2   
354 O  "O5'" . DT B 4  ? 1.4596 0.9165 1.2027 0.0455  -0.1177 0.1715  4   DT B "O5'" 
355 C  "C5'" . DT B 4  ? 1.3586 0.9239 1.1748 0.0242  -0.0643 0.1737  4   DT B "C5'" 
356 C  "C4'" . DT B 4  ? 1.1831 0.8629 1.1045 0.0274  -0.0893 0.1273  4   DT B "C4'" 
357 O  "O4'" . DT B 4  ? 1.2160 0.8893 1.1247 0.0581  -0.1402 0.0900  4   DT B "O4'" 
358 C  "C3'" . DT B 4  ? 1.2323 0.9432 1.2371 0.0129  -0.1064 0.1096  4   DT B "C3'" 
359 O  "O3'" . DT B 4  ? 1.2248 1.0219 1.3019 -0.0116 -0.0755 0.1086  4   DT B "O3'" 
360 C  "C2'" . DT B 4  ? 1.2052 0.9394 1.2466 0.0363  -0.1610 0.0557  4   DT B "C2'" 
361 C  "C1'" . DT B 4  ? 1.0764 0.8175 1.0776 0.0582  -0.1680 0.0434  4   DT B "C1'" 
362 N  N1    . DT B 4  ? 1.1700 0.8714 1.1708 0.0911  -0.2291 0.0046  4   DT B N1    
363 C  C2    . DT B 4  ? 1.3585 0.9360 1.2791 0.1113  -0.2693 0.0240  4   DT B C2    
364 O  O2    . DT B 4  ? 1.4343 0.9282 1.2723 0.0990  -0.2476 0.0741  4   DT B O2    
365 N  N3    . DT B 4  ? 1.4094 0.9569 1.3506 0.1448  -0.3371 -0.0200 4   DT B N3    
366 C  C4    . DT B 4  ? 1.2514 0.8879 1.2974 0.1578  -0.3583 -0.0836 4   DT B C4    
367 O  O4    . DT B 4  ? 1.2999 0.9053 1.3799 0.1895  -0.4218 -0.1265 4   DT B O4    
368 C  C5    . DT B 4  ? 1.1186 0.8793 1.2320 0.1301  -0.3018 -0.0986 4   DT B C5    
369 C  C7    . DT B 4  ? 1.0723 0.9269 1.2894 0.1337  -0.3062 -0.1662 4   DT B C7    
370 C  C6    . DT B 4  ? 1.1323 0.9141 1.2134 0.0997  -0.2460 -0.0527 4   DT B C6    
371 P  P     . DC B 5  ? 1.1154 0.9204 1.2612 -0.0381 -0.0680 0.1185  5   DC B P     
372 O  OP1   . DC B 5  ? 1.3186 1.0623 1.4360 -0.0545 -0.0261 0.1658  5   DC B OP1   
373 O  OP2   . DC B 5  ? 1.1988 0.9903 1.3698 -0.0276 -0.1164 0.0843  5   DC B OP2   
374 O  "O5'" . DC B 5  ? 1.1162 1.0163 1.3305 -0.0560 -0.0548 0.1043  5   DC B "O5'" 
375 C  "C5'" . DC B 5  ? 1.0268 0.9589 1.2348 -0.0609 -0.0212 0.1218  5   DC B "C5'" 
376 C  "C4'" . DC B 5  ? 0.9717 0.9762 1.2108 -0.0678 -0.0337 0.0950  5   DC B "C4'" 
377 O  "O4'" . DC B 5  ? 0.9388 0.9562 1.1359 -0.0507 -0.0497 0.0661  5   DC B "O4'" 
378 C  "C3'" . DC B 5  ? 0.9072 0.9373 1.2011 -0.0849 -0.0598 0.0718  5   DC B "C3'" 
379 O  "O3'" . DC B 5  ? 0.9062 0.9747 1.2323 -0.1017 -0.0593 0.0743  5   DC B "O3'" 
380 C  "C2'" . DC B 5  ? 0.9093 0.9535 1.1782 -0.0746 -0.0837 0.0281  5   DC B "C2'" 
381 C  "C1'" . DC B 5  ? 0.8856 0.9427 1.1079 -0.0611 -0.0698 0.0283  5   DC B "C1'" 
382 N  N1    . DC B 5  ? 0.6746 0.7335 0.8805 -0.0431 -0.0860 -0.0098 5   DC B N1    
383 C  C2    . DC B 5  ? 0.8266 0.9247 1.0491 -0.0535 -0.0926 -0.0559 5   DC B C2    
384 O  O2    . DC B 5  ? 0.8883 1.0058 1.1164 -0.0777 -0.0898 -0.0604 5   DC B O2    
385 N  N3    . DC B 5  ? 0.6860 0.7937 0.9184 -0.0377 -0.1023 -0.0976 5   DC B N3    
386 C  C4    . DC B 5  ? 0.7804 0.8537 1.0019 -0.0093 -0.1181 -0.0919 5   DC B C4    
387 N  N4    . DC B 5  ? 0.8353 0.9204 1.0867 0.0079  -0.1357 -0.1387 5   DC B N4    
388 C  C5    . DC B 5  ? 0.7663 0.7850 0.9446 0.0015  -0.1163 -0.0408 5   DC B C5    
389 C  C6    . DC B 5  ? 0.6723 0.6893 0.8464 -0.0177 -0.0937 -0.0023 5   DC B C6    
390 P  P     . DG B 6  ? 0.9517 1.0211 1.3563 -0.1182 -0.0479 0.1009  6   DG B P     
391 O  OP1   . DG B 6  ? 0.9872 1.0295 1.4350 -0.1267 -0.0610 0.1002  6   DG B OP1   
392 O  OP2   . DG B 6  ? 0.9570 1.0600 1.3865 -0.1290 -0.0661 0.0936  6   DG B OP2   
393 O  "O5'" . DG B 6  ? 0.9225 0.9739 1.3136 -0.1104 0.0008  0.1338  6   DG B "O5'" 
394 C  "C5'" . DG B 6  ? 0.8487 0.9269 1.2291 -0.1050 0.0184  0.1400  6   DG B "C5'" 
395 C  "C4'" . DG B 6  ? 0.7538 0.8000 1.1020 -0.0964 0.0690  0.1663  6   DG B "C4'" 
396 O  "O4'" . DG B 6  ? 0.7538 0.7534 1.0048 -0.0776 0.0652  0.1661  6   DG B "O4'" 
397 C  "C3'" . DG B 6  ? 0.8975 0.9697 1.2452 -0.0896 0.0918  0.1712  6   DG B "C3'" 
398 O  "O3'" . DG B 6  ? 0.7917 0.8415 1.1598 -0.0946 0.1490  0.1927  6   DG B "O3'" 
399 C  "C2'" . DG B 6  ? 0.7352 0.7911 0.9802 -0.0677 0.0811  0.1636  6   DG B "C2'" 
400 C  "C1'" . DG B 6  ? 0.7393 0.7333 0.9289 -0.0612 0.0832  0.1712  6   DG B "C1'" 
401 N  N9    . DG B 6  ? 0.8244 0.8016 0.9450 -0.0409 0.0501  0.1519  6   DG B N9    
402 C  C8    . DG B 6  ? 0.8158 0.7277 0.8522 -0.0207 0.0478  0.1581  6   DG B C8    
403 N  N7    . DG B 6  ? 0.7504 0.6671 0.7655 -0.0041 0.0087  0.1299  6   DG B N7    
404 C  C5    . DG B 6  ? 0.8098 0.7983 0.8885 -0.0180 -0.0056 0.1047  6   DG B C5    
405 C  C6    . DG B 6  ? 0.7020 0.7268 0.7933 -0.0149 -0.0338 0.0656  6   DG B C6    
406 O  O6    . DG B 6  ? 0.7066 0.7172 0.7777 0.0043  -0.0561 0.0415  6   DG B O6    
407 N  N1    . DG B 6  ? 0.6476 0.7245 0.7812 -0.0380 -0.0349 0.0515  6   DG B N1    
408 C  C2    . DG B 6  ? 0.6262 0.7170 0.7949 -0.0571 -0.0237 0.0722  6   DG B C2    
409 N  N2    . DG B 6  ? 0.5636 0.6862 0.7520 -0.0771 -0.0382 0.0546  6   DG B N2    
410 N  N3    . DG B 6  ? 0.5971 0.6662 0.7815 -0.0579 -0.0002 0.1046  6   DG B N3    
411 C  C4    . DG B 6  ? 0.7821 0.8013 0.9155 -0.0398 0.0141  0.1197  6   DG B C4    
412 P  P     . DG B 7  ? 0.8491 0.9310 1.2588 -0.0912 0.1827  0.1936  7   DG B P     
413 O  OP1   . DG B 7  ? 0.8514 0.9177 1.3239 -0.1079 0.2476  0.2076  7   DG B OP1   
414 O  OP2   . DG B 7  ? 0.7619 0.8987 1.2316 -0.0920 0.1326  0.1745  7   DG B OP2   
415 O  "O5'" . DG B 7  ? 0.7550 0.7998 1.0391 -0.0678 0.1985  0.1990  7   DG B "O5'" 
416 C  "C5'" . DG B 7  ? 0.8401 0.8101 1.0198 -0.0608 0.2172  0.2141  7   DG B "C5'" 
417 C  "C4'" . DG B 7  ? 0.9969 0.9421 1.0690 -0.0341 0.1962  0.2080  7   DG B "C4'" 
418 O  "O4'" . DG B 7  ? 0.9172 0.8745 0.9721 -0.0260 0.1375  0.1893  7   DG B "O4'" 
419 C  "C3'" . DG B 7  ? 0.9373 0.9297 1.0273 -0.0237 0.1968  0.1972  7   DG B "C3'" 
420 O  "O3'" . DG B 7  ? 0.9900 0.9308 0.9867 -0.0060 0.2267  0.2050  7   DG B "O3'" 
421 C  "C2'" . DG B 7  ? 0.7004 0.7277 0.7813 -0.0163 0.1375  0.1764  7   DG B "C2'" 
422 C  "C1'" . DG B 7  ? 0.8288 0.8059 0.8469 -0.0088 0.1171  0.1751  7   DG B "C1'" 
423 N  N9    . DG B 7  ? 0.6131 0.6232 0.6414 -0.0076 0.0691  0.1488  7   DG B N9    
424 C  C8    . DG B 7  ? 0.5392 0.6070 0.6272 -0.0244 0.0482  0.1328  7   DG B C8    
425 N  N7    . DG B 7  ? 0.7675 0.8496 0.8419 -0.0231 0.0182  0.1065  7   DG B N7    
426 C  C5    . DG B 7  ? 0.5544 0.5916 0.5744 -0.0003 0.0117  0.1029  7   DG B C5    
427 C  C6    . DG B 7  ? 0.6778 0.7128 0.6846 0.0122  -0.0184 0.0720  7   DG B C6    
428 O  O6    . DG B 7  ? 0.5082 0.5860 0.5474 0.0017  -0.0331 0.0407  7   DG B O6    
429 N  N1    . DG B 7  ? 0.7081 0.6778 0.6572 0.0386  -0.0305 0.0769  7   DG B N1    
430 C  C2    . DG B 7  ? 0.7700 0.6736 0.6563 0.0473  -0.0079 0.1111  7   DG B C2    
431 N  N2    . DG B 7  ? 0.8138 0.6372 0.6236 0.0725  -0.0314 0.1121  7   DG B N2    
432 N  N3    . DG B 7  ? 0.6934 0.6035 0.5912 0.0316  0.0346  0.1388  7   DG B N3    
433 C  C4    . DG B 7  ? 0.6657 0.6502 0.6436 0.0098  0.0386  0.1312  7   DG B C4    
434 P  P     . DC B 8  ? 0.9796 0.8879 0.9757 -0.0144 0.3052  0.2195  8   DC B P     
435 O  OP1   . DC B 8  ? 1.0851 0.9498 1.0869 -0.0368 0.3366  0.2370  8   DC B OP1   
436 O  OP2   . DC B 8  ? 0.8136 0.7943 0.9164 -0.0164 0.3197  0.2054  8   DC B OP2   
437 O  "O5'" . DC B 8  ? 0.9404 0.7611 0.7792 0.0091  0.3185  0.2264  8   DC B "O5'" 
438 C  "C5'" . DC B 8  ? 0.9236 0.7633 0.7420 0.0292  0.3134  0.2133  8   DC B "C5'" 
439 C  "C4'" . DC B 8  ? 1.1474 0.8831 0.8051 0.0495  0.3289  0.2213  8   DC B "C4'" 
440 O  "O4'" . DC B 8  ? 1.2273 0.9064 0.8477 0.0341  0.4118  0.2337  8   DC B "O4'" 
441 C  "C3'" . DC B 8  ? 1.1765 0.8264 0.7196 0.0614  0.2816  0.2295  8   DC B "C3'" 
442 O  "O3'" . DC B 8  ? 1.3479 0.9329 0.7718 0.0906  0.2563  0.2234  8   DC B "O3'" 
443 C  "C2'" . DC B 8  ? 1.5033 1.0640 0.9812 0.0404  0.3386  0.2549  8   DC B "C2'" 
444 C  "C1'" . DC B 8  ? 1.4682 1.0360 0.9524 0.0350  0.4004  0.2436  8   DC B "C1'" 
445 N  N1    . DC B 8  ? 1.5493 1.0845 1.0429 0.0055  0.4635  0.2492  8   DC B N1    
446 C  C2    . DC B 8  ? 1.7483 1.1652 1.0965 0.0038  0.4781  0.2550  8   DC B C2    
447 O  O2    . DC B 8  ? 1.7400 1.0814 0.9613 0.0289  0.4310  0.2531  8   DC B O2    
448 N  N3    . DC B 8  ? 1.8859 1.2712 1.2397 -0.0259 0.5406  0.2603  8   DC B N3    
449 C  C4    . DC B 8  ? 1.8060 1.2758 1.3133 -0.0512 0.5832  0.2565  8   DC B C4    
450 N  N4    . DC B 8  ? 1.9144 1.3479 1.4255 -0.0808 0.6453  0.2593  8   DC B N4    
451 C  C5    . DC B 8  ? 1.5499 1.1401 1.2148 -0.0478 0.5610  0.2477  8   DC B C5    
452 C  C6    . DC B 8  ? 1.5610 1.1775 1.2071 -0.0205 0.5038  0.2463  8   DC B C6    
453 P  P     . DG B 9  ? 1.3029 0.8831 0.6990 0.1174  0.1671  0.2040  9   DG B P     
454 O  OP1   . DG B 9  ? 1.3668 0.8217 0.6094 0.1404  0.1444  0.2058  9   DG B OP1   
455 O  OP2   . DG B 9  ? 1.3147 0.9956 0.8021 0.1221  0.1478  0.1828  9   DG B OP2   
456 O  "O5'" . DG B 9  ? 1.2509 0.8501 0.7055 0.1053  0.1298  0.2024  9   DG B "O5'" 
457 C  "C5'" . DG B 9  ? 1.5126 0.9983 0.8662 0.1111  0.1082  0.2155  9   DG B "C5'" 
458 C  "C4'" . DG B 9  ? 1.3802 0.8524 0.7320 0.1360  0.0219  0.1893  9   DG B "C4'" 
459 O  "O4'" . DG B 9  ? 1.0839 0.6727 0.5798 0.1235  0.0010  0.1659  9   DG B "O4'" 
460 C  "C3'" . DG B 9  ? 1.3497 0.8066 0.6583 0.1677  -0.0243 0.1665  9   DG B "C3'" 
461 O  "O3'" . DG B 9  ? 1.4086 0.7764 0.6537 0.1952  -0.0991 0.1517  9   DG B "O3'" 
462 C  "C2'" . DG B 9  ? 1.0807 0.6770 0.5335 0.1597  -0.0371 0.1379  9   DG B "C2'" 
463 C  "C1'" . DG B 9  ? 1.0180 0.6544 0.5526 0.1418  -0.0468 0.1320  9   DG B "C1'" 
464 N  N9    . DG B 9  ? 0.8813 0.6418 0.5424 0.1197  -0.0369 0.1143  9   DG B N9    
465 C  C8    . DG B 9  ? 0.7978 0.6218 0.5160 0.0940  0.0092  0.1292  9   DG B C8    
466 N  N7    . DG B 9  ? 0.8661 0.7757 0.6705 0.0780  -0.0009 0.1090  9   DG B N7    
467 C  C5    . DG B 9  ? 0.7093 0.6218 0.5237 0.0913  -0.0455 0.0762  9   DG B C5    
468 C  C6    . DG B 9  ? 0.6096 0.5922 0.4970 0.0787  -0.0631 0.0412  9   DG B C6    
469 O  O6    . DG B 9  ? 0.5837 0.6290 0.5206 0.0517  -0.0467 0.0366  9   DG B O6    
470 N  N1    . DG B 9  ? 0.5906 0.5574 0.4876 0.0988  -0.1038 0.0068  9   DG B N1    
471 C  C2    . DG B 9  ? 0.7660 0.6473 0.6002 0.1313  -0.1385 0.0084  9   DG B C2    
472 N  N2    . DG B 9  ? 0.7498 0.6263 0.6216 0.1508  -0.1870 -0.0334 9   DG B N2    
473 N  N3    . DG B 9  ? 0.8891 0.6888 0.6284 0.1423  -0.1263 0.0457  9   DG B N3    
474 C  C4    . DG B 9  ? 0.7959 0.6208 0.5338 0.1196  -0.0730 0.0774  9   DG B C4    
475 P  P     . DG B 10 ? 1.5103 0.8621 0.7378 0.2244  -0.1566 0.1162  10  DG B P     
476 O  OP1   . DG B 10 ? 1.6998 0.9339 0.8392 0.2355  -0.1997 0.1063  10  DG B OP1   
477 O  OP2   . DG B 10 ? 1.4577 0.8422 0.6712 0.2217  -0.1126 0.1211  10  DG B OP2   
478 O  "O5'" . DG B 10 ? 1.3176 0.7654 0.6783 0.2353  -0.2118 0.0772  10  DG B "O5'" 
479 C  "C5'" . DG B 10 ? 1.3156 0.7484 0.7255 0.2458  -0.2703 0.0513  10  DG B "C5'" 
480 C  "C4'" . DG B 10 ? 1.2169 0.7380 0.7571 0.2564  -0.3166 -0.0030 10  DG B "C4'" 
481 O  "O4'" . DG B 10 ? 1.0433 0.7049 0.7023 0.2230  -0.2648 -0.0125 10  DG B "O4'" 
482 C  "C3'" . DG B 10 ? 1.2508 0.7531 0.7712 0.2768  -0.3482 -0.0252 10  DG B "C3'" 
483 O  "O3'" . DG B 10 ? 1.2643 0.7925 0.8890 0.2898  -0.4088 -0.0814 10  DG B "O3'" 
484 C  "C2'" . DG B 10 ? 1.1079 0.7143 0.6788 0.2567  -0.2953 -0.0173 10  DG B "C2'" 
485 C  "C1'" . DG B 10 ? 0.9705 0.6857 0.6692 0.2257  -0.2689 -0.0341 10  DG B "C1'" 
486 N  N9    . DG B 10 ? 0.9086 0.7173 0.6524 0.1905  -0.2057 -0.0182 10  DG B N9    
487 C  C8    . DG B 10 ? 0.8968 0.6992 0.5878 0.1755  -0.1531 0.0239  10  DG B C8    
488 N  N7    . DG B 10 ? 0.7427 0.6313 0.4983 0.1463  -0.1169 0.0265  10  DG B N7    
489 C  C5    . DG B 10 ? 0.7714 0.7222 0.6124 0.1368  -0.1385 -0.0136 10  DG B C5    
490 C  C6    . DG B 10 ? 0.6091 0.6436 0.5203 0.1031  -0.1155 -0.0273 10  DG B C6    
491 O  O6    . DG B 10 ? 0.5749 0.6404 0.4860 0.0795  -0.0836 -0.0047 10  DG B O6    
492 N  N1    . DG B 10 ? 0.5818 0.6561 0.5662 0.0977  -0.1348 -0.0741 10  DG B N1    
493 C  C2    . DG B 10 ? 0.7622 0.8062 0.7723 0.1266  -0.1803 -0.1082 10  DG B C2    
494 N  N2    . DG B 10 ? 0.5257 0.6237 0.6319 0.1158  -0.1880 -0.1594 10  DG B N2    
495 N  N3    . DG B 10 ? 0.6990 0.6573 0.6417 0.1623  -0.2162 -0.0944 10  DG B N3    
496 C  C4    . DG B 10 ? 0.7155 0.6273 0.5647 0.1633  -0.1890 -0.0446 10  DG B C4    
497 P  P     . DC B 11 ? 1.4395 0.8546 1.0151 0.3074  -0.4737 -0.1097 11  DC B P     
498 O  OP1   . DC B 11 ? 1.4070 0.7372 0.8987 0.3043  -0.4759 -0.0818 11  DC B OP1   
499 O  OP2   . DC B 11 ? 1.3855 0.7533 0.8923 0.3159  -0.4786 -0.1126 11  DC B OP2   
500 O  "O5'" . DC B 11 ? 1.3844 0.8710 1.1283 0.3134  -0.5243 -0.1771 11  DC B "O5'" 
501 C  "C5'" . DC B 11 ? 1.3786 0.9341 1.2207 0.3138  -0.5317 -0.2172 11  DC B "C5'" 
502 C  "C4'" . DC B 11 ? 1.4296 1.0517 1.4406 0.3124  -0.5637 -0.2847 11  DC B "C4'" 
503 O  "O4'" . DC B 11 ? 1.6657 1.1931 1.6589 0.3275  -0.6368 -0.3188 11  DC B "O4'" 
504 C  "C3'" . DC B 11 ? 1.3976 1.1037 1.5044 0.2991  -0.5358 -0.2931 11  DC B "C3'" 
505 O  "O3'" . DC B 11 ? 1.3294 1.1489 1.6022 0.2843  -0.5145 -0.3487 11  DC B "O3'" 
506 C  "C2'" . DC B 11 ? 1.5296 1.1534 1.6183 0.3107  -0.5923 -0.3107 11  DC B "C2'" 
507 C  "C1'" . DC B 11 ? 1.6689 1.2459 1.7756 0.3225  -0.6484 -0.3513 11  DC B "C1'" 
508 N  N1    . DC B 11 ? 1.8857 1.3704 1.9471 0.3361  -0.7123 -0.3560 11  DC B N1    
509 C  C2    . DC B 11 ? 2.0117 1.4840 2.1278 0.3469  -0.7582 -0.3872 11  DC B C2    
510 O  O2    . DC B 11 ? 1.9516 1.4855 2.1479 0.3440  -0.7422 -0.4080 11  DC B O2    
511 N  N3    . DC B 11 ? 2.1792 1.5645 2.2540 0.3605  -0.8225 -0.3939 11  DC B N3    
512 C  C4    . DC B 11 ? 2.2331 1.5461 2.2163 0.3611  -0.8381 -0.3702 11  DC B C4    
513 N  N4    . DC B 11 ? 2.3818 1.6035 2.3221 0.3740  -0.9055 -0.3784 11  DC B N4    
514 C  C5    . DC B 11 ? 2.1224 1.4463 2.0507 0.3480  -0.7885 -0.3376 11  DC B C5    
515 C  C6    . DC B 11 ? 1.9661 1.3778 1.9389 0.3370  -0.7282 -0.3326 11  DC B C6    
516 P  P     . DG B 12 ? 1.2337 1.1824 1.5612 0.2528  -0.4424 -0.3375 12  DG B P     
517 O  OP1   . DG B 12 ? 1.1772 1.2053 1.6485 0.2353  -0.4196 -0.3974 12  DG B OP1   
518 O  OP2   . DG B 12 ? 1.2036 1.1135 1.3960 0.2561  -0.4295 -0.2762 12  DG B OP2   
519 O  "O5'" . DG B 12 ? 1.0633 1.0596 1.4101 0.2298  -0.4031 -0.3280 12  DG B "O5'" 
520 C  "C5'" . DG B 12 ? 0.9693 1.0081 1.4414 0.2276  -0.4107 -0.3858 12  DG B "C5'" 
521 C  "C4'" . DG B 12 ? 0.8621 1.0093 1.3974 0.1777  -0.3307 -0.4007 12  DG B "C4'" 
522 O  "O4'" . DG B 12 ? 0.7822 0.9101 1.2015 0.1561  -0.2874 -0.3346 12  DG B "O4'" 
523 C  "C3'" . DG B 12 ? 0.8181 1.0397 1.3952 0.1435  -0.2800 -0.4163 12  DG B "C3'" 
524 O  "O3'" . DG B 12 ? 0.7506 1.0495 1.4282 0.1087  -0.2226 -0.4665 12  DG B "O3'" 
525 C  "C2'" . DG B 12 ? 0.7110 0.9180 1.1530 0.1188  -0.2335 -0.3420 12  DG B "C2'" 
526 C  "C1'" . DG B 12 ? 0.7118 0.9002 1.1139 0.1141  -0.2222 -0.3178 12  DG B "C1'" 
527 N  N9    . DG B 12 ? 0.6582 0.8079 0.9377 0.1060  -0.1995 -0.2459 12  DG B N9    
528 C  C8    . DG B 12 ? 0.6714 0.7384 0.8530 0.1344  -0.2269 -0.1985 12  DG B C8    
529 N  N7    . DG B 12 ? 0.6242 0.6831 0.7315 0.1166  -0.1892 -0.1463 12  DG B N7    
530 C  C5    . DG B 12 ? 0.6419 0.7748 0.7931 0.0771  -0.1454 -0.1576 12  DG B C5    
531 C  C6    . DG B 12 ? 0.5531 0.7052 0.6666 0.0471  -0.1054 -0.1213 12  DG B C6    
532 O  O6    . DG B 12 ? 0.5906 0.7107 0.6441 0.0498  -0.0954 -0.0745 12  DG B O6    
533 N  N1    . DG B 12 ? 0.5689 0.7784 0.7228 0.0100  -0.0758 -0.1477 12  DG B N1    
534 C  C2    . DG B 12 ? 0.5053 0.7559 0.7337 -0.0002 -0.0716 -0.2055 12  DG B C2    
535 N  N2    . DG B 12 ? 0.4391 0.7290 0.6762 -0.0424 -0.0321 -0.2242 12  DG B N2    
536 N  N3    . DG B 12 ? 0.5101 0.7574 0.8000 0.0283  -0.1045 -0.2450 12  DG B N3    
537 C  C4    . DG B 12 ? 0.5780 0.7625 0.8229 0.0679  -0.1465 -0.2170 12  DG B C4    
538 P  P     . DG B 13 ? 0.8145 1.1738 1.5376 0.0691  -0.1608 -0.4903 13  DG B P     
539 O  OP1   . DG B 13 ? 0.8868 1.2850 1.7152 0.0560  -0.1182 -0.5552 13  DG B OP1   
540 O  OP2   . DG B 13 ? 0.8549 1.1794 1.5620 0.0938  -0.2015 -0.4770 13  DG B OP2   
541 O  "O5'" . DG B 13 ? 0.8646 1.2532 1.4938 0.0167  -0.1040 -0.4448 13  DG B "O5'" 
542 C  "C5'" . DG B 13 ? 0.7129 1.1220 1.3213 -0.0153 -0.0576 -0.4453 13  DG B "C5'" 
543 C  "C4'" . DG B 13 ? 0.7012 1.1309 1.2421 -0.0727 0.0097  -0.4250 13  DG B "C4'" 
544 O  "O4'" . DG B 13 ? 0.5545 0.9384 0.9644 -0.0738 0.0043  -0.3487 13  DG B "O4'" 
545 C  "C3'" . DG B 13 ? 0.6956 1.1493 1.2644 -0.0980 0.0339  -0.4416 13  DG B "C3'" 
546 O  "O3'" . DG B 13 ? 0.6521 1.1242 1.1838 -0.1598 0.1050  -0.4506 13  DG B "O3'" 
547 C  "C2'" . DG B 13 ? 0.5698 0.9743 1.0368 -0.0771 -0.0004 -0.3724 13  DG B "C2'" 
548 C  "C1'" . DG B 13 ? 0.5191 0.8926 0.8815 -0.0842 0.0080  -0.3189 13  DG B "C1'" 
549 N  N9    . DG B 13 ? 0.5588 0.8828 0.8450 -0.0486 -0.0305 -0.2597 13  DG B N9    
550 C  C8    . DG B 13 ? 0.5240 0.8129 0.8151 0.0006  -0.0805 -0.2527 13  DG B C8    
551 N  N7    . DG B 13 ? 0.5385 0.7817 0.7431 0.0181  -0.0927 -0.1975 13  DG B N7    
552 C  C5    . DG B 13 ? 0.5474 0.8039 0.7060 -0.0184 -0.0556 -0.1686 13  DG B C5    
553 C  C6    . DG B 13 ? 0.4618 0.6911 0.5489 -0.0189 -0.0504 -0.1149 13  DG B C6    
554 O  O6    . DG B 13 ? 0.4920 0.6838 0.5400 0.0095  -0.0657 -0.0834 13  DG B O6    
555 N  N1    . DG B 13 ? 0.4468 0.6915 0.5107 -0.0593 -0.0235 -0.1041 13  DG B N1    
556 C  C2    . DG B 13 ? 0.4857 0.7580 0.5687 -0.0981 0.0024  -0.1388 13  DG B C2    
557 N  N2    . DG B 13 ? 0.4725 0.7344 0.5032 -0.1349 0.0194  -0.1216 13  DG B N2    
558 N  N3    . DG B 13 ? 0.5108 0.8127 0.6598 -0.1015 0.0114  -0.1903 13  DG B N3    
559 C  C4    . DG B 13 ? 0.4285 0.7257 0.6235 -0.0589 -0.0219 -0.2037 13  DG B C4    
560 P  P     . DA B 14 ? 0.6644 1.1377 1.1949 -0.1960 0.1496  -0.4641 14  DA B P     
561 O  OP1   . DA B 14 ? 0.7108 1.1813 1.2161 -0.2445 0.2201  -0.4976 14  DA B OP1   
562 O  OP2   . DA B 14 ? 0.6434 1.1234 1.2704 -0.1520 0.1069  -0.4880 14  DA B OP2   
563 O  "O5'" . DA B 14 ? 0.7565 1.1970 1.1634 -0.2216 0.1454  -0.3962 14  DA B "O5'" 
564 C  "C5'" A DA B 14 ? 0.6599 1.0625 0.9443 -0.2497 0.1646  -0.3547 14  DA B "C5'" 
565 C  "C5'" B DA B 14 ? 0.6590 1.0611 0.9421 -0.2496 0.1643  -0.3541 14  DA B "C5'" 
566 C  "C4'" A DA B 14 ? 0.6531 1.0081 0.8335 -0.2477 0.1376  -0.2876 14  DA B "C4'" 
567 C  "C4'" B DA B 14 ? 0.6429 0.9967 0.8230 -0.2367 0.1280  -0.2822 14  DA B "C4'" 
568 O  "O4'" A DA B 14 ? 0.5882 0.9315 0.7706 -0.1895 0.0818  -0.2533 14  DA B "O4'" 
569 O  "O4'" B DA B 14 ? 0.6084 0.9584 0.8166 -0.1753 0.0724  -0.2607 14  DA B "O4'" 
570 C  "C3'" A DA B 14 ? 0.6650 1.0182 0.8555 -0.2648 0.1431  -0.2893 14  DA B "C3'" 
571 C  "C3'" B DA B 14 ? 0.6829 1.0181 0.8275 -0.2638 0.1365  -0.2668 14  DA B "C3'" 
572 O  "O3'" A DA B 14 ? 0.6868 0.9993 0.7767 -0.3234 0.1793  -0.2697 14  DA B "O3'" 
573 O  "O3'" B DA B 14 ? 0.7878 1.0690 0.8146 -0.2751 0.1204  -0.2078 14  DA B "O3'" 
574 C  "C2'" A DA B 14 ? 0.6526 0.9840 0.8244 -0.2127 0.0832  -0.2445 14  DA B "C2'" 
575 C  "C2'" B DA B 14 ? 0.6411 0.9916 0.8575 -0.2120 0.0903  -0.2696 14  DA B "C2'" 
576 C  "C1'" A DA B 14 ? 0.5850 0.9023 0.7241 -0.1782 0.0573  -0.2148 14  DA B "C1'" 
577 C  "C1'" B DA B 14 ? 0.5725 0.9063 0.7638 -0.1631 0.0498  -0.2373 14  DA B "C1'" 
578 N  N9    A DA B 14 ? 0.6011 0.9099 0.7642 -0.1192 0.0099  -0.2017 14  DA B N9    
579 N  N9    B DA B 14 ? 0.5732 0.9068 0.8187 -0.1071 0.0029  -0.2454 14  DA B N9    
580 C  C8    A DA B 14 ? 0.5317 0.8066 0.6345 -0.0893 -0.0161 -0.1528 14  DA B C8    
581 C  C8    B DA B 14 ? 0.5807 0.9405 0.9303 -0.0887 -0.0135 -0.2974 14  DA B C8    
582 N  N7    A DA B 14 ? 0.5975 0.8554 0.7153 -0.0420 -0.0508 -0.1513 14  DA B N7    
583 N  N7    B DA B 14 ? 0.5976 0.9279 0.9523 -0.0346 -0.0686 -0.2898 14  DA B N7    
584 C  C5    A DA B 14 ? 0.5149 0.7977 0.7164 -0.0360 -0.0594 -0.2031 14  DA B C5    
585 C  C5    B DA B 14 ? 0.5777 0.8656 0.8266 -0.0206 -0.0765 -0.2295 14  DA B C5    
586 C  C6    A DA B 14 ? 0.6040 0.8714 0.8525 0.0080  -0.1043 -0.2283 14  DA B C6    
587 C  C6    B DA B 14 ? 0.6024 0.8374 0.7912 0.0253  -0.1149 -0.1943 14  DA B C6    
588 N  N6    A DA B 14 ? 0.6909 0.9023 0.8802 0.0521  -0.1426 -0.1983 14  DA B N6    
589 N  N6    B DA B 14 ? 0.6985 0.8990 0.9054 0.0690  -0.1640 -0.2117 14  DA B N6    
590 N  N1    A DA B 14 ? 0.5347 0.8387 0.8913 0.0038  -0.1087 -0.2880 14  DA B N1    
591 N  N1    B DA B 14 ? 0.5933 0.8039 0.7000 0.0229  -0.1012 -0.1432 14  DA B N1    
592 C  C2    A DA B 14 ? 0.6130 0.9680 1.0208 -0.0463 -0.0573 -0.3200 14  DA B C2    
593 C  C2    B DA B 14 ? 0.6037 0.8369 0.6904 -0.0180 -0.0657 -0.1275 14  DA B C2    
594 N  N3    A DA B 14 ? 0.5748 0.9368 0.9212 -0.0943 -0.0070 -0.2975 14  DA B N3    
595 N  N3    B DA B 14 ? 0.5937 0.8612 0.7084 -0.0620 -0.0351 -0.1529 14  DA B N3    
596 C  C4    A DA B 14 ? 0.5888 0.9116 0.8326 -0.0839 -0.0179 -0.2376 14  DA B C4    
597 C  C4    B DA B 14 ? 0.5413 0.8370 0.7366 -0.0629 -0.0359 -0.2040 14  DA B C4    
598 K  K     . K  C .  ? 0.5295 0.6178 0.6334 0.0081  -0.0773 -0.0349 101 K  A K     
599 K  K     . K  D .  ? 0.4928 0.6159 0.5370 0.0120  -0.0559 -0.0211 102 K  A K     
600 K  K     . K  E .  ? 0.4772 0.6194 0.4684 0.0182  -0.0496 -0.0116 103 K  A K     
601 NA NA    . NA F .  ? 0.4042 0.5559 0.3554 0.0217  -0.0572 -0.0090 104 NA A NA    
# 
loop_
_pdbx_poly_seq_scheme.asym_id 
_pdbx_poly_seq_scheme.entity_id 
_pdbx_poly_seq_scheme.seq_id 
_pdbx_poly_seq_scheme.mon_id 
_pdbx_poly_seq_scheme.ndb_seq_num 
_pdbx_poly_seq_scheme.pdb_seq_num 
_pdbx_poly_seq_scheme.auth_seq_num 
_pdbx_poly_seq_scheme.pdb_mon_id 
_pdbx_poly_seq_scheme.auth_mon_id 
_pdbx_poly_seq_scheme.pdb_strand_id 
_pdbx_poly_seq_scheme.pdb_ins_code 
_pdbx_poly_seq_scheme.hetero 
A 1 1  DG 1  1  1  DG DG A . n 
A 1 2  DG 2  2  2  DG DG A . n 
A 1 3  DC 3  3  3  DC DC A . n 
A 1 4  DT 4  4  4  DT DT A . n 
A 1 5  DC 5  5  5  DC DC A . n 
A 1 6  DG 6  6  6  DG DG A . n 
A 1 7  DG 7  7  7  DG DG A . n 
A 1 8  DC 8  8  8  DC DC A . n 
A 1 9  DG 9  9  9  DG DG A . n 
A 1 10 DG 10 10 10 DG DG A . n 
A 1 11 DC 11 11 11 DC DC A . n 
A 1 12 DG 12 12 12 DG DG A . n 
A 1 13 DG 13 13 13 DG DG A . n 
A 1 14 DA 14 14 14 DA DA A . n 
B 1 1  DG 1  1  1  DG DG B . n 
B 1 2  DG 2  2  2  DG DG B . n 
B 1 3  DC 3  3  3  DC DC B . n 
B 1 4  DT 4  4  4  DT DT B . n 
B 1 5  DC 5  5  5  DC DC B . n 
B 1 6  DG 6  6  6  DG DG B . n 
B 1 7  DG 7  7  7  DG DG B . n 
B 1 8  DC 8  8  8  DC DC B . n 
B 1 9  DG 9  9  9  DG DG B . n 
B 1 10 DG 10 10 10 DG DG B . n 
B 1 11 DC 11 11 11 DC DC B . n 
B 1 12 DG 12 12 12 DG DG B . n 
B 1 13 DG 13 13 13 DG DG B . n 
B 1 14 DA 14 14 14 DA DA B . n 
# 
loop_
_pdbx_nonpoly_scheme.asym_id 
_pdbx_nonpoly_scheme.entity_id 
_pdbx_nonpoly_scheme.mon_id 
_pdbx_nonpoly_scheme.ndb_seq_num 
_pdbx_nonpoly_scheme.pdb_seq_num 
_pdbx_nonpoly_scheme.auth_seq_num 
_pdbx_nonpoly_scheme.pdb_mon_id 
_pdbx_nonpoly_scheme.auth_mon_id 
_pdbx_nonpoly_scheme.pdb_strand_id 
_pdbx_nonpoly_scheme.pdb_ins_code 
C 2 K   1 101 1 K   K   A . 
D 2 K   1 102 2 K   K   A . 
E 2 K   1 103 3 K   K   A . 
F 3 NA  1 104 1 NA  NA  A . 
G 4 HOH 1 201 1 HOH HOH A . 
H 4 HOH 1 101 2 HOH HOH B . 
# 
_pdbx_struct_assembly.id                   1 
_pdbx_struct_assembly.details              author_and_software_defined_assembly 
_pdbx_struct_assembly.method_details       PISA 
_pdbx_struct_assembly.oligomeric_details   dimeric 
_pdbx_struct_assembly.oligomeric_count     2 
# 
_pdbx_struct_assembly_gen.assembly_id       1 
_pdbx_struct_assembly_gen.oper_expression   1 
_pdbx_struct_assembly_gen.asym_id_list      A,B,C,D,E,F,G,H 
# 
loop_
_pdbx_struct_assembly_prop.biol_id 
_pdbx_struct_assembly_prop.type 
_pdbx_struct_assembly_prop.value 
_pdbx_struct_assembly_prop.details 
1 'ABSA (A^2)' 1370 ? 
1 MORE         0    ? 
1 'SSA (A^2)'  4900 ? 
# 
_pdbx_struct_oper_list.id                   1 
_pdbx_struct_oper_list.type                 'identity operation' 
_pdbx_struct_oper_list.name                 1_555 
_pdbx_struct_oper_list.symmetry_operation   x,y,z 
_pdbx_struct_oper_list.matrix[1][1]         1.0000000000 
_pdbx_struct_oper_list.matrix[1][2]         0.0000000000 
_pdbx_struct_oper_list.matrix[1][3]         0.0000000000 
_pdbx_struct_oper_list.vector[1]            0.0000000000 
_pdbx_struct_oper_list.matrix[2][1]         0.0000000000 
_pdbx_struct_oper_list.matrix[2][2]         1.0000000000 
_pdbx_struct_oper_list.matrix[2][3]         0.0000000000 
_pdbx_struct_oper_list.vector[2]            0.0000000000 
_pdbx_struct_oper_list.matrix[3][1]         0.0000000000 
_pdbx_struct_oper_list.matrix[3][2]         0.0000000000 
_pdbx_struct_oper_list.matrix[3][3]         1.0000000000 
_pdbx_struct_oper_list.vector[3]            0.0000000000 
# 
loop_
_pdbx_struct_conn_angle.id 
_pdbx_struct_conn_angle.ptnr1_label_atom_id 
_pdbx_struct_conn_angle.ptnr1_label_alt_id 
_pdbx_struct_conn_angle.ptnr1_label_asym_id 
_pdbx_struct_conn_angle.ptnr1_label_comp_id 
_pdbx_struct_conn_angle.ptnr1_label_seq_id 
_pdbx_struct_conn_angle.ptnr1_auth_atom_id 
_pdbx_struct_conn_angle.ptnr1_auth_asym_id 
_pdbx_struct_conn_angle.ptnr1_auth_comp_id 
_pdbx_struct_conn_angle.ptnr1_auth_seq_id 
_pdbx_struct_conn_angle.ptnr1_PDB_ins_code 
_pdbx_struct_conn_angle.ptnr1_symmetry 
_pdbx_struct_conn_angle.ptnr2_label_atom_id 
_pdbx_struct_conn_angle.ptnr2_label_alt_id 
_pdbx_struct_conn_angle.ptnr2_label_asym_id 
_pdbx_struct_conn_angle.ptnr2_label_comp_id 
_pdbx_struct_conn_angle.ptnr2_label_seq_id 
_pdbx_struct_conn_angle.ptnr2_auth_atom_id 
_pdbx_struct_conn_angle.ptnr2_auth_asym_id 
_pdbx_struct_conn_angle.ptnr2_auth_comp_id 
_pdbx_struct_conn_angle.ptnr2_auth_seq_id 
_pdbx_struct_conn_angle.ptnr2_PDB_ins_code 
_pdbx_struct_conn_angle.ptnr2_symmetry 
_pdbx_struct_conn_angle.ptnr3_label_atom_id 
_pdbx_struct_conn_angle.ptnr3_label_alt_id 
_pdbx_struct_conn_angle.ptnr3_label_asym_id 
_pdbx_struct_conn_angle.ptnr3_label_comp_id 
_pdbx_struct_conn_angle.ptnr3_label_seq_id 
_pdbx_struct_conn_angle.ptnr3_auth_atom_id 
_pdbx_struct_conn_angle.ptnr3_auth_asym_id 
_pdbx_struct_conn_angle.ptnr3_auth_comp_id 
_pdbx_struct_conn_angle.ptnr3_auth_seq_id 
_pdbx_struct_conn_angle.ptnr3_PDB_ins_code 
_pdbx_struct_conn_angle.ptnr3_symmetry 
_pdbx_struct_conn_angle.value 
_pdbx_struct_conn_angle.value_esd 
1  O6 ? A DG 1  ? A DG 1  ? 1_555 K  ? C K  . ? A K  101 ? 1_555 O6 ? A DG 2  ? A DG 2  ? 1_555 67.3  ? 
2  O6 ? A DG 1  ? A DG 1  ? 1_555 K  ? C K  . ? A K  101 ? 1_555 O6 ? A DG 6  ? A DG 6  ? 1_555 98.7  ? 
3  O6 ? A DG 2  ? A DG 2  ? 1_555 K  ? C K  . ? A K  101 ? 1_555 O6 ? A DG 6  ? A DG 6  ? 1_555 76.8  ? 
4  O6 ? A DG 1  ? A DG 1  ? 1_555 K  ? C K  . ? A K  101 ? 1_555 O6 ? A DG 7  ? A DG 7  ? 1_555 68.8  ? 
5  O6 ? A DG 2  ? A DG 2  ? 1_555 K  ? C K  . ? A K  101 ? 1_555 O6 ? A DG 7  ? A DG 7  ? 1_555 116.3 ? 
6  O6 ? A DG 6  ? A DG 6  ? 1_555 K  ? C K  . ? A K  101 ? 1_555 O6 ? A DG 7  ? A DG 7  ? 1_555 66.9  ? 
7  O6 ? A DG 1  ? A DG 1  ? 1_555 K  ? C K  . ? A K  101 ? 1_555 O6 ? B DG 1  ? B DG 1  ? 1_555 102.5 ? 
8  O6 ? A DG 2  ? A DG 2  ? 1_555 K  ? C K  . ? A K  101 ? 1_555 O6 ? B DG 1  ? B DG 1  ? 1_555 161.0 ? 
9  O6 ? A DG 6  ? A DG 6  ? 1_555 K  ? C K  . ? A K  101 ? 1_555 O6 ? B DG 1  ? B DG 1  ? 1_555 121.5 ? 
10 O6 ? A DG 7  ? A DG 7  ? 1_555 K  ? C K  . ? A K  101 ? 1_555 O6 ? B DG 1  ? B DG 1  ? 1_555 71.4  ? 
11 O6 ? A DG 1  ? A DG 1  ? 1_555 K  ? C K  . ? A K  101 ? 1_555 O6 ? B DG 2  ? B DG 2  ? 1_555 168.3 ? 
12 O6 ? A DG 2  ? A DG 2  ? 1_555 K  ? C K  . ? A K  101 ? 1_555 O6 ? B DG 2  ? B DG 2  ? 1_555 123.3 ? 
13 O6 ? A DG 6  ? A DG 6  ? 1_555 K  ? C K  . ? A K  101 ? 1_555 O6 ? B DG 2  ? B DG 2  ? 1_555 80.3  ? 
14 O6 ? A DG 7  ? A DG 7  ? 1_555 K  ? C K  . ? A K  101 ? 1_555 O6 ? B DG 2  ? B DG 2  ? 1_555 100.4 ? 
15 O6 ? B DG 1  ? B DG 1  ? 1_555 K  ? C K  . ? A K  101 ? 1_555 O6 ? B DG 2  ? B DG 2  ? 1_555 68.9  ? 
16 O6 ? A DG 1  ? A DG 1  ? 1_555 K  ? C K  . ? A K  101 ? 1_555 O6 ? B DG 6  ? B DG 6  ? 1_555 115.9 ? 
17 O6 ? A DG 2  ? A DG 2  ? 1_555 K  ? C K  . ? A K  101 ? 1_555 O6 ? B DG 6  ? B DG 6  ? 1_555 78.8  ? 
18 O6 ? A DG 6  ? A DG 6  ? 1_555 K  ? C K  . ? A K  101 ? 1_555 O6 ? B DG 6  ? B DG 6  ? 1_555 124.7 ? 
19 O6 ? A DG 7  ? A DG 7  ? 1_555 K  ? C K  . ? A K  101 ? 1_555 O6 ? B DG 6  ? B DG 6  ? 1_555 164.0 ? 
20 O6 ? B DG 1  ? B DG 1  ? 1_555 K  ? C K  . ? A K  101 ? 1_555 O6 ? B DG 6  ? B DG 6  ? 1_555 92.6  ? 
21 O6 ? B DG 2  ? B DG 2  ? 1_555 K  ? C K  . ? A K  101 ? 1_555 O6 ? B DG 6  ? B DG 6  ? 1_555 73.2  ? 
22 O6 ? A DG 1  ? A DG 1  ? 1_555 K  ? C K  . ? A K  101 ? 1_555 O6 ? B DG 7  ? B DG 7  ? 1_555 64.6  ? 
23 O6 ? A DG 2  ? A DG 2  ? 1_555 K  ? C K  . ? A K  101 ? 1_555 O6 ? B DG 7  ? B DG 7  ? 1_555 95.9  ? 
24 O6 ? A DG 6  ? A DG 6  ? 1_555 K  ? C K  . ? A K  101 ? 1_555 O6 ? B DG 7  ? B DG 7  ? 1_555 163.3 ? 
25 O6 ? A DG 7  ? A DG 7  ? 1_555 K  ? C K  . ? A K  101 ? 1_555 O6 ? B DG 7  ? B DG 7  ? 1_555 104.4 ? 
26 O6 ? B DG 1  ? B DG 1  ? 1_555 K  ? C K  . ? A K  101 ? 1_555 O6 ? B DG 7  ? B DG 7  ? 1_555 65.2  ? 
27 O6 ? B DG 2  ? B DG 2  ? 1_555 K  ? C K  . ? A K  101 ? 1_555 O6 ? B DG 7  ? B DG 7  ? 1_555 115.9 ? 
28 O6 ? B DG 6  ? B DG 6  ? 1_555 K  ? C K  . ? A K  101 ? 1_555 O6 ? B DG 7  ? B DG 7  ? 1_555 67.0  ? 
29 O6 ? A DG 1  ? A DG 1  ? 1_555 K  ? D K  . ? A K  102 ? 1_555 O6 ? A DG 7  ? A DG 7  ? 1_555 69.3  ? 
30 O6 ? A DG 1  ? A DG 1  ? 1_555 K  ? D K  . ? A K  102 ? 1_555 O6 ? A DG 9  ? A DG 9  ? 1_555 83.5  ? 
31 O6 ? A DG 7  ? A DG 7  ? 1_555 K  ? D K  . ? A K  102 ? 1_555 O6 ? A DG 9  ? A DG 9  ? 1_555 88.2  ? 
32 O6 ? A DG 1  ? A DG 1  ? 1_555 K  ? D K  . ? A K  102 ? 1_555 O6 ? A DG 12 ? A DG 12 ? 1_555 89.1  ? 
33 O6 ? A DG 7  ? A DG 7  ? 1_555 K  ? D K  . ? A K  102 ? 1_555 O6 ? A DG 12 ? A DG 12 ? 1_555 148.5 ? 
34 O6 ? A DG 9  ? A DG 9  ? 1_555 K  ? D K  . ? A K  102 ? 1_555 O6 ? A DG 12 ? A DG 12 ? 1_555 66.3  ? 
35 O6 ? A DG 1  ? A DG 1  ? 1_555 K  ? D K  . ? A K  102 ? 1_555 O6 ? B DG 1  ? B DG 1  ? 1_555 107.0 ? 
36 O6 ? A DG 7  ? A DG 7  ? 1_555 K  ? D K  . ? A K  102 ? 1_555 O6 ? B DG 1  ? B DG 1  ? 1_555 72.5  ? 
37 O6 ? A DG 9  ? A DG 9  ? 1_555 K  ? D K  . ? A K  102 ? 1_555 O6 ? B DG 1  ? B DG 1  ? 1_555 152.1 ? 
38 O6 ? A DG 12 ? A DG 12 ? 1_555 K  ? D K  . ? A K  102 ? 1_555 O6 ? B DG 1  ? B DG 1  ? 1_555 137.7 ? 
39 O6 ? A DG 1  ? A DG 1  ? 1_555 K  ? D K  . ? A K  102 ? 1_555 O6 ? B DG 7  ? B DG 7  ? 1_555 66.5  ? 
40 O6 ? A DG 7  ? A DG 7  ? 1_555 K  ? D K  . ? A K  102 ? 1_555 O6 ? B DG 7  ? B DG 7  ? 1_555 105.5 ? 
41 O6 ? A DG 9  ? A DG 9  ? 1_555 K  ? D K  . ? A K  102 ? 1_555 O6 ? B DG 7  ? B DG 7  ? 1_555 138.8 ? 
42 O6 ? A DG 12 ? A DG 12 ? 1_555 K  ? D K  . ? A K  102 ? 1_555 O6 ? B DG 7  ? B DG 7  ? 1_555 84.9  ? 
43 O6 ? B DG 1  ? B DG 1  ? 1_555 K  ? D K  . ? A K  102 ? 1_555 O6 ? B DG 7  ? B DG 7  ? 1_555 67.6  ? 
44 O6 ? A DG 1  ? A DG 1  ? 1_555 K  ? D K  . ? A K  102 ? 1_555 O6 ? B DG 9  ? B DG 9  ? 1_555 145.4 ? 
45 O6 ? A DG 7  ? A DG 7  ? 1_555 K  ? D K  . ? A K  102 ? 1_555 O6 ? B DG 9  ? B DG 9  ? 1_555 142.8 ? 
46 O6 ? A DG 9  ? A DG 9  ? 1_555 K  ? D K  . ? A K  102 ? 1_555 O6 ? B DG 9  ? B DG 9  ? 1_555 105.2 ? 
47 O6 ? A DG 12 ? A DG 12 ? 1_555 K  ? D K  . ? A K  102 ? 1_555 O6 ? B DG 9  ? B DG 9  ? 1_555 65.6  ? 
48 O6 ? B DG 1  ? B DG 1  ? 1_555 K  ? D K  . ? A K  102 ? 1_555 O6 ? B DG 9  ? B DG 9  ? 1_555 80.9  ? 
49 O6 ? B DG 7  ? B DG 7  ? 1_555 K  ? D K  . ? A K  102 ? 1_555 O6 ? B DG 9  ? B DG 9  ? 1_555 87.2  ? 
50 O6 ? A DG 1  ? A DG 1  ? 1_555 K  ? D K  . ? A K  102 ? 1_555 O6 ? B DG 12 ? B DG 12 ? 1_555 139.3 ? 
51 O6 ? A DG 7  ? A DG 7  ? 1_555 K  ? D K  . ? A K  102 ? 1_555 O6 ? B DG 12 ? B DG 12 ? 1_555 81.8  ? 
52 O6 ? A DG 9  ? A DG 9  ? 1_555 K  ? D K  . ? A K  102 ? 1_555 O6 ? B DG 12 ? B DG 12 ? 1_555 67.0  ? 
53 O6 ? A DG 12 ? A DG 12 ? 1_555 K  ? D K  . ? A K  102 ? 1_555 O6 ? B DG 12 ? B DG 12 ? 1_555 103.0 ? 
54 O6 ? B DG 1  ? B DG 1  ? 1_555 K  ? D K  . ? A K  102 ? 1_555 O6 ? B DG 12 ? B DG 12 ? 1_555 89.9  ? 
55 O6 ? B DG 7  ? B DG 7  ? 1_555 K  ? D K  . ? A K  102 ? 1_555 O6 ? B DG 12 ? B DG 12 ? 1_555 152.0 ? 
56 O6 ? B DG 9  ? B DG 9  ? 1_555 K  ? D K  . ? A K  102 ? 1_555 O6 ? B DG 12 ? B DG 12 ? 1_555 72.4  ? 
57 O6 ? A DG 9  ? A DG 9  ? 1_555 K  ? E K  . ? A K  103 ? 1_555 O6 ? A DG 10 ? A DG 10 ? 1_555 77.3  ? 
58 O6 ? A DG 9  ? A DG 9  ? 1_555 K  ? E K  . ? A K  103 ? 1_555 O6 ? A DG 12 ? A DG 12 ? 1_555 66.6  ? 
59 O6 ? A DG 10 ? A DG 10 ? 1_555 K  ? E K  . ? A K  103 ? 1_555 O6 ? A DG 12 ? A DG 12 ? 1_555 87.1  ? 
60 O6 ? A DG 9  ? A DG 9  ? 1_555 K  ? E K  . ? A K  103 ? 1_555 O6 ? A DG 13 ? A DG 13 ? 1_555 135.3 ? 
61 O6 ? A DG 10 ? A DG 10 ? 1_555 K  ? E K  . ? A K  103 ? 1_555 O6 ? A DG 13 ? A DG 13 ? 1_555 70.3  ? 
62 O6 ? A DG 12 ? A DG 12 ? 1_555 K  ? E K  . ? A K  103 ? 1_555 O6 ? A DG 13 ? A DG 13 ? 1_555 81.5  ? 
63 O6 ? A DG 9  ? A DG 9  ? 1_555 K  ? E K  . ? A K  103 ? 1_555 O6 ? B DG 9  ? B DG 9  ? 1_555 105.9 ? 
64 O6 ? A DG 10 ? A DG 10 ? 1_555 K  ? E K  . ? A K  103 ? 1_555 O6 ? B DG 9  ? B DG 9  ? 1_555 147.9 ? 
65 O6 ? A DG 12 ? A DG 12 ? 1_555 K  ? E K  . ? A K  103 ? 1_555 O6 ? B DG 9  ? B DG 9  ? 1_555 66.3  ? 
66 O6 ? A DG 13 ? A DG 13 ? 1_555 K  ? E K  . ? A K  103 ? 1_555 O6 ? B DG 9  ? B DG 9  ? 1_555 87.5  ? 
67 O6 ? A DG 9  ? A DG 9  ? 1_555 K  ? E K  . ? A K  103 ? 1_555 O6 ? B DG 10 ? B DG 10 ? 1_555 151.0 ? 
68 O6 ? A DG 10 ? A DG 10 ? 1_555 K  ? E K  . ? A K  103 ? 1_555 O6 ? B DG 10 ? B DG 10 ? 1_555 105.0 ? 
69 O6 ? A DG 12 ? A DG 12 ? 1_555 K  ? E K  . ? A K  103 ? 1_555 O6 ? B DG 10 ? B DG 10 ? 1_555 141.7 ? 
70 O6 ? A DG 13 ? A DG 13 ? 1_555 K  ? E K  . ? A K  103 ? 1_555 O6 ? B DG 10 ? B DG 10 ? 1_555 69.4  ? 
71 O6 ? B DG 9  ? B DG 9  ? 1_555 K  ? E K  . ? A K  103 ? 1_555 O6 ? B DG 10 ? B DG 10 ? 1_555 87.5  ? 
72 O6 ? A DG 9  ? A DG 9  ? 1_555 K  ? E K  . ? A K  103 ? 1_555 O6 ? B DG 12 ? B DG 12 ? 1_555 67.8  ? 
73 O6 ? A DG 10 ? A DG 10 ? 1_555 K  ? E K  . ? A K  103 ? 1_555 O6 ? B DG 12 ? B DG 12 ? 1_555 133.5 ? 
74 O6 ? A DG 12 ? A DG 12 ? 1_555 K  ? E K  . ? A K  103 ? 1_555 O6 ? B DG 12 ? B DG 12 ? 1_555 105.3 ? 
75 O6 ? A DG 13 ? A DG 13 ? 1_555 K  ? E K  . ? A K  103 ? 1_555 O6 ? B DG 12 ? B DG 12 ? 1_555 154.7 ? 
76 O6 ? B DG 9  ? B DG 9  ? 1_555 K  ? E K  . ? A K  103 ? 1_555 O6 ? B DG 12 ? B DG 12 ? 1_555 73.7  ? 
77 O6 ? B DG 10 ? B DG 10 ? 1_555 K  ? E K  . ? A K  103 ? 1_555 O6 ? B DG 12 ? B DG 12 ? 1_555 92.6  ? 
78 O6 ? A DG 9  ? A DG 9  ? 1_555 K  ? E K  . ? A K  103 ? 1_555 O6 ? B DG 13 ? B DG 13 ? 1_555 85.4  ? 
79 O6 ? A DG 10 ? A DG 10 ? 1_555 K  ? E K  . ? A K  103 ? 1_555 O6 ? B DG 13 ? B DG 13 ? 1_555 67.7  ? 
80 O6 ? A DG 12 ? A DG 12 ? 1_555 K  ? E K  . ? A K  103 ? 1_555 O6 ? B DG 13 ? B DG 13 ? 1_555 146.1 ? 
81 O6 ? A DG 13 ? A DG 13 ? 1_555 K  ? E K  . ? A K  103 ? 1_555 O6 ? B DG 13 ? B DG 13 ? 1_555 108.7 ? 
82 O6 ? B DG 9  ? B DG 9  ? 1_555 K  ? E K  . ? A K  103 ? 1_555 O6 ? B DG 13 ? B DG 13 ? 1_555 143.7 ? 
83 O6 ? B DG 10 ? B DG 10 ? 1_555 K  ? E K  . ? A K  103 ? 1_555 O6 ? B DG 13 ? B DG 13 ? 1_555 69.6  ? 
84 O6 ? B DG 12 ? B DG 12 ? 1_555 K  ? E K  . ? A K  103 ? 1_555 O6 ? B DG 13 ? B DG 13 ? 1_555 79.5  ? 
85 O6 ? A DG 10 ? A DG 10 ? 1_555 NA ? F NA . ? A NA 104 ? 1_555 O6 ? A DG 13 ? A DG 13 ? 1_555 66.3  ? 
86 O6 ? A DG 10 ? A DG 10 ? 1_555 NA ? F NA . ? A NA 104 ? 1_555 O6 ? B DG 10 ? B DG 10 ? 1_555 107.4 ? 
87 O6 ? A DG 13 ? A DG 13 ? 1_555 NA ? F NA . ? A NA 104 ? 1_555 O6 ? B DG 10 ? B DG 10 ? 1_555 69.2  ? 
88 O6 ? A DG 10 ? A DG 10 ? 1_555 NA ? F NA . ? A NA 104 ? 1_555 O6 ? B DG 13 ? B DG 13 ? 1_555 66.5  ? 
89 O6 ? A DG 13 ? A DG 13 ? 1_555 NA ? F NA . ? A NA 104 ? 1_555 O6 ? B DG 13 ? B DG 13 ? 1_555 103.9 ? 
90 O6 ? B DG 10 ? B DG 10 ? 1_555 NA ? F NA . ? A NA 104 ? 1_555 O6 ? B DG 13 ? B DG 13 ? 1_555 72.5  ? 
# 
loop_
_pdbx_audit_revision_history.ordinal 
_pdbx_audit_revision_history.data_content_type 
_pdbx_audit_revision_history.major_revision 
_pdbx_audit_revision_history.minor_revision 
_pdbx_audit_revision_history.revision_date 
1 'Structure model' 1 0 2020-02-26 
2 'Structure model' 1 1 2023-11-22 
# 
_pdbx_audit_revision_details.ordinal             1 
_pdbx_audit_revision_details.revision_ordinal    1 
_pdbx_audit_revision_details.data_content_type   'Structure model' 
_pdbx_audit_revision_details.provider            repository 
_pdbx_audit_revision_details.type                'Initial release' 
_pdbx_audit_revision_details.description         ? 
_pdbx_audit_revision_details.details             ? 
# 
loop_
_pdbx_audit_revision_group.ordinal 
_pdbx_audit_revision_group.revision_ordinal 
_pdbx_audit_revision_group.data_content_type 
_pdbx_audit_revision_group.group 
1 2 'Structure model' 'Data collection'        
2 2 'Structure model' 'Database references'    
3 2 'Structure model' 'Derived calculations'   
4 2 'Structure model' 'Refinement description' 
# 
loop_
_pdbx_audit_revision_category.ordinal 
_pdbx_audit_revision_category.revision_ordinal 
_pdbx_audit_revision_category.data_content_type 
_pdbx_audit_revision_category.category 
1 2 'Structure model' chem_comp_atom                
2 2 'Structure model' chem_comp_bond                
3 2 'Structure model' database_2                    
4 2 'Structure model' pdbx_initial_refinement_model 
5 2 'Structure model' struct_conn                   
# 
loop_
_pdbx_audit_revision_item.ordinal 
_pdbx_audit_revision_item.revision_ordinal 
_pdbx_audit_revision_item.data_content_type 
_pdbx_audit_revision_item.item 
1  2 'Structure model' '_database_2.pdbx_DOI'                
2  2 'Structure model' '_database_2.pdbx_database_accession' 
3  2 'Structure model' '_struct_conn.pdbx_dist_value'        
4  2 'Structure model' '_struct_conn.ptnr1_auth_asym_id'     
5  2 'Structure model' '_struct_conn.ptnr1_auth_comp_id'     
6  2 'Structure model' '_struct_conn.ptnr1_auth_seq_id'      
7  2 'Structure model' '_struct_conn.ptnr1_label_asym_id'    
8  2 'Structure model' '_struct_conn.ptnr1_label_atom_id'    
9  2 'Structure model' '_struct_conn.ptnr1_label_comp_id'    
10 2 'Structure model' '_struct_conn.ptnr1_label_seq_id'     
11 2 'Structure model' '_struct_conn.ptnr2_auth_asym_id'     
12 2 'Structure model' '_struct_conn.ptnr2_auth_comp_id'     
13 2 'Structure model' '_struct_conn.ptnr2_auth_seq_id'      
14 2 'Structure model' '_struct_conn.ptnr2_label_asym_id'    
15 2 'Structure model' '_struct_conn.ptnr2_label_atom_id'    
16 2 'Structure model' '_struct_conn.ptnr2_label_comp_id'    
17 2 'Structure model' '_struct_conn.ptnr2_label_seq_id'     
# 
_pdbx_refine_tls.pdbx_refine_id   'X-RAY DIFFRACTION' 
_pdbx_refine_tls.id               1 
_pdbx_refine_tls.details          ? 
_pdbx_refine_tls.method           refined 
_pdbx_refine_tls.origin_x         -0.0559 
_pdbx_refine_tls.origin_y         -0.0267 
_pdbx_refine_tls.origin_z         0.0144 
_pdbx_refine_tls.T[1][1]          0.4349 
_pdbx_refine_tls.T[2][2]          0.5606 
_pdbx_refine_tls.T[3][3]          0.5049 
_pdbx_refine_tls.T[1][2]          0.0081 
_pdbx_refine_tls.T[1][3]          -0.0620 
_pdbx_refine_tls.T[2][3]          -0.0362 
_pdbx_refine_tls.L[1][1]          3.3941 
_pdbx_refine_tls.L[2][2]          13.4934 
_pdbx_refine_tls.L[3][3]          3.3038 
_pdbx_refine_tls.L[1][2]          1.1075 
_pdbx_refine_tls.L[1][3]          2.4104 
_pdbx_refine_tls.L[2][3]          3.9136 
_pdbx_refine_tls.S[1][1]          -0.3826 
_pdbx_refine_tls.S[2][2]          -0.0519 
_pdbx_refine_tls.S[3][3]          -0.8320 
_pdbx_refine_tls.S[1][2]          -0.1063 
_pdbx_refine_tls.S[1][3]          -0.7466 
_pdbx_refine_tls.S[2][3]          -0.2387 
_pdbx_refine_tls.S[2][1]          0.3565 
_pdbx_refine_tls.S[3][1]          0.5405 
_pdbx_refine_tls.S[3][2]          0.5432 
# 
loop_
_pdbx_refine_tls_group.pdbx_refine_id 
_pdbx_refine_tls_group.id 
_pdbx_refine_tls_group.refine_tls_id 
_pdbx_refine_tls_group.beg_auth_asym_id 
_pdbx_refine_tls_group.beg_auth_seq_id 
_pdbx_refine_tls_group.end_auth_asym_id 
_pdbx_refine_tls_group.end_auth_seq_id 
_pdbx_refine_tls_group.selection_details 
_pdbx_refine_tls_group.beg_label_asym_id 
_pdbx_refine_tls_group.beg_label_seq_id 
_pdbx_refine_tls_group.end_label_asym_id 
_pdbx_refine_tls_group.end_label_seq_id 
_pdbx_refine_tls_group.selection 
'X-RAY DIFFRACTION' 1 1 A 1 A 14 all ? ? ? ? ? 
'X-RAY DIFFRACTION' 2 1 B 1 B 14 all ? ? ? ? ? 
'X-RAY DIFFRACTION' 3 1 C 1 C 3  all ? ? ? ? ? 
'X-RAY DIFFRACTION' 4 1 D 1 D 1  all ? ? ? ? ? 
'X-RAY DIFFRACTION' 5 1 S 1 S 2  all ? ? ? ? ? 
# 
loop_
_software.citation_id 
_software.classification 
_software.compiler_name 
_software.compiler_version 
_software.contact_author 
_software.contact_author_email 
_software.date 
_software.description 
_software.dependencies 
_software.hardware 
_software.language 
_software.location 
_software.mods 
_software.name 
_software.os 
_software.os_version 
_software.type 
_software.version 
_software.pdbx_ordinal 
? refinement        ? ? ? ? ? ? ? ? ? ? ? PHENIX      ? ? ? 1.13_2998 1 
? 'data extraction' ? ? ? ? ? ? ? ? ? ? ? PDB_EXTRACT ? ? ? 3.24      2 
? 'data reduction'  ? ? ? ? ? ? ? ? ? ? ? XDS         ? ? ? .         3 
? 'data scaling'    ? ? ? ? ? ? ? ? ? ? ? Aimless     ? ? ? .         4 
? phasing           ? ? ? ? ? ? ? ? ? ? ? PHASER      ? ? ? .         5 
# 
_pdbx_validate_rmsd_bond.id                        1 
_pdbx_validate_rmsd_bond.PDB_model_num             1 
_pdbx_validate_rmsd_bond.auth_atom_id_1            "O3'" 
_pdbx_validate_rmsd_bond.auth_asym_id_1            A 
_pdbx_validate_rmsd_bond.auth_comp_id_1            DC 
_pdbx_validate_rmsd_bond.auth_seq_id_1             11 
_pdbx_validate_rmsd_bond.PDB_ins_code_1            ? 
_pdbx_validate_rmsd_bond.label_alt_id_1            ? 
_pdbx_validate_rmsd_bond.auth_atom_id_2            "C3'" 
_pdbx_validate_rmsd_bond.auth_asym_id_2            A 
_pdbx_validate_rmsd_bond.auth_comp_id_2            DC 
_pdbx_validate_rmsd_bond.auth_seq_id_2             11 
_pdbx_validate_rmsd_bond.PDB_ins_code_2            ? 
_pdbx_validate_rmsd_bond.label_alt_id_2            ? 
_pdbx_validate_rmsd_bond.bond_value                1.360 
_pdbx_validate_rmsd_bond.bond_target_value         1.419 
_pdbx_validate_rmsd_bond.bond_deviation            -0.059 
_pdbx_validate_rmsd_bond.bond_standard_deviation   0.006 
_pdbx_validate_rmsd_bond.linker_flag               N 
# 
loop_
_pdbx_validate_rmsd_angle.id 
_pdbx_validate_rmsd_angle.PDB_model_num 
_pdbx_validate_rmsd_angle.auth_atom_id_1 
_pdbx_validate_rmsd_angle.auth_asym_id_1 
_pdbx_validate_rmsd_angle.auth_comp_id_1 
_pdbx_validate_rmsd_angle.auth_seq_id_1 
_pdbx_validate_rmsd_angle.PDB_ins_code_1 
_pdbx_validate_rmsd_angle.label_alt_id_1 
_pdbx_validate_rmsd_angle.auth_atom_id_2 
_pdbx_validate_rmsd_angle.auth_asym_id_2 
_pdbx_validate_rmsd_angle.auth_comp_id_2 
_pdbx_validate_rmsd_angle.auth_seq_id_2 
_pdbx_validate_rmsd_angle.PDB_ins_code_2 
_pdbx_validate_rmsd_angle.label_alt_id_2 
_pdbx_validate_rmsd_angle.auth_atom_id_3 
_pdbx_validate_rmsd_angle.auth_asym_id_3 
_pdbx_validate_rmsd_angle.auth_comp_id_3 
_pdbx_validate_rmsd_angle.auth_seq_id_3 
_pdbx_validate_rmsd_angle.PDB_ins_code_3 
_pdbx_validate_rmsd_angle.label_alt_id_3 
_pdbx_validate_rmsd_angle.angle_value 
_pdbx_validate_rmsd_angle.angle_target_value 
_pdbx_validate_rmsd_angle.angle_deviation 
_pdbx_validate_rmsd_angle.angle_standard_deviation 
_pdbx_validate_rmsd_angle.linker_flag 
1 1 "O4'" A DT 4  ? ? "C1'" A DT 4  ? ? N1 A DT 4  ? ? 110.14 108.30 1.84 0.30 N 
2 1 "O4'" A DG 7  ? ? "C1'" A DG 7  ? ? N9 A DG 7  ? ? 110.32 108.30 2.02 0.30 N 
3 1 "O4'" B DG 7  ? ? "C1'" B DG 7  ? ? N9 B DG 7  ? ? 111.85 108.30 3.55 0.30 N 
4 1 "O4'" B DC 11 ? ? "C1'" B DC 11 ? ? N1 B DC 11 ? ? 110.47 108.30 2.17 0.30 N 
# 
loop_
_chem_comp_atom.comp_id 
_chem_comp_atom.atom_id 
_chem_comp_atom.type_symbol 
_chem_comp_atom.pdbx_aromatic_flag 
_chem_comp_atom.pdbx_stereo_config 
_chem_comp_atom.pdbx_ordinal 
DA  OP3    O  N N 1   
DA  P      P  N N 2   
DA  OP1    O  N N 3   
DA  OP2    O  N N 4   
DA  "O5'"  O  N N 5   
DA  "C5'"  C  N N 6   
DA  "C4'"  C  N R 7   
DA  "O4'"  O  N N 8   
DA  "C3'"  C  N S 9   
DA  "O3'"  O  N N 10  
DA  "C2'"  C  N N 11  
DA  "C1'"  C  N R 12  
DA  N9     N  Y N 13  
DA  C8     C  Y N 14  
DA  N7     N  Y N 15  
DA  C5     C  Y N 16  
DA  C6     C  Y N 17  
DA  N6     N  N N 18  
DA  N1     N  Y N 19  
DA  C2     C  Y N 20  
DA  N3     N  Y N 21  
DA  C4     C  Y N 22  
DA  HOP3   H  N N 23  
DA  HOP2   H  N N 24  
DA  "H5'"  H  N N 25  
DA  "H5''" H  N N 26  
DA  "H4'"  H  N N 27  
DA  "H3'"  H  N N 28  
DA  "HO3'" H  N N 29  
DA  "H2'"  H  N N 30  
DA  "H2''" H  N N 31  
DA  "H1'"  H  N N 32  
DA  H8     H  N N 33  
DA  H61    H  N N 34  
DA  H62    H  N N 35  
DA  H2     H  N N 36  
DC  OP3    O  N N 37  
DC  P      P  N N 38  
DC  OP1    O  N N 39  
DC  OP2    O  N N 40  
DC  "O5'"  O  N N 41  
DC  "C5'"  C  N N 42  
DC  "C4'"  C  N R 43  
DC  "O4'"  O  N N 44  
DC  "C3'"  C  N S 45  
DC  "O3'"  O  N N 46  
DC  "C2'"  C  N N 47  
DC  "C1'"  C  N R 48  
DC  N1     N  N N 49  
DC  C2     C  N N 50  
DC  O2     O  N N 51  
DC  N3     N  N N 52  
DC  C4     C  N N 53  
DC  N4     N  N N 54  
DC  C5     C  N N 55  
DC  C6     C  N N 56  
DC  HOP3   H  N N 57  
DC  HOP2   H  N N 58  
DC  "H5'"  H  N N 59  
DC  "H5''" H  N N 60  
DC  "H4'"  H  N N 61  
DC  "H3'"  H  N N 62  
DC  "HO3'" H  N N 63  
DC  "H2'"  H  N N 64  
DC  "H2''" H  N N 65  
DC  "H1'"  H  N N 66  
DC  H41    H  N N 67  
DC  H42    H  N N 68  
DC  H5     H  N N 69  
DC  H6     H  N N 70  
DG  OP3    O  N N 71  
DG  P      P  N N 72  
DG  OP1    O  N N 73  
DG  OP2    O  N N 74  
DG  "O5'"  O  N N 75  
DG  "C5'"  C  N N 76  
DG  "C4'"  C  N R 77  
DG  "O4'"  O  N N 78  
DG  "C3'"  C  N S 79  
DG  "O3'"  O  N N 80  
DG  "C2'"  C  N N 81  
DG  "C1'"  C  N R 82  
DG  N9     N  Y N 83  
DG  C8     C  Y N 84  
DG  N7     N  Y N 85  
DG  C5     C  Y N 86  
DG  C6     C  N N 87  
DG  O6     O  N N 88  
DG  N1     N  N N 89  
DG  C2     C  N N 90  
DG  N2     N  N N 91  
DG  N3     N  N N 92  
DG  C4     C  Y N 93  
DG  HOP3   H  N N 94  
DG  HOP2   H  N N 95  
DG  "H5'"  H  N N 96  
DG  "H5''" H  N N 97  
DG  "H4'"  H  N N 98  
DG  "H3'"  H  N N 99  
DG  "HO3'" H  N N 100 
DG  "H2'"  H  N N 101 
DG  "H2''" H  N N 102 
DG  "H1'"  H  N N 103 
DG  H8     H  N N 104 
DG  H1     H  N N 105 
DG  H21    H  N N 106 
DG  H22    H  N N 107 
DT  OP3    O  N N 108 
DT  P      P  N N 109 
DT  OP1    O  N N 110 
DT  OP2    O  N N 111 
DT  "O5'"  O  N N 112 
DT  "C5'"  C  N N 113 
DT  "C4'"  C  N R 114 
DT  "O4'"  O  N N 115 
DT  "C3'"  C  N S 116 
DT  "O3'"  O  N N 117 
DT  "C2'"  C  N N 118 
DT  "C1'"  C  N R 119 
DT  N1     N  N N 120 
DT  C2     C  N N 121 
DT  O2     O  N N 122 
DT  N3     N  N N 123 
DT  C4     C  N N 124 
DT  O4     O  N N 125 
DT  C5     C  N N 126 
DT  C7     C  N N 127 
DT  C6     C  N N 128 
DT  HOP3   H  N N 129 
DT  HOP2   H  N N 130 
DT  "H5'"  H  N N 131 
DT  "H5''" H  N N 132 
DT  "H4'"  H  N N 133 
DT  "H3'"  H  N N 134 
DT  "HO3'" H  N N 135 
DT  "H2'"  H  N N 136 
DT  "H2''" H  N N 137 
DT  "H1'"  H  N N 138 
DT  H3     H  N N 139 
DT  H71    H  N N 140 
DT  H72    H  N N 141 
DT  H73    H  N N 142 
DT  H6     H  N N 143 
HOH O      O  N N 144 
HOH H1     H  N N 145 
HOH H2     H  N N 146 
K   K      K  N N 147 
NA  NA     NA N N 148 
# 
loop_
_chem_comp_bond.comp_id 
_chem_comp_bond.atom_id_1 
_chem_comp_bond.atom_id_2 
_chem_comp_bond.value_order 
_chem_comp_bond.pdbx_aromatic_flag 
_chem_comp_bond.pdbx_stereo_config 
_chem_comp_bond.pdbx_ordinal 
DA  OP3   P      sing N N 1   
DA  OP3   HOP3   sing N N 2   
DA  P     OP1    doub N N 3   
DA  P     OP2    sing N N 4   
DA  P     "O5'"  sing N N 5   
DA  OP2   HOP2   sing N N 6   
DA  "O5'" "C5'"  sing N N 7   
DA  "C5'" "C4'"  sing N N 8   
DA  "C5'" "H5'"  sing N N 9   
DA  "C5'" "H5''" sing N N 10  
DA  "C4'" "O4'"  sing N N 11  
DA  "C4'" "C3'"  sing N N 12  
DA  "C4'" "H4'"  sing N N 13  
DA  "O4'" "C1'"  sing N N 14  
DA  "C3'" "O3'"  sing N N 15  
DA  "C3'" "C2'"  sing N N 16  
DA  "C3'" "H3'"  sing N N 17  
DA  "O3'" "HO3'" sing N N 18  
DA  "C2'" "C1'"  sing N N 19  
DA  "C2'" "H2'"  sing N N 20  
DA  "C2'" "H2''" sing N N 21  
DA  "C1'" N9     sing N N 22  
DA  "C1'" "H1'"  sing N N 23  
DA  N9    C8     sing Y N 24  
DA  N9    C4     sing Y N 25  
DA  C8    N7     doub Y N 26  
DA  C8    H8     sing N N 27  
DA  N7    C5     sing Y N 28  
DA  C5    C6     sing Y N 29  
DA  C5    C4     doub Y N 30  
DA  C6    N6     sing N N 31  
DA  C6    N1     doub Y N 32  
DA  N6    H61    sing N N 33  
DA  N6    H62    sing N N 34  
DA  N1    C2     sing Y N 35  
DA  C2    N3     doub Y N 36  
DA  C2    H2     sing N N 37  
DA  N3    C4     sing Y N 38  
DC  OP3   P      sing N N 39  
DC  OP3   HOP3   sing N N 40  
DC  P     OP1    doub N N 41  
DC  P     OP2    sing N N 42  
DC  P     "O5'"  sing N N 43  
DC  OP2   HOP2   sing N N 44  
DC  "O5'" "C5'"  sing N N 45  
DC  "C5'" "C4'"  sing N N 46  
DC  "C5'" "H5'"  sing N N 47  
DC  "C5'" "H5''" sing N N 48  
DC  "C4'" "O4'"  sing N N 49  
DC  "C4'" "C3'"  sing N N 50  
DC  "C4'" "H4'"  sing N N 51  
DC  "O4'" "C1'"  sing N N 52  
DC  "C3'" "O3'"  sing N N 53  
DC  "C3'" "C2'"  sing N N 54  
DC  "C3'" "H3'"  sing N N 55  
DC  "O3'" "HO3'" sing N N 56  
DC  "C2'" "C1'"  sing N N 57  
DC  "C2'" "H2'"  sing N N 58  
DC  "C2'" "H2''" sing N N 59  
DC  "C1'" N1     sing N N 60  
DC  "C1'" "H1'"  sing N N 61  
DC  N1    C2     sing N N 62  
DC  N1    C6     sing N N 63  
DC  C2    O2     doub N N 64  
DC  C2    N3     sing N N 65  
DC  N3    C4     doub N N 66  
DC  C4    N4     sing N N 67  
DC  C4    C5     sing N N 68  
DC  N4    H41    sing N N 69  
DC  N4    H42    sing N N 70  
DC  C5    C6     doub N N 71  
DC  C5    H5     sing N N 72  
DC  C6    H6     sing N N 73  
DG  OP3   P      sing N N 74  
DG  OP3   HOP3   sing N N 75  
DG  P     OP1    doub N N 76  
DG  P     OP2    sing N N 77  
DG  P     "O5'"  sing N N 78  
DG  OP2   HOP2   sing N N 79  
DG  "O5'" "C5'"  sing N N 80  
DG  "C5'" "C4'"  sing N N 81  
DG  "C5'" "H5'"  sing N N 82  
DG  "C5'" "H5''" sing N N 83  
DG  "C4'" "O4'"  sing N N 84  
DG  "C4'" "C3'"  sing N N 85  
DG  "C4'" "H4'"  sing N N 86  
DG  "O4'" "C1'"  sing N N 87  
DG  "C3'" "O3'"  sing N N 88  
DG  "C3'" "C2'"  sing N N 89  
DG  "C3'" "H3'"  sing N N 90  
DG  "O3'" "HO3'" sing N N 91  
DG  "C2'" "C1'"  sing N N 92  
DG  "C2'" "H2'"  sing N N 93  
DG  "C2'" "H2''" sing N N 94  
DG  "C1'" N9     sing N N 95  
DG  "C1'" "H1'"  sing N N 96  
DG  N9    C8     sing Y N 97  
DG  N9    C4     sing Y N 98  
DG  C8    N7     doub Y N 99  
DG  C8    H8     sing N N 100 
DG  N7    C5     sing Y N 101 
DG  C5    C6     sing N N 102 
DG  C5    C4     doub Y N 103 
DG  C6    O6     doub N N 104 
DG  C6    N1     sing N N 105 
DG  N1    C2     sing N N 106 
DG  N1    H1     sing N N 107 
DG  C2    N2     sing N N 108 
DG  C2    N3     doub N N 109 
DG  N2    H21    sing N N 110 
DG  N2    H22    sing N N 111 
DG  N3    C4     sing N N 112 
DT  OP3   P      sing N N 113 
DT  OP3   HOP3   sing N N 114 
DT  P     OP1    doub N N 115 
DT  P     OP2    sing N N 116 
DT  P     "O5'"  sing N N 117 
DT  OP2   HOP2   sing N N 118 
DT  "O5'" "C5'"  sing N N 119 
DT  "C5'" "C4'"  sing N N 120 
DT  "C5'" "H5'"  sing N N 121 
DT  "C5'" "H5''" sing N N 122 
DT  "C4'" "O4'"  sing N N 123 
DT  "C4'" "C3'"  sing N N 124 
DT  "C4'" "H4'"  sing N N 125 
DT  "O4'" "C1'"  sing N N 126 
DT  "C3'" "O3'"  sing N N 127 
DT  "C3'" "C2'"  sing N N 128 
DT  "C3'" "H3'"  sing N N 129 
DT  "O3'" "HO3'" sing N N 130 
DT  "C2'" "C1'"  sing N N 131 
DT  "C2'" "H2'"  sing N N 132 
DT  "C2'" "H2''" sing N N 133 
DT  "C1'" N1     sing N N 134 
DT  "C1'" "H1'"  sing N N 135 
DT  N1    C2     sing N N 136 
DT  N1    C6     sing N N 137 
DT  C2    O2     doub N N 138 
DT  C2    N3     sing N N 139 
DT  N3    C4     sing N N 140 
DT  N3    H3     sing N N 141 
DT  C4    O4     doub N N 142 
DT  C4    C5     sing N N 143 
DT  C5    C7     sing N N 144 
DT  C5    C6     doub N N 145 
DT  C7    H71    sing N N 146 
DT  C7    H72    sing N N 147 
DT  C7    H73    sing N N 148 
DT  C6    H6     sing N N 149 
HOH O     H1     sing N N 150 
HOH O     H2     sing N N 151 
# 
loop_
_ndb_struct_conf_na.entry_id 
_ndb_struct_conf_na.feature 
6JJG 'double helix'     
6JJG 'parallel strands' 
6JJG 'hairpin loop'     
# 
loop_
_ndb_struct_na_base_pair.model_number 
_ndb_struct_na_base_pair.i_label_asym_id 
_ndb_struct_na_base_pair.i_label_comp_id 
_ndb_struct_na_base_pair.i_label_seq_id 
_ndb_struct_na_base_pair.i_symmetry 
_ndb_struct_na_base_pair.j_label_asym_id 
_ndb_struct_na_base_pair.j_label_comp_id 
_ndb_struct_na_base_pair.j_label_seq_id 
_ndb_struct_na_base_pair.j_symmetry 
_ndb_struct_na_base_pair.shear 
_ndb_struct_na_base_pair.stretch 
_ndb_struct_na_base_pair.stagger 
_ndb_struct_na_base_pair.buckle 
_ndb_struct_na_base_pair.propeller 
_ndb_struct_na_base_pair.opening 
_ndb_struct_na_base_pair.pair_number 
_ndb_struct_na_base_pair.pair_name 
_ndb_struct_na_base_pair.i_auth_asym_id 
_ndb_struct_na_base_pair.i_auth_seq_id 
_ndb_struct_na_base_pair.i_PDB_ins_code 
_ndb_struct_na_base_pair.j_auth_asym_id 
_ndb_struct_na_base_pair.j_auth_seq_id 
_ndb_struct_na_base_pair.j_PDB_ins_code 
_ndb_struct_na_base_pair.hbond_type_28 
_ndb_struct_na_base_pair.hbond_type_12 
1 B DG 13 1_555 A DG 10 1_555 1.505  3.544  -0.013 0.285  3.487  -90.451 1 B_DG13:DG10_A B 13 ? A 10 ? 6 3 
1 A DG 9  1_555 B DG 12 1_555 -1.540 -3.523 -0.004 0.643  -1.683 90.529  2 A_DG9:DG12_B  A 9  ? B 12 ? 6 3 
1 A DG 12 1_555 B DG 9  1_555 1.548  3.288  -0.065 -1.012 2.084  -88.823 3 A_DG12:DG9_B  A 12 ? B 9  ? 6 3 
1 A DG 13 1_555 B DG 10 1_555 1.508  3.674  -0.301 -1.809 10.998 -88.931 4 A_DG13:DG10_B A 13 ? B 10 ? 6 3 
1 B DG 2  1_555 B DG 6  1_555 1.654  3.437  -0.020 7.158  -7.717 -86.625 5 B_DG2:DG6_B   B 2  ? B 6  ? 6 3 
1 A DG 1  1_555 B DG 7  1_555 1.308  3.537  0.113  1.028  -0.123 -88.002 6 A_DG1:DG7_B   A 1  ? B 7  ? 6 3 
1 A DG 7  1_555 B DG 1  1_555 -1.643 -3.509 -0.179 1.819  0.463  90.135  7 A_DG7:DG1_B   A 7  ? B 1  ? 6 3 
# 
loop_
_ndb_struct_na_base_pair_step.model_number 
_ndb_struct_na_base_pair_step.i_label_asym_id_1 
_ndb_struct_na_base_pair_step.i_label_comp_id_1 
_ndb_struct_na_base_pair_step.i_label_seq_id_1 
_ndb_struct_na_base_pair_step.i_symmetry_1 
_ndb_struct_na_base_pair_step.j_label_asym_id_1 
_ndb_struct_na_base_pair_step.j_label_comp_id_1 
_ndb_struct_na_base_pair_step.j_label_seq_id_1 
_ndb_struct_na_base_pair_step.j_symmetry_1 
_ndb_struct_na_base_pair_step.i_label_asym_id_2 
_ndb_struct_na_base_pair_step.i_label_comp_id_2 
_ndb_struct_na_base_pair_step.i_label_seq_id_2 
_ndb_struct_na_base_pair_step.i_symmetry_2 
_ndb_struct_na_base_pair_step.j_label_asym_id_2 
_ndb_struct_na_base_pair_step.j_label_comp_id_2 
_ndb_struct_na_base_pair_step.j_label_seq_id_2 
_ndb_struct_na_base_pair_step.j_symmetry_2 
_ndb_struct_na_base_pair_step.shift 
_ndb_struct_na_base_pair_step.slide 
_ndb_struct_na_base_pair_step.rise 
_ndb_struct_na_base_pair_step.tilt 
_ndb_struct_na_base_pair_step.roll 
_ndb_struct_na_base_pair_step.twist 
_ndb_struct_na_base_pair_step.x_displacement 
_ndb_struct_na_base_pair_step.y_displacement 
_ndb_struct_na_base_pair_step.helical_rise 
_ndb_struct_na_base_pair_step.inclination 
_ndb_struct_na_base_pair_step.tip 
_ndb_struct_na_base_pair_step.helical_twist 
_ndb_struct_na_base_pair_step.step_number 
_ndb_struct_na_base_pair_step.step_name 
_ndb_struct_na_base_pair_step.i_auth_asym_id_1 
_ndb_struct_na_base_pair_step.i_auth_seq_id_1 
_ndb_struct_na_base_pair_step.i_PDB_ins_code_1 
_ndb_struct_na_base_pair_step.j_auth_asym_id_1 
_ndb_struct_na_base_pair_step.j_auth_seq_id_1 
_ndb_struct_na_base_pair_step.j_PDB_ins_code_1 
_ndb_struct_na_base_pair_step.i_auth_asym_id_2 
_ndb_struct_na_base_pair_step.i_auth_seq_id_2 
_ndb_struct_na_base_pair_step.i_PDB_ins_code_2 
_ndb_struct_na_base_pair_step.j_auth_asym_id_2 
_ndb_struct_na_base_pair_step.j_auth_seq_id_2 
_ndb_struct_na_base_pair_step.j_PDB_ins_code_2 
1 B DG 13 1_555 A DG 10 1_555 A DG 9  1_555 B DG 12 1_555 0.340  1.148  -3.354 0.252   3.339   -35.700  -1.366 0.515 -3.446 -5.431 
0.410   -35.852  1 BA_DG13DG9:DG12DG10_BA B 13 ? A 10 ? A 9  ? B 12 ? 
1 A DG 9  1_555 B DG 12 1_555 A DG 12 1_555 B DG 9  1_555 -1.608 -3.589 -0.010 4.299   -0.642  178.528  -1.795 0.804 -0.010 -0.321 
-2.150  178.529  2 AA_DG9DG12:DG9DG12_BB  A 9  ? B 12 ? A 12 ? B 9  ? 
1 B DG 2  1_555 B DG 6  1_555 A DG 1  1_555 B DG 7  1_555 -1.515 -2.807 0.157  168.254 -43.388 148.120  -1.402 0.764 -0.059 
-21.724 -84.243 178.287  3 BA_DG2DG1:DG7DG6_BB    B 2  ? B 6  ? A 1  ? B 7  ? 
1 A DG 1  1_555 B DG 7  1_555 A DG 7  1_555 B DG 1  1_555 1.417  3.558  0.034  4.018   -1.296  -178.079 -1.779 0.709 0.034  0.648 
2.009   -178.080 4 AA_DG1DG7:DG1DG7_BB    A 1  ? B 7  ? A 7  ? B 1  ? 
# 
_pdbx_audit_support.funding_organization   'National Natural Science Foundation of China' 
_pdbx_audit_support.country                China 
_pdbx_audit_support.grant_number           31672558 
_pdbx_audit_support.ordinal                1 
# 
loop_
_pdbx_entity_instance_feature.ordinal 
_pdbx_entity_instance_feature.comp_id 
_pdbx_entity_instance_feature.asym_id 
_pdbx_entity_instance_feature.seq_num 
_pdbx_entity_instance_feature.auth_comp_id 
_pdbx_entity_instance_feature.auth_asym_id 
_pdbx_entity_instance_feature.auth_seq_num 
_pdbx_entity_instance_feature.feature_type 
_pdbx_entity_instance_feature.details 
1 K  ? ? K  ? ? 'SUBJECT OF INVESTIGATION' ? 
2 NA ? ? NA ? ? 'SUBJECT OF INVESTIGATION' ? 
# 
loop_
_pdbx_entity_nonpoly.entity_id 
_pdbx_entity_nonpoly.name 
_pdbx_entity_nonpoly.comp_id 
2 'POTASSIUM ION' K   
3 'SODIUM ION'    NA  
4 water           HOH 
# 
_pdbx_initial_refinement_model.id               1 
_pdbx_initial_refinement_model.entity_id_list   ? 
_pdbx_initial_refinement_model.type             'experimental model' 
_pdbx_initial_refinement_model.source_name      PDB 
_pdbx_initial_refinement_model.accession_code   6JJE 
_pdbx_initial_refinement_model.details          ? 
# 
_pdbx_struct_assembly_auth_evidence.id                     1 
_pdbx_struct_assembly_auth_evidence.assembly_id            1 
_pdbx_struct_assembly_auth_evidence.experimental_support   'native gel electrophoresis' 
_pdbx_struct_assembly_auth_evidence.details                dimer 
# 
